data_3D9E
#
_entry.id   3D9E
#
_cell.length_a   107.996
_cell.length_b   107.996
_cell.length_c   338.576
_cell.angle_alpha   90.000
_cell.angle_beta   90.000
_cell.angle_gamma   120.000
#
_symmetry.space_group_name_H-M   'P 32 2 1'
#
loop_
_entity.id
_entity.type
_entity.pdbx_description
1 polymer 'Nitroalkane oxidase'
2 non-polymer 'FLAVIN-ADENINE DINUCLEOTIDE'
3 non-polymer 1-nitrooctane
4 non-polymer GLYCEROL
5 water water
#
_entity_poly.entity_id   1
_entity_poly.type   'polypeptide(L)'
_entity_poly.pdbx_seq_one_letter_code
;VDFKLSPSQLEARRHAQAFANTVLTKASAEYSTQKDQLSRFQATRPFYREAVRHGLIKAQVPIPLGGTMESLVHESIILE
ELFAVEPATSITIVATALGLMPVILCDSPSLQEKFLKPFISGEGEPLASLMHSEPNGTANWLQKGGPGLQTTARKVGNEW
VISGEKLWPSNSGGWDYKGADLACVVCRVSDDPSKPQDPNVDPATQIAVLLVTRETIANNKKDAYQILGEPELAGHITTS
GPHTRFTEFHVPHENLLCTPGLKAQGLVETAFAMSAALVGAMAIGTARAAFEEALVFAKSDTRGGSKHIIEHQSVADKLI
DCKIRLETSRLLVWKAVTTLEDEALEWKVKLEMAMQTKIYTTDVAVECVIDAMKAVGMKSYAKDMSFPRLLNEVMCYPLF
NGGNIGLRRRQMQRVMALEDYEPWAATYGSSKVDKSRL
;
_entity_poly.pdbx_strand_id   A,B,C,D
#
loop_
_chem_comp.id
_chem_comp.type
_chem_comp.name
_chem_comp.formula
FAD non-polymer 'FLAVIN-ADENINE DINUCLEOTIDE' 'C27 H33 N9 O15 P2'
GOL non-polymer GLYCEROL 'C3 H8 O3'
N8C non-polymer 1-nitrooctane 'C8 H17 N O2'
#
# COMPACT_ATOMS: atom_id res chain seq x y z
N VAL A 1 -22.35 -20.32 -13.76
CA VAL A 1 -21.41 -19.19 -14.02
C VAL A 1 -20.32 -19.66 -14.98
N ASP A 2 -19.97 -18.79 -15.92
CA ASP A 2 -19.20 -19.19 -17.08
C ASP A 2 -18.23 -18.10 -17.55
N PHE A 3 -17.01 -18.51 -17.87
CA PHE A 3 -15.98 -17.58 -18.32
C PHE A 3 -15.50 -17.83 -19.74
N LYS A 4 -16.00 -18.88 -20.39
CA LYS A 4 -15.59 -19.24 -21.76
C LYS A 4 -16.02 -18.19 -22.76
N LEU A 5 -15.18 -17.94 -23.75
CA LEU A 5 -15.46 -16.97 -24.81
C LEU A 5 -16.02 -17.68 -26.04
N SER A 6 -17.01 -17.05 -26.66
CA SER A 6 -17.61 -17.53 -27.90
C SER A 6 -16.67 -17.27 -29.08
N PRO A 7 -16.85 -18.01 -30.20
CA PRO A 7 -16.14 -17.70 -31.45
C PRO A 7 -16.12 -16.22 -31.85
N SER A 8 -17.25 -15.51 -31.68
CA SER A 8 -17.28 -14.12 -32.14
C SER A 8 -16.48 -13.21 -31.21
N GLN A 9 -16.42 -13.57 -29.93
CA GLN A 9 -15.61 -12.85 -28.95
C GLN A 9 -14.13 -13.06 -29.25
N LEU A 10 -13.74 -14.32 -29.45
CA LEU A 10 -12.41 -14.65 -29.92
C LEU A 10 -12.04 -14.00 -31.28
N GLU A 11 -12.99 -13.91 -32.21
CA GLU A 11 -12.79 -13.19 -33.49
C GLU A 11 -12.69 -11.69 -33.29
N ALA A 12 -13.50 -11.15 -32.38
CA ALA A 12 -13.42 -9.74 -32.08
C ALA A 12 -12.00 -9.42 -31.61
N ARG A 13 -11.45 -10.28 -30.76
CA ARG A 13 -10.09 -10.14 -30.26
C ARG A 13 -9.05 -10.18 -31.38
N ARG A 14 -9.10 -11.25 -32.20
CA ARG A 14 -8.22 -11.43 -33.34
C ARG A 14 -8.26 -10.20 -34.26
N HIS A 15 -9.47 -9.75 -34.58
CA HIS A 15 -9.64 -8.57 -35.42
C HIS A 15 -9.02 -7.31 -34.82
N ALA A 16 -9.20 -7.10 -33.52
CA ALA A 16 -8.66 -5.90 -32.88
C ALA A 16 -7.14 -5.95 -32.83
N GLN A 17 -6.56 -7.12 -32.56
CA GLN A 17 -5.10 -7.29 -32.53
C GLN A 17 -4.51 -7.01 -33.90
N ALA A 18 -5.09 -7.65 -34.93
CA ALA A 18 -4.67 -7.46 -36.32
C ALA A 18 -4.67 -6.00 -36.68
N PHE A 19 -5.75 -5.29 -36.38
CA PHE A 19 -5.81 -3.85 -36.64
C PHE A 19 -4.74 -3.07 -35.87
N ALA A 20 -4.59 -3.38 -34.58
CA ALA A 20 -3.59 -2.74 -33.74
C ALA A 20 -2.18 -2.92 -34.30
N ASN A 21 -1.84 -4.16 -34.64
CA ASN A 21 -0.51 -4.52 -35.08
C ASN A 21 -0.12 -4.07 -36.48
N THR A 22 -1.09 -4.08 -37.40
CA THR A 22 -0.81 -3.73 -38.78
C THR A 22 -1.09 -2.27 -39.12
N VAL A 23 -2.02 -1.64 -38.42
CA VAL A 23 -2.35 -0.24 -38.72
C VAL A 23 -1.80 0.72 -37.68
N LEU A 24 -2.07 0.42 -36.41
CA LEU A 24 -1.81 1.34 -35.31
C LEU A 24 -0.33 1.48 -34.97
N THR A 25 0.42 0.39 -35.11
CA THR A 25 1.87 0.44 -34.92
C THR A 25 2.56 1.43 -35.87
N LYS A 26 1.87 1.84 -36.93
CA LYS A 26 2.41 2.79 -37.91
C LYS A 26 2.20 4.26 -37.57
N ALA A 27 1.34 4.54 -36.58
CA ALA A 27 0.94 5.92 -36.22
C ALA A 27 2.04 6.77 -35.62
N SER A 28 2.94 6.13 -34.89
CA SER A 28 4.04 6.80 -34.20
C SER A 28 4.94 7.59 -35.16
N ALA A 29 5.28 6.97 -36.28
CA ALA A 29 6.13 7.60 -37.30
C ALA A 29 5.56 8.94 -37.77
N GLU A 30 4.25 9.08 -37.68
CA GLU A 30 3.54 10.24 -38.21
C GLU A 30 3.28 11.34 -37.18
N TYR A 31 2.81 10.98 -35.99
CA TYR A 31 2.56 12.02 -34.98
C TYR A 31 3.81 12.44 -34.23
N SER A 32 4.81 11.57 -34.16
CA SER A 32 6.05 11.85 -33.41
C SER A 32 6.79 13.10 -33.82
N THR A 33 6.56 13.54 -35.06
CA THR A 33 7.30 14.67 -35.64
C THR A 33 6.51 15.98 -35.58
N GLN A 34 5.26 15.92 -35.13
CA GLN A 34 4.45 17.13 -35.04
C GLN A 34 4.81 17.91 -33.78
N LYS A 35 4.50 19.20 -33.80
CA LYS A 35 5.00 20.16 -32.81
C LYS A 35 4.09 20.39 -31.59
N ASP A 36 2.78 20.17 -31.76
CA ASP A 36 1.81 20.40 -30.67
C ASP A 36 0.69 19.35 -30.64
N GLN A 37 -0.18 19.43 -29.63
CA GLN A 37 -1.29 18.47 -29.47
C GLN A 37 -2.12 18.35 -30.73
N LEU A 38 -2.62 19.49 -31.23
CA LEU A 38 -3.52 19.50 -32.39
C LEU A 38 -2.92 18.87 -33.64
N SER A 39 -1.65 19.17 -33.92
CA SER A 39 -0.92 18.56 -35.05
C SER A 39 -0.77 17.06 -34.89
N ARG A 40 -0.49 16.62 -33.66
CA ARG A 40 -0.38 15.19 -33.39
C ARG A 40 -1.76 14.52 -33.58
N PHE A 41 -2.80 15.15 -33.03
CA PHE A 41 -4.19 14.74 -33.30
C PHE A 41 -4.47 14.64 -34.81
N GLN A 42 -4.26 15.74 -35.54
CA GLN A 42 -4.48 15.76 -37.01
C GLN A 42 -3.66 14.71 -37.76
N ALA A 43 -2.42 14.48 -37.32
CA ALA A 43 -1.56 13.44 -37.91
C ALA A 43 -2.15 12.03 -37.77
N THR A 44 -3.19 11.93 -36.94
CA THR A 44 -3.83 10.68 -36.56
C THR A 44 -4.99 10.27 -37.51
N ARG A 45 -5.49 11.26 -38.25
CA ARG A 45 -6.70 11.10 -39.09
C ARG A 45 -6.72 9.85 -39.98
N PRO A 46 -5.63 9.59 -40.75
CA PRO A 46 -5.55 8.39 -41.57
C PRO A 46 -5.77 7.08 -40.81
N PHE A 47 -5.41 7.07 -39.53
CA PHE A 47 -5.55 5.84 -38.74
C PHE A 47 -6.98 5.68 -38.26
N TYR A 48 -7.60 6.80 -37.88
CA TYR A 48 -9.02 6.84 -37.59
C TYR A 48 -9.85 6.47 -38.83
N ARG A 49 -9.42 6.98 -40.00
CA ARG A 49 -10.00 6.61 -41.29
C ARG A 49 -9.97 5.10 -41.48
N GLU A 50 -8.82 4.48 -41.22
CA GLU A 50 -8.69 3.03 -41.24
C GLU A 50 -9.57 2.29 -40.23
N ALA A 51 -9.79 2.92 -39.06
CA ALA A 51 -10.59 2.32 -37.99
C ALA A 51 -12.04 2.22 -38.44
N VAL A 52 -12.52 3.32 -39.02
CA VAL A 52 -13.84 3.37 -39.64
C VAL A 52 -13.96 2.26 -40.68
N ARG A 53 -13.00 2.25 -41.61
CA ARG A 53 -12.90 1.25 -42.68
C ARG A 53 -12.87 -0.19 -42.14
N HIS A 54 -12.27 -0.38 -40.96
CA HIS A 54 -12.23 -1.69 -40.31
C HIS A 54 -13.48 -2.04 -39.51
N GLY A 55 -14.45 -1.12 -39.44
CA GLY A 55 -15.72 -1.38 -38.78
C GLY A 55 -15.79 -0.97 -37.31
N LEU A 56 -14.69 -0.41 -36.81
CA LEU A 56 -14.51 -0.20 -35.37
C LEU A 56 -15.40 0.87 -34.77
N ILE A 57 -15.78 1.84 -35.60
CA ILE A 57 -16.64 2.92 -35.16
C ILE A 57 -18.10 2.46 -35.21
N LYS A 58 -18.42 1.64 -36.21
CA LYS A 58 -19.76 1.08 -36.36
C LYS A 58 -20.03 0.15 -35.16
N ALA A 59 -18.96 -0.46 -34.66
CA ALA A 59 -19.01 -1.40 -33.57
C ALA A 59 -19.16 -0.72 -32.20
N GLN A 60 -19.17 0.61 -32.19
CA GLN A 60 -19.50 1.38 -30.99
C GLN A 60 -21.04 1.60 -30.82
N VAL A 61 -21.82 1.16 -31.80
CA VAL A 61 -23.27 1.40 -31.85
C VAL A 61 -24.01 0.05 -31.76
N PRO A 62 -24.97 -0.07 -30.82
CA PRO A 62 -25.76 -1.29 -30.71
C PRO A 62 -26.40 -1.74 -32.02
N ILE A 63 -26.43 -3.06 -32.24
CA ILE A 63 -27.09 -3.69 -33.39
C ILE A 63 -28.51 -3.15 -33.71
N PRO A 64 -29.43 -3.11 -32.70
CA PRO A 64 -30.77 -2.51 -32.91
C PRO A 64 -30.76 -1.07 -33.49
N LEU A 65 -29.67 -0.34 -33.28
CA LEU A 65 -29.54 1.06 -33.72
C LEU A 65 -28.76 1.17 -35.03
N GLY A 66 -28.56 0.02 -35.68
CA GLY A 66 -27.87 -0.02 -36.96
C GLY A 66 -26.39 -0.35 -36.92
N GLY A 67 -25.81 -0.40 -35.71
CA GLY A 67 -24.38 -0.64 -35.55
C GLY A 67 -24.04 -2.11 -35.52
N THR A 68 -22.82 -2.42 -35.11
CA THR A 68 -22.37 -3.79 -35.09
C THR A 68 -21.86 -4.26 -33.72
N MET A 69 -22.04 -3.44 -32.68
CA MET A 69 -21.65 -3.87 -31.34
C MET A 69 -22.37 -5.13 -30.93
N GLU A 70 -21.63 -6.19 -30.67
CA GLU A 70 -22.24 -7.46 -30.28
C GLU A 70 -22.54 -7.53 -28.77
N SER A 71 -21.72 -6.88 -27.97
CA SER A 71 -21.94 -6.76 -26.51
C SER A 71 -20.82 -5.96 -25.86
N LEU A 72 -20.96 -5.76 -24.56
CA LEU A 72 -20.04 -4.94 -23.80
C LEU A 72 -18.78 -5.70 -23.46
N VAL A 73 -18.88 -7.02 -23.36
CA VAL A 73 -17.70 -7.85 -23.18
C VAL A 73 -16.87 -7.82 -24.47
N HIS A 74 -17.53 -7.97 -25.63
CA HIS A 74 -16.89 -7.82 -26.93
C HIS A 74 -16.12 -6.49 -26.93
N GLU A 75 -16.82 -5.42 -26.54
CA GLU A 75 -16.24 -4.08 -26.47
C GLU A 75 -14.98 -4.04 -25.59
N SER A 76 -15.06 -4.71 -24.44
CA SER A 76 -13.97 -4.78 -23.46
C SER A 76 -12.74 -5.47 -24.03
N ILE A 77 -12.96 -6.61 -24.66
CA ILE A 77 -11.90 -7.37 -25.31
C ILE A 77 -11.20 -6.50 -26.36
N ILE A 78 -11.98 -5.84 -27.20
CA ILE A 78 -11.43 -5.00 -28.27
C ILE A 78 -10.57 -3.87 -27.69
N LEU A 79 -11.10 -3.14 -26.72
CA LEU A 79 -10.41 -1.98 -26.14
C LEU A 79 -9.09 -2.34 -25.47
N GLU A 80 -9.05 -3.51 -24.84
CA GLU A 80 -7.85 -3.98 -24.17
C GLU A 80 -6.74 -4.19 -25.19
N GLU A 81 -7.09 -4.85 -26.30
CA GLU A 81 -6.16 -5.13 -27.40
C GLU A 81 -5.60 -3.89 -28.07
N LEU A 82 -6.46 -2.89 -28.26
CA LEU A 82 -6.06 -1.63 -28.89
C LEU A 82 -5.12 -0.86 -27.99
N PHE A 83 -5.52 -0.68 -26.73
CA PHE A 83 -4.74 0.09 -25.78
C PHE A 83 -3.46 -0.61 -25.32
N ALA A 84 -3.43 -1.94 -25.45
CA ALA A 84 -2.20 -2.70 -25.24
C ALA A 84 -1.11 -2.39 -26.29
N VAL A 85 -1.48 -1.75 -27.39
CA VAL A 85 -0.53 -1.45 -28.48
C VAL A 85 -0.32 0.05 -28.66
N GLU A 86 -1.41 0.78 -28.88
CA GLU A 86 -1.32 2.20 -29.23
C GLU A 86 -2.63 2.89 -28.83
N PRO A 87 -2.56 3.72 -27.80
CA PRO A 87 -3.71 4.52 -27.40
C PRO A 87 -4.09 5.63 -28.39
N ALA A 88 -3.17 6.01 -29.29
CA ALA A 88 -3.47 6.97 -30.32
C ALA A 88 -4.52 6.41 -31.26
N THR A 89 -5.46 7.25 -31.69
CA THR A 89 -6.64 6.80 -32.49
C THR A 89 -7.63 5.92 -31.69
N SER A 90 -7.13 4.94 -30.95
CA SER A 90 -7.94 4.17 -30.00
C SER A 90 -8.72 5.07 -29.06
N ILE A 91 -8.05 6.09 -28.54
CA ILE A 91 -8.65 7.08 -27.66
C ILE A 91 -9.73 7.87 -28.39
N THR A 92 -9.57 8.01 -29.71
CA THR A 92 -10.50 8.81 -30.52
C THR A 92 -11.77 8.01 -30.75
N ILE A 93 -11.61 6.71 -30.98
CA ILE A 93 -12.71 5.76 -31.08
C ILE A 93 -13.60 5.76 -29.83
N VAL A 94 -12.99 5.60 -28.66
CA VAL A 94 -13.72 5.58 -27.39
C VAL A 94 -14.34 6.94 -27.04
N ALA A 95 -13.67 8.04 -27.36
CA ALA A 95 -14.24 9.36 -27.05
C ALA A 95 -15.51 9.63 -27.89
N THR A 96 -15.47 9.21 -29.16
CA THR A 96 -16.63 9.20 -30.05
C THR A 96 -17.76 8.35 -29.47
N ALA A 97 -17.42 7.13 -29.05
CA ALA A 97 -18.38 6.23 -28.42
C ALA A 97 -19.10 6.86 -27.23
N LEU A 98 -18.37 7.60 -26.40
CA LEU A 98 -18.99 8.32 -25.30
C LEU A 98 -19.88 9.41 -25.85
N GLY A 99 -19.40 10.09 -26.90
CA GLY A 99 -20.15 11.19 -27.53
C GLY A 99 -21.48 10.71 -28.07
N LEU A 100 -21.51 9.47 -28.58
CA LEU A 100 -22.69 8.86 -29.15
C LEU A 100 -23.66 8.30 -28.10
N MET A 101 -23.14 8.03 -26.90
CA MET A 101 -23.91 7.36 -25.86
C MET A 101 -25.20 8.03 -25.38
N PRO A 102 -25.22 9.36 -25.18
CA PRO A 102 -26.51 9.92 -24.78
C PRO A 102 -27.60 9.76 -25.85
N VAL A 103 -27.21 9.76 -27.11
CA VAL A 103 -28.14 9.48 -28.21
C VAL A 103 -28.53 8.00 -28.25
N ILE A 104 -27.52 7.13 -28.18
CA ILE A 104 -27.73 5.69 -28.02
C ILE A 104 -28.75 5.34 -26.92
N LEU A 105 -28.74 6.09 -25.83
CA LEU A 105 -29.51 5.77 -24.64
C LEU A 105 -30.86 6.50 -24.52
N CYS A 106 -31.08 7.53 -25.32
CA CYS A 106 -32.37 8.19 -25.31
C CYS A 106 -33.37 7.20 -25.91
N ASP A 107 -34.66 7.38 -25.72
CA ASP A 107 -35.53 6.41 -26.42
C ASP A 107 -36.33 7.03 -27.56
N SER A 108 -35.67 7.88 -28.34
CA SER A 108 -36.27 8.52 -29.50
C SER A 108 -35.70 7.94 -30.80
N PRO A 109 -36.39 6.96 -31.39
CA PRO A 109 -35.94 6.35 -32.64
C PRO A 109 -35.61 7.32 -33.79
N SER A 110 -36.38 8.39 -33.96
CA SER A 110 -36.12 9.32 -35.07
C SER A 110 -34.84 10.14 -34.89
N LEU A 111 -34.59 10.58 -33.66
CA LEU A 111 -33.36 11.26 -33.29
C LEU A 111 -32.13 10.36 -33.47
N GLN A 112 -32.23 9.11 -33.03
CA GLN A 112 -31.16 8.14 -33.16
C GLN A 112 -30.83 7.93 -34.64
N GLU A 113 -31.84 7.57 -35.44
CA GLU A 113 -31.69 7.32 -36.87
C GLU A 113 -31.02 8.51 -37.54
N LYS A 114 -31.42 9.72 -37.14
CA LYS A 114 -30.86 10.92 -37.72
C LYS A 114 -29.39 11.12 -37.33
N PHE A 115 -29.12 11.18 -36.03
CA PHE A 115 -27.80 11.61 -35.57
C PHE A 115 -26.71 10.52 -35.60
N LEU A 116 -27.11 9.27 -35.60
CA LEU A 116 -26.13 8.18 -35.59
C LEU A 116 -25.70 7.75 -36.99
N LYS A 117 -26.41 8.26 -38.01
CA LYS A 117 -26.24 7.79 -39.39
C LYS A 117 -24.80 7.89 -39.93
N PRO A 118 -24.11 9.03 -39.71
CA PRO A 118 -22.73 9.12 -40.17
C PRO A 118 -21.84 8.06 -39.54
N PHE A 119 -22.12 7.72 -38.28
CA PHE A 119 -21.27 6.83 -37.51
C PHE A 119 -21.49 5.35 -37.86
N ILE A 120 -22.66 5.01 -38.40
CA ILE A 120 -22.93 3.62 -38.81
C ILE A 120 -22.65 3.37 -40.31
N SER A 121 -22.25 4.43 -41.01
CA SER A 121 -22.11 4.40 -42.47
C SER A 121 -20.90 3.62 -42.99
N GLY A 122 -19.86 3.47 -42.18
CA GLY A 122 -18.64 2.78 -42.61
C GLY A 122 -17.71 3.66 -43.43
N GLU A 123 -17.95 4.97 -43.40
CA GLU A 123 -17.21 5.91 -44.24
C GLU A 123 -16.94 7.29 -43.60
N GLY A 124 -15.94 8.01 -44.12
CA GLY A 124 -15.51 9.30 -43.56
C GLY A 124 -14.67 9.11 -42.30
N GLU A 125 -14.46 10.20 -41.56
CA GLU A 125 -13.87 10.13 -40.22
C GLU A 125 -14.74 10.93 -39.24
N PRO A 126 -15.98 10.47 -39.01
CA PRO A 126 -16.85 11.25 -38.14
C PRO A 126 -16.48 11.11 -36.65
N LEU A 127 -16.47 12.25 -35.97
CA LEU A 127 -16.11 12.32 -34.56
C LEU A 127 -17.32 12.74 -33.77
N ALA A 128 -17.43 12.23 -32.54
CA ALA A 128 -18.45 12.67 -31.58
C ALA A 128 -17.74 12.98 -30.26
N SER A 129 -18.32 13.89 -29.50
CA SER A 129 -17.78 14.31 -28.23
C SER A 129 -18.91 14.60 -27.25
N LEU A 130 -18.83 14.00 -26.06
CA LEU A 130 -19.69 14.40 -24.96
C LEU A 130 -19.01 15.50 -24.17
N MET A 131 -19.56 16.70 -24.30
CA MET A 131 -18.97 17.90 -23.75
C MET A 131 -19.54 18.21 -22.38
N HIS A 132 -18.90 17.66 -21.35
CA HIS A 132 -19.36 17.88 -20.00
C HIS A 132 -18.41 18.78 -19.19
N SER A 133 -17.12 18.44 -19.20
CA SER A 133 -16.11 19.08 -18.33
C SER A 133 -15.88 20.56 -18.60
N GLU A 134 -15.52 21.29 -17.55
CA GLU A 134 -15.42 22.75 -17.55
C GLU A 134 -14.12 23.20 -16.89
N PRO A 135 -13.62 24.40 -17.26
CA PRO A 135 -12.39 24.92 -16.65
C PRO A 135 -12.43 24.98 -15.12
N ASN A 136 -13.59 25.33 -14.56
CA ASN A 136 -13.75 25.45 -13.11
C ASN A 136 -13.94 24.09 -12.41
N GLY A 137 -14.04 23.02 -13.18
CA GLY A 137 -14.22 21.69 -12.61
C GLY A 137 -15.67 21.26 -12.65
N THR A 138 -15.94 19.97 -12.46
CA THR A 138 -17.30 19.44 -12.52
C THR A 138 -17.64 18.43 -11.39
N ALA A 139 -16.67 18.15 -10.51
CA ALA A 139 -16.89 17.19 -9.46
C ALA A 139 -18.12 17.57 -8.63
N ASN A 140 -18.36 18.88 -8.50
CA ASN A 140 -19.46 19.40 -7.72
C ASN A 140 -20.63 19.94 -8.57
N TRP A 141 -20.81 19.43 -9.78
CA TRP A 141 -21.79 20.03 -10.68
C TRP A 141 -23.24 19.87 -10.16
N LEU A 142 -23.48 18.77 -9.43
CA LEU A 142 -24.81 18.50 -8.86
C LEU A 142 -24.93 18.89 -7.40
N GLN A 143 -23.97 19.65 -6.88
CA GLN A 143 -24.03 20.10 -5.49
C GLN A 143 -25.09 21.18 -5.31
N LYS A 144 -26.10 20.88 -4.51
CA LYS A 144 -27.16 21.84 -4.20
C LYS A 144 -26.57 22.98 -3.38
N GLY A 145 -26.87 24.22 -3.80
CA GLY A 145 -26.28 25.40 -3.19
C GLY A 145 -24.94 25.83 -3.79
N GLY A 146 -24.45 25.07 -4.77
CA GLY A 146 -23.22 25.42 -5.48
C GLY A 146 -23.50 26.21 -6.75
N PRO A 147 -22.42 26.68 -7.43
CA PRO A 147 -22.57 27.45 -8.67
C PRO A 147 -23.08 26.65 -9.86
N GLY A 148 -22.96 25.32 -9.80
CA GLY A 148 -23.38 24.48 -10.91
C GLY A 148 -22.51 24.64 -12.14
N LEU A 149 -22.87 23.97 -13.23
CA LEU A 149 -22.19 24.14 -14.50
C LEU A 149 -22.18 25.61 -14.91
N GLN A 150 -21.06 26.05 -15.49
CA GLN A 150 -20.94 27.43 -15.92
C GLN A 150 -21.30 27.61 -17.40
N THR A 151 -21.46 26.50 -18.11
CA THR A 151 -22.08 26.49 -19.42
C THR A 151 -23.60 26.38 -19.19
N THR A 152 -24.30 27.47 -19.46
CA THR A 152 -25.74 27.54 -19.24
C THR A 152 -26.50 27.63 -20.55
N ALA A 153 -27.80 27.30 -20.53
CA ALA A 153 -28.65 27.40 -21.70
C ALA A 153 -29.97 28.03 -21.33
N ARG A 154 -30.51 28.83 -22.22
CA ARG A 154 -31.84 29.42 -22.03
C ARG A 154 -32.59 29.33 -23.35
N LYS A 155 -33.91 29.27 -23.24
CA LYS A 155 -34.74 29.24 -24.44
C LYS A 155 -35.05 30.66 -24.89
N VAL A 156 -34.81 30.91 -26.17
CA VAL A 156 -35.19 32.18 -26.78
C VAL A 156 -36.00 31.86 -28.03
N GLY A 157 -37.31 32.10 -27.96
CA GLY A 157 -38.21 31.74 -29.05
C GLY A 157 -38.26 30.24 -29.22
N ASN A 158 -37.92 29.76 -30.42
CA ASN A 158 -37.85 28.31 -30.71
C ASN A 158 -36.40 27.81 -30.86
N GLU A 159 -35.51 28.42 -30.11
CA GLU A 159 -34.14 27.93 -30.07
C GLU A 159 -33.53 28.08 -28.68
N TRP A 160 -32.39 27.42 -28.49
CA TRP A 160 -31.67 27.52 -27.24
C TRP A 160 -30.40 28.30 -27.43
N VAL A 161 -30.00 29.03 -26.38
CA VAL A 161 -28.80 29.87 -26.46
C VAL A 161 -27.81 29.57 -25.32
N ILE A 162 -26.75 28.86 -25.72
CA ILE A 162 -25.67 28.43 -24.84
C ILE A 162 -24.68 29.55 -24.50
N SER A 163 -24.33 29.65 -23.22
CA SER A 163 -23.34 30.61 -22.73
C SER A 163 -22.39 29.98 -21.71
N GLY A 164 -21.12 29.88 -22.09
CA GLY A 164 -20.07 29.43 -21.18
C GLY A 164 -18.99 28.62 -21.86
N GLU A 165 -18.21 27.91 -21.04
CA GLU A 165 -16.99 27.26 -21.53
C GLU A 165 -16.90 25.79 -21.13
N LYS A 166 -16.38 25.00 -22.06
CA LYS A 166 -16.02 23.62 -21.82
C LYS A 166 -14.50 23.45 -21.90
N LEU A 167 -13.99 22.44 -21.19
CA LEU A 167 -12.57 22.09 -21.22
C LEU A 167 -12.43 20.58 -21.06
N TRP A 168 -11.56 19.98 -21.90
CA TRP A 168 -11.19 18.54 -21.83
C TRP A 168 -11.94 17.57 -22.76
N PRO A 169 -13.19 17.87 -23.19
CA PRO A 169 -13.91 16.82 -23.91
C PRO A 169 -13.25 16.42 -25.22
N SER A 170 -12.80 15.18 -25.27
CA SER A 170 -12.05 14.69 -26.39
C SER A 170 -12.91 14.80 -27.65
N ASN A 171 -12.27 15.23 -28.74
CA ASN A 171 -12.88 15.38 -30.07
C ASN A 171 -13.76 16.62 -30.28
N SER A 172 -13.96 17.44 -29.25
CA SER A 172 -15.03 18.45 -29.33
C SER A 172 -14.93 19.46 -30.48
N GLY A 173 -13.71 19.88 -30.80
CA GLY A 173 -13.47 20.80 -31.90
C GLY A 173 -13.36 20.12 -33.26
N GLY A 174 -13.49 18.79 -33.28
CA GLY A 174 -13.33 18.08 -34.53
C GLY A 174 -11.89 18.13 -35.03
N TRP A 175 -11.67 17.56 -36.22
CA TRP A 175 -10.36 17.52 -36.86
C TRP A 175 -9.72 18.88 -37.17
N ASP A 176 -10.52 19.95 -37.18
CA ASP A 176 -10.14 21.23 -37.77
C ASP A 176 -10.64 22.45 -37.00
N TYR A 177 -11.20 22.22 -35.80
CA TYR A 177 -11.74 23.27 -34.93
C TYR A 177 -13.03 23.92 -35.46
N LYS A 178 -13.68 23.25 -36.40
CA LYS A 178 -15.02 23.63 -36.85
C LYS A 178 -16.09 22.70 -36.25
N GLY A 179 -15.68 21.87 -35.28
CA GLY A 179 -16.58 21.09 -34.43
C GLY A 179 -16.61 19.61 -34.73
N ALA A 180 -16.96 18.82 -33.71
CA ALA A 180 -17.18 17.38 -33.90
C ALA A 180 -18.43 17.23 -34.78
N ASP A 181 -18.49 16.13 -35.51
CA ASP A 181 -19.68 15.84 -36.30
C ASP A 181 -20.93 15.80 -35.42
N LEU A 182 -20.77 15.28 -34.20
CA LEU A 182 -21.84 15.34 -33.19
C LEU A 182 -21.26 15.63 -31.83
N ALA A 183 -21.71 16.71 -31.22
CA ALA A 183 -21.34 17.01 -29.84
C ALA A 183 -22.58 17.15 -28.94
N CYS A 184 -22.61 16.35 -27.87
CA CYS A 184 -23.66 16.48 -26.84
C CYS A 184 -23.17 17.41 -25.76
N VAL A 185 -23.75 18.61 -25.72
CA VAL A 185 -23.32 19.68 -24.83
C VAL A 185 -24.20 19.79 -23.58
N VAL A 186 -23.63 19.46 -22.43
CA VAL A 186 -24.35 19.44 -21.17
C VAL A 186 -24.34 20.83 -20.59
N CYS A 187 -25.53 21.37 -20.34
CA CYS A 187 -25.69 22.72 -19.79
C CYS A 187 -26.60 22.72 -18.59
N ARG A 188 -26.41 23.73 -17.75
CA ARG A 188 -27.35 24.02 -16.69
C ARG A 188 -28.31 25.10 -17.22
N VAL A 189 -29.61 24.82 -17.18
CA VAL A 189 -30.62 25.78 -17.62
C VAL A 189 -30.60 27.00 -16.71
N SER A 190 -30.45 28.18 -17.31
CA SER A 190 -30.49 29.44 -16.57
C SER A 190 -31.00 30.55 -17.47
N ASP A 191 -32.07 31.20 -17.03
CA ASP A 191 -32.65 32.37 -17.71
C ASP A 191 -31.74 33.59 -17.68
N ASP A 192 -31.03 33.80 -16.59
CA ASP A 192 -30.03 34.86 -16.52
C ASP A 192 -28.69 34.34 -15.99
N PRO A 193 -27.77 33.99 -16.91
CA PRO A 193 -26.44 33.45 -16.58
C PRO A 193 -25.57 34.34 -15.68
N SER A 194 -25.94 35.61 -15.57
CA SER A 194 -25.20 36.54 -14.71
C SER A 194 -25.71 36.51 -13.27
N LYS A 195 -26.72 35.68 -13.01
CA LYS A 195 -27.23 35.44 -11.66
C LYS A 195 -26.85 34.03 -11.23
N PRO A 196 -26.51 33.84 -9.93
CA PRO A 196 -26.10 32.53 -9.40
C PRO A 196 -27.20 31.47 -9.45
N GLN A 197 -26.81 30.19 -9.50
CA GLN A 197 -27.78 29.09 -9.41
C GLN A 197 -28.55 29.23 -8.10
N ASP A 198 -29.87 29.09 -8.20
CA ASP A 198 -30.78 29.14 -7.07
C ASP A 198 -30.39 28.04 -6.08
N PRO A 199 -30.03 28.42 -4.82
CA PRO A 199 -29.66 27.38 -3.84
C PRO A 199 -30.81 26.51 -3.33
N ASN A 200 -32.03 26.76 -3.83
CA ASN A 200 -33.21 26.03 -3.37
C ASN A 200 -33.69 25.02 -4.39
N VAL A 201 -33.13 25.05 -5.59
CA VAL A 201 -33.50 24.07 -6.60
C VAL A 201 -32.40 23.01 -6.75
N ASP A 202 -32.81 21.75 -6.79
CA ASP A 202 -31.90 20.64 -7.01
C ASP A 202 -31.25 20.77 -8.39
N PRO A 203 -29.90 20.89 -8.42
CA PRO A 203 -29.21 21.09 -9.69
C PRO A 203 -29.55 20.05 -10.77
N ALA A 204 -29.88 18.82 -10.38
CA ALA A 204 -30.19 17.78 -11.37
C ALA A 204 -31.44 18.09 -12.20
N THR A 205 -32.37 18.83 -11.61
CA THR A 205 -33.61 19.24 -12.28
C THR A 205 -33.41 20.28 -13.39
N GLN A 206 -32.20 20.87 -13.48
CA GLN A 206 -31.91 21.96 -14.41
C GLN A 206 -30.92 21.57 -15.50
N ILE A 207 -30.63 20.27 -15.61
CA ILE A 207 -29.66 19.81 -16.58
C ILE A 207 -30.32 19.65 -17.94
N ALA A 208 -29.65 20.19 -18.97
CA ALA A 208 -30.07 20.02 -20.37
C ALA A 208 -28.92 19.52 -21.24
N VAL A 209 -29.25 18.79 -22.31
CA VAL A 209 -28.27 18.34 -23.26
C VAL A 209 -28.73 18.79 -24.65
N LEU A 210 -27.87 19.58 -25.29
CA LEU A 210 -28.15 20.07 -26.63
C LEU A 210 -27.15 19.48 -27.60
N LEU A 211 -27.65 18.90 -28.68
CA LEU A 211 -26.82 18.40 -29.74
C LEU A 211 -26.35 19.57 -30.59
N VAL A 212 -25.05 19.59 -30.87
CA VAL A 212 -24.42 20.65 -31.63
C VAL A 212 -23.59 19.99 -32.73
N THR A 213 -23.95 20.24 -33.98
CA THR A 213 -23.22 19.65 -35.12
C THR A 213 -22.37 20.72 -35.81
N ARG A 214 -21.65 20.31 -36.85
CA ARG A 214 -20.83 21.26 -37.61
C ARG A 214 -21.71 22.30 -38.31
N GLU A 215 -22.94 21.91 -38.62
CA GLU A 215 -23.92 22.81 -39.22
C GLU A 215 -24.36 23.87 -38.21
N THR A 216 -24.69 23.44 -37.00
CA THR A 216 -25.08 24.37 -35.92
C THR A 216 -24.04 25.48 -35.79
N ILE A 217 -22.76 25.09 -35.89
CA ILE A 217 -21.63 26.00 -35.73
C ILE A 217 -21.53 26.91 -36.96
N ALA A 218 -21.62 26.30 -38.14
CA ALA A 218 -21.69 27.03 -39.41
C ALA A 218 -22.83 28.06 -39.45
N ASN A 219 -23.94 27.78 -38.78
CA ASN A 219 -25.08 28.70 -38.71
C ASN A 219 -24.97 29.75 -37.60
N ASN A 220 -23.83 29.80 -36.92
CA ASN A 220 -23.60 30.81 -35.92
C ASN A 220 -22.51 31.78 -36.34
N LYS A 221 -22.51 32.96 -35.73
CA LYS A 221 -21.40 33.91 -35.87
C LYS A 221 -20.10 33.20 -35.55
N LYS A 222 -19.04 33.56 -36.26
CA LYS A 222 -17.75 32.88 -36.11
C LYS A 222 -17.19 32.98 -34.68
N ASP A 223 -17.56 34.04 -33.98
CA ASP A 223 -17.05 34.28 -32.63
C ASP A 223 -17.94 33.73 -31.50
N ALA A 224 -19.06 33.08 -31.88
CA ALA A 224 -19.99 32.46 -30.93
C ALA A 224 -19.48 31.10 -30.45
N TYR A 225 -18.54 30.54 -31.20
CA TYR A 225 -17.88 29.27 -30.93
C TYR A 225 -16.38 29.47 -31.11
N GLN A 226 -15.66 29.61 -30.00
CA GLN A 226 -14.21 29.85 -30.03
C GLN A 226 -13.42 28.74 -29.35
N ILE A 227 -12.43 28.17 -30.06
CA ILE A 227 -11.44 27.32 -29.43
C ILE A 227 -10.36 28.26 -28.86
N LEU A 228 -10.28 28.34 -27.53
CA LEU A 228 -9.35 29.24 -26.88
C LEU A 228 -7.98 28.58 -26.60
N GLY A 229 -7.93 27.25 -26.61
CA GLY A 229 -6.68 26.54 -26.40
C GLY A 229 -6.79 25.03 -26.52
N GLU A 230 -5.63 24.39 -26.44
CA GLU A 230 -5.51 22.95 -26.52
C GLU A 230 -4.45 22.53 -25.51
N PRO A 231 -4.89 21.91 -24.39
CA PRO A 231 -3.95 21.52 -23.35
C PRO A 231 -2.83 20.62 -23.87
N GLU A 232 -1.60 20.83 -23.40
CA GLU A 232 -0.52 19.88 -23.69
C GLU A 232 -0.55 18.88 -22.56
N LEU A 233 -0.86 17.63 -22.89
CA LEU A 233 -1.02 16.59 -21.89
C LEU A 233 0.25 15.81 -21.67
N ALA A 234 0.41 15.29 -20.44
CA ALA A 234 1.52 14.40 -20.10
C ALA A 234 1.54 13.15 -20.96
N GLY A 235 0.38 12.55 -21.20
CA GLY A 235 0.28 11.36 -22.03
C GLY A 235 -0.94 11.47 -22.89
N HIS A 236 -1.20 10.46 -23.72
CA HIS A 236 -2.27 10.56 -24.74
C HIS A 236 -2.09 11.87 -25.53
N ILE A 237 -0.87 12.07 -26.02
CA ILE A 237 -0.45 13.36 -26.58
C ILE A 237 -1.06 13.59 -27.97
N THR A 238 -1.69 12.56 -28.51
CA THR A 238 -2.34 12.68 -29.81
C THR A 238 -3.84 12.97 -29.73
N THR A 239 -4.37 13.16 -28.53
CA THR A 239 -5.78 13.48 -28.40
C THR A 239 -6.02 14.99 -28.48
N SER A 240 -7.21 15.38 -28.90
CA SER A 240 -7.62 16.77 -28.79
C SER A 240 -8.84 16.89 -27.88
N GLY A 241 -8.73 17.73 -26.86
CA GLY A 241 -9.83 18.07 -25.98
C GLY A 241 -9.70 19.54 -25.62
N PRO A 242 -10.12 20.42 -26.53
CA PRO A 242 -9.86 21.86 -26.37
C PRO A 242 -10.62 22.61 -25.28
N HIS A 243 -10.16 23.83 -25.03
CA HIS A 243 -10.92 24.84 -24.32
C HIS A 243 -11.83 25.54 -25.35
N THR A 244 -13.14 25.40 -25.16
CA THR A 244 -14.15 25.94 -26.07
C THR A 244 -15.01 26.98 -25.34
N ARG A 245 -15.17 28.14 -25.94
CA ARG A 245 -16.07 29.15 -25.40
C ARG A 245 -17.29 29.34 -26.29
N PHE A 246 -18.47 29.21 -25.68
CA PHE A 246 -19.74 29.51 -26.33
C PHE A 246 -20.15 30.91 -25.91
N THR A 247 -20.38 31.76 -26.90
CA THR A 247 -20.88 33.09 -26.61
C THR A 247 -22.16 33.32 -27.44
N GLU A 248 -23.30 33.37 -26.75
CA GLU A 248 -24.61 33.47 -27.41
C GLU A 248 -24.70 32.52 -28.61
N PHE A 249 -24.46 31.23 -28.37
CA PHE A 249 -24.47 30.22 -29.43
C PHE A 249 -25.88 29.64 -29.59
N HIS A 250 -26.45 29.81 -30.78
CA HIS A 250 -27.83 29.46 -31.04
C HIS A 250 -27.95 28.03 -31.56
N VAL A 251 -28.79 27.25 -30.88
CA VAL A 251 -29.05 25.86 -31.21
C VAL A 251 -30.56 25.66 -31.40
N PRO A 252 -30.98 25.00 -32.50
CA PRO A 252 -32.40 24.67 -32.76
C PRO A 252 -33.01 23.77 -31.68
N HIS A 253 -34.25 24.06 -31.32
CA HIS A 253 -34.98 23.26 -30.33
C HIS A 253 -35.05 21.77 -30.72
N GLU A 254 -35.01 21.48 -32.02
CA GLU A 254 -35.04 20.09 -32.52
C GLU A 254 -33.74 19.36 -32.19
N ASN A 255 -32.83 20.08 -31.55
CA ASN A 255 -31.54 19.53 -31.17
C ASN A 255 -31.47 19.26 -29.66
N LEU A 256 -32.57 19.56 -28.97
CA LEU A 256 -32.73 19.21 -27.58
C LEU A 256 -32.94 17.69 -27.50
N LEU A 257 -32.13 17.05 -26.66
CA LEU A 257 -32.15 15.59 -26.53
C LEU A 257 -33.38 15.08 -25.78
N CYS A 258 -33.87 15.86 -24.82
CA CYS A 258 -35.07 15.52 -24.07
C CYS A 258 -35.47 16.75 -23.27
N THR A 259 -36.59 16.67 -22.55
CA THR A 259 -36.96 17.77 -21.63
C THR A 259 -35.83 17.93 -20.60
N PRO A 260 -35.40 19.18 -20.35
CA PRO A 260 -34.42 19.44 -19.30
C PRO A 260 -34.93 18.95 -17.97
N GLY A 261 -34.05 18.40 -17.15
CA GLY A 261 -34.46 17.88 -15.86
C GLY A 261 -33.72 16.61 -15.53
N LEU A 262 -34.33 15.77 -14.69
CA LEU A 262 -33.72 14.54 -14.21
C LEU A 262 -33.50 13.49 -15.28
N LYS A 263 -34.29 13.50 -16.36
CA LYS A 263 -34.06 12.56 -17.47
C LYS A 263 -32.77 12.90 -18.24
N ALA A 264 -32.50 14.19 -18.36
CA ALA A 264 -31.31 14.68 -19.04
C ALA A 264 -30.08 14.34 -18.18
N GLN A 265 -30.15 14.60 -16.89
CA GLN A 265 -29.10 14.21 -15.95
C GLN A 265 -28.89 12.69 -16.00
N GLY A 266 -30.01 11.95 -16.01
CA GLY A 266 -29.99 10.50 -16.06
C GLY A 266 -29.25 9.98 -17.26
N LEU A 267 -29.46 10.59 -18.42
CA LEU A 267 -28.76 10.15 -19.63
C LEU A 267 -27.23 10.34 -19.52
N VAL A 268 -26.80 11.48 -18.97
CA VAL A 268 -25.39 11.78 -18.74
C VAL A 268 -24.79 10.79 -17.73
N GLU A 269 -25.53 10.53 -16.65
CA GLU A 269 -25.08 9.65 -15.58
C GLU A 269 -24.88 8.23 -16.08
N THR A 270 -25.85 7.76 -16.88
CA THR A 270 -25.81 6.44 -17.50
C THR A 270 -24.67 6.35 -18.55
N ALA A 271 -24.49 7.40 -19.35
CA ALA A 271 -23.37 7.45 -20.28
C ALA A 271 -22.04 7.31 -19.54
N PHE A 272 -21.84 8.14 -18.52
CA PHE A 272 -20.60 8.09 -17.72
C PHE A 272 -20.41 6.85 -16.83
N ALA A 273 -21.50 6.14 -16.53
CA ALA A 273 -21.41 4.87 -15.81
C ALA A 273 -20.96 3.75 -16.73
N MET A 274 -21.44 3.79 -17.96
CA MET A 274 -21.02 2.84 -18.95
C MET A 274 -19.53 3.00 -19.27
N SER A 275 -19.10 4.25 -19.47
CA SER A 275 -17.70 4.55 -19.74
C SER A 275 -16.84 4.17 -18.52
N ALA A 276 -17.35 4.47 -17.32
CA ALA A 276 -16.66 4.14 -16.07
C ALA A 276 -16.25 2.67 -16.00
N ALA A 277 -17.13 1.78 -16.46
CA ALA A 277 -16.81 0.35 -16.57
C ALA A 277 -15.81 0.07 -17.69
N LEU A 278 -16.00 0.70 -18.84
CA LEU A 278 -15.23 0.32 -20.03
C LEU A 278 -13.78 0.86 -20.04
N VAL A 279 -13.61 2.02 -19.42
CA VAL A 279 -12.32 2.66 -19.20
C VAL A 279 -11.34 1.72 -18.47
N GLY A 280 -11.89 0.82 -17.66
CA GLY A 280 -11.11 -0.24 -17.06
C GLY A 280 -10.38 -1.08 -18.09
N ALA A 281 -11.00 -1.32 -19.24
CA ALA A 281 -10.36 -2.10 -20.31
C ALA A 281 -9.17 -1.33 -20.91
N MET A 282 -9.28 0.00 -20.93
CA MET A 282 -8.23 0.87 -21.38
C MET A 282 -7.02 0.78 -20.45
N ALA A 283 -7.28 0.91 -19.15
CA ALA A 283 -6.30 0.77 -18.09
C ALA A 283 -5.56 -0.57 -18.16
N ILE A 284 -6.32 -1.65 -18.34
CA ILE A 284 -5.77 -3.00 -18.46
C ILE A 284 -4.82 -3.14 -19.64
N GLY A 285 -5.21 -2.58 -20.80
CA GLY A 285 -4.38 -2.62 -22.00
C GLY A 285 -3.03 -1.99 -21.76
N THR A 286 -3.05 -0.75 -21.32
CA THR A 286 -1.84 -0.01 -20.98
C THR A 286 -0.94 -0.74 -19.97
N ALA A 287 -1.52 -1.19 -18.86
CA ALA A 287 -0.77 -1.90 -17.84
C ALA A 287 -0.34 -3.31 -18.24
N ARG A 288 -1.08 -3.94 -19.16
CA ARG A 288 -0.72 -5.25 -19.71
C ARG A 288 0.52 -5.13 -20.60
N ALA A 289 0.53 -4.09 -21.42
CA ALA A 289 1.69 -3.75 -22.20
C ALA A 289 2.91 -3.63 -21.29
N ALA A 290 2.78 -2.88 -20.18
CA ALA A 290 3.89 -2.70 -19.24
C ALA A 290 4.33 -4.03 -18.68
N PHE A 291 3.37 -4.82 -18.25
CA PHE A 291 3.67 -6.11 -17.64
C PHE A 291 4.34 -7.10 -18.60
N GLU A 292 3.85 -7.16 -19.84
CA GLU A 292 4.36 -8.11 -20.82
C GLU A 292 5.77 -7.74 -21.25
N GLU A 293 6.01 -6.46 -21.48
CA GLU A 293 7.34 -5.96 -21.77
C GLU A 293 8.32 -6.33 -20.64
N ALA A 294 8.01 -5.95 -19.41
CA ALA A 294 8.78 -6.35 -18.24
C ALA A 294 9.00 -7.87 -18.10
N LEU A 295 7.95 -8.65 -18.29
CA LEU A 295 8.02 -10.11 -18.22
C LEU A 295 8.95 -10.73 -19.30
N VAL A 296 8.84 -10.27 -20.54
CA VAL A 296 9.70 -10.76 -21.62
C VAL A 296 11.17 -10.41 -21.29
N PHE A 297 11.39 -9.16 -20.91
CA PHE A 297 12.68 -8.73 -20.40
C PHE A 297 13.22 -9.66 -19.29
N ALA A 298 12.42 -9.91 -18.24
CA ALA A 298 12.88 -10.70 -17.08
C ALA A 298 13.24 -12.12 -17.45
N LYS A 299 12.60 -12.61 -18.51
CA LYS A 299 12.79 -13.98 -18.96
C LYS A 299 13.95 -14.11 -19.98
N SER A 300 14.48 -12.97 -20.43
CA SER A 300 15.51 -12.99 -21.47
C SER A 300 16.79 -12.24 -21.09
N ASP A 301 16.79 -11.64 -19.90
CA ASP A 301 17.91 -10.81 -19.50
C ASP A 301 18.41 -11.12 -18.08
N THR A 302 19.73 -11.25 -17.96
CA THR A 302 20.36 -11.67 -16.72
C THR A 302 20.89 -10.45 -15.96
N ARG A 303 20.86 -9.30 -16.63
CA ARG A 303 21.39 -8.07 -16.03
C ARG A 303 22.81 -8.26 -15.47
N GLY A 304 23.68 -8.88 -16.28
CA GLY A 304 25.08 -9.12 -15.93
C GLY A 304 25.28 -10.22 -14.89
N GLY A 305 24.23 -10.98 -14.59
CA GLY A 305 24.36 -12.06 -13.62
C GLY A 305 24.46 -13.40 -14.32
N SER A 306 24.30 -14.47 -13.56
CA SER A 306 24.35 -15.82 -14.12
C SER A 306 22.97 -16.32 -14.58
N LYS A 307 21.90 -15.79 -14.00
CA LYS A 307 20.55 -16.29 -14.31
C LYS A 307 19.58 -15.20 -14.75
N HIS A 308 18.50 -15.57 -15.42
CA HIS A 308 17.49 -14.60 -15.87
C HIS A 308 16.89 -13.92 -14.64
N ILE A 309 16.60 -12.63 -14.74
CA ILE A 309 16.20 -11.89 -13.53
C ILE A 309 14.86 -12.34 -12.90
N ILE A 310 13.99 -13.01 -13.69
CA ILE A 310 12.78 -13.63 -13.16
C ILE A 310 13.09 -14.64 -12.05
N GLU A 311 14.32 -15.15 -12.00
CA GLU A 311 14.70 -16.09 -10.95
C GLU A 311 14.93 -15.39 -9.60
N HIS A 312 15.06 -14.07 -9.59
CA HIS A 312 15.17 -13.34 -8.33
C HIS A 312 13.80 -13.07 -7.71
N GLN A 313 13.59 -13.53 -6.47
CA GLN A 313 12.28 -13.41 -5.80
C GLN A 313 11.65 -12.02 -5.85
N SER A 314 12.46 -10.99 -5.61
CA SER A 314 11.97 -9.61 -5.60
C SER A 314 11.44 -9.12 -6.96
N VAL A 315 12.09 -9.55 -8.04
CA VAL A 315 11.63 -9.25 -9.39
C VAL A 315 10.34 -10.02 -9.65
N ALA A 316 10.37 -11.33 -9.39
CA ALA A 316 9.20 -12.16 -9.52
C ALA A 316 8.01 -11.63 -8.71
N ASP A 317 8.26 -11.10 -7.52
CA ASP A 317 7.21 -10.53 -6.67
C ASP A 317 6.48 -9.38 -7.36
N LYS A 318 7.23 -8.48 -8.00
CA LYS A 318 6.63 -7.38 -8.78
C LYS A 318 5.73 -7.92 -9.89
N LEU A 319 6.23 -8.90 -10.63
CA LEU A 319 5.52 -9.46 -11.81
C LEU A 319 4.25 -10.18 -11.37
N ILE A 320 4.39 -10.96 -10.30
CA ILE A 320 3.25 -11.58 -9.65
C ILE A 320 2.20 -10.51 -9.29
N ASP A 321 2.65 -9.42 -8.65
CA ASP A 321 1.74 -8.35 -8.27
C ASP A 321 1.08 -7.74 -9.48
N CYS A 322 1.85 -7.46 -10.54
CA CYS A 322 1.29 -6.95 -11.80
C CYS A 322 0.24 -7.91 -12.36
N LYS A 323 0.56 -9.18 -12.36
CA LYS A 323 -0.30 -10.22 -12.90
C LYS A 323 -1.65 -10.23 -12.18
N ILE A 324 -1.61 -10.25 -10.86
CA ILE A 324 -2.82 -10.27 -10.03
C ILE A 324 -3.72 -9.05 -10.29
N ARG A 325 -3.11 -7.87 -10.42
CA ARG A 325 -3.85 -6.63 -10.66
C ARG A 325 -4.58 -6.68 -11.98
N LEU A 326 -3.88 -7.15 -13.01
CA LEU A 326 -4.45 -7.31 -14.35
C LEU A 326 -5.56 -8.34 -14.36
N GLU A 327 -5.34 -9.48 -13.74
CA GLU A 327 -6.34 -10.53 -13.70
C GLU A 327 -7.61 -10.06 -12.97
N THR A 328 -7.45 -9.51 -11.77
CA THR A 328 -8.61 -9.04 -11.01
C THR A 328 -9.33 -7.89 -11.73
N SER A 329 -8.55 -7.01 -12.36
CA SER A 329 -9.12 -5.91 -13.11
C SER A 329 -10.06 -6.39 -14.21
N ARG A 330 -9.59 -7.31 -15.05
CA ARG A 330 -10.39 -7.76 -16.21
C ARG A 330 -11.68 -8.49 -15.82
N LEU A 331 -11.56 -9.37 -14.84
CA LEU A 331 -12.72 -9.99 -14.20
C LEU A 331 -13.73 -8.93 -13.75
N LEU A 332 -13.26 -7.89 -13.10
CA LEU A 332 -14.16 -6.85 -12.59
C LEU A 332 -14.82 -6.08 -13.75
N VAL A 333 -14.07 -5.77 -14.79
CA VAL A 333 -14.63 -5.11 -15.96
C VAL A 333 -15.73 -5.99 -16.58
N TRP A 334 -15.46 -7.28 -16.73
CA TRP A 334 -16.44 -8.20 -17.34
C TRP A 334 -17.68 -8.35 -16.46
N LYS A 335 -17.46 -8.37 -15.14
CA LYS A 335 -18.54 -8.41 -14.17
C LYS A 335 -19.41 -7.17 -14.33
N ALA A 336 -18.75 -6.03 -14.44
CA ALA A 336 -19.43 -4.75 -14.43
C ALA A 336 -20.25 -4.51 -15.70
N VAL A 337 -19.71 -4.89 -16.85
CA VAL A 337 -20.41 -4.64 -18.11
C VAL A 337 -21.61 -5.57 -18.24
N THR A 338 -21.43 -6.81 -17.80
CA THR A 338 -22.48 -7.81 -17.79
C THR A 338 -23.58 -7.38 -16.80
N THR A 339 -23.16 -6.74 -15.70
CA THR A 339 -24.08 -6.17 -14.74
C THR A 339 -24.92 -5.04 -15.36
N LEU A 340 -24.25 -4.17 -16.13
CA LEU A 340 -24.91 -3.06 -16.81
C LEU A 340 -25.96 -3.51 -17.81
N GLU A 341 -25.73 -4.68 -18.41
CA GLU A 341 -26.61 -5.27 -19.42
C GLU A 341 -27.77 -6.08 -18.81
N ASP A 342 -27.76 -6.27 -17.49
CA ASP A 342 -28.79 -7.08 -16.84
C ASP A 342 -30.02 -6.22 -16.59
N GLU A 343 -31.06 -6.49 -17.37
CA GLU A 343 -32.32 -5.75 -17.31
C GLU A 343 -33.07 -5.93 -15.98
N ALA A 344 -32.78 -7.00 -15.27
CA ALA A 344 -33.43 -7.31 -14.00
C ALA A 344 -32.88 -6.55 -12.80
N LEU A 345 -31.78 -5.81 -12.98
CA LEU A 345 -31.16 -5.14 -11.83
C LEU A 345 -31.48 -3.65 -11.75
N GLU A 346 -31.65 -3.16 -10.52
CA GLU A 346 -31.85 -1.73 -10.29
C GLU A 346 -30.63 -0.95 -10.75
N TRP A 347 -30.87 0.29 -11.17
CA TRP A 347 -29.81 1.17 -11.61
C TRP A 347 -28.69 1.36 -10.56
N LYS A 348 -29.06 1.61 -9.30
CA LYS A 348 -28.08 1.88 -8.26
C LYS A 348 -27.09 0.71 -8.07
N VAL A 349 -27.56 -0.50 -8.36
CA VAL A 349 -26.74 -1.70 -8.35
C VAL A 349 -25.72 -1.70 -9.50
N LYS A 350 -26.19 -1.30 -10.68
CA LYS A 350 -25.34 -1.12 -11.84
C LYS A 350 -24.37 0.04 -11.65
N LEU A 351 -24.84 1.16 -11.11
CA LEU A 351 -23.98 2.31 -10.88
C LEU A 351 -22.82 1.98 -9.92
N GLU A 352 -23.15 1.32 -8.81
CA GLU A 352 -22.18 0.96 -7.80
C GLU A 352 -21.10 0.06 -8.35
N MET A 353 -21.49 -0.96 -9.09
CA MET A 353 -20.55 -1.88 -9.73
C MET A 353 -19.62 -1.16 -10.73
N ALA A 354 -20.21 -0.26 -11.50
CA ALA A 354 -19.47 0.57 -12.45
C ALA A 354 -18.44 1.50 -11.77
N MET A 355 -18.81 2.09 -10.62
CA MET A 355 -17.92 2.99 -9.89
C MET A 355 -16.72 2.26 -9.33
N GLN A 356 -16.98 1.11 -8.69
CA GLN A 356 -15.99 0.18 -8.16
C GLN A 356 -14.92 -0.17 -9.16
N THR A 357 -15.39 -0.48 -10.36
CA THR A 357 -14.58 -0.93 -11.47
C THR A 357 -13.63 0.20 -11.90
N LYS A 358 -14.19 1.39 -12.03
CA LYS A 358 -13.41 2.51 -12.48
C LYS A 358 -12.35 2.83 -11.45
N ILE A 359 -12.76 2.89 -10.18
CA ILE A 359 -11.83 3.16 -9.09
C ILE A 359 -10.71 2.13 -9.04
N TYR A 360 -11.07 0.85 -9.01
CA TYR A 360 -10.06 -0.18 -8.82
C TYR A 360 -9.12 -0.29 -10.00
N THR A 361 -9.66 -0.53 -11.19
CA THR A 361 -8.84 -0.81 -12.38
C THR A 361 -7.86 0.33 -12.71
N THR A 362 -8.31 1.56 -12.49
CA THR A 362 -7.51 2.72 -12.82
C THR A 362 -6.38 2.99 -11.82
N ASP A 363 -6.65 2.86 -10.52
CA ASP A 363 -5.64 3.00 -9.46
C ASP A 363 -4.55 1.91 -9.55
N VAL A 364 -5.02 0.70 -9.76
CA VAL A 364 -4.20 -0.48 -9.80
C VAL A 364 -3.32 -0.54 -11.11
N ALA A 365 -3.82 0.02 -12.21
CA ALA A 365 -3.02 0.08 -13.44
C ALA A 365 -1.77 0.95 -13.27
N VAL A 366 -1.87 2.03 -12.50
CA VAL A 366 -0.71 2.86 -12.17
C VAL A 366 0.39 2.07 -11.41
N GLU A 367 0.01 1.33 -10.35
CA GLU A 367 0.94 0.48 -9.60
C GLU A 367 1.61 -0.59 -10.47
N CYS A 368 0.80 -1.19 -11.34
CA CYS A 368 1.25 -2.22 -12.23
C CYS A 368 2.41 -1.73 -13.16
N VAL A 369 2.24 -0.56 -13.78
CA VAL A 369 3.25 0.01 -14.68
C VAL A 369 4.52 0.37 -13.91
N ILE A 370 4.34 0.98 -12.75
CA ILE A 370 5.43 1.41 -11.90
C ILE A 370 6.24 0.21 -11.39
N ASP A 371 5.57 -0.84 -10.98
CA ASP A 371 6.23 -2.06 -10.50
C ASP A 371 6.98 -2.75 -11.63
N ALA A 372 6.35 -2.80 -12.81
CA ALA A 372 7.02 -3.29 -14.02
C ALA A 372 8.32 -2.51 -14.29
N MET A 373 8.28 -1.17 -14.19
CA MET A 373 9.48 -0.34 -14.38
C MET A 373 10.57 -0.62 -13.35
N LYS A 374 10.16 -0.81 -12.09
CA LYS A 374 11.10 -1.09 -11.01
C LYS A 374 11.80 -2.44 -11.22
N ALA A 375 11.04 -3.39 -11.76
CA ALA A 375 11.53 -4.73 -12.04
C ALA A 375 12.52 -4.77 -13.23
N VAL A 376 12.24 -3.96 -14.25
CA VAL A 376 13.12 -3.85 -15.40
C VAL A 376 14.39 -3.09 -14.98
N GLY A 377 14.19 -2.09 -14.12
CA GLY A 377 15.28 -1.31 -13.58
C GLY A 377 15.51 -0.08 -14.42
N MET A 378 16.77 0.40 -14.41
CA MET A 378 17.15 1.64 -15.08
C MET A 378 16.79 1.75 -16.56
N LYS A 379 16.83 0.63 -17.28
CA LYS A 379 16.51 0.60 -18.72
C LYS A 379 15.08 1.01 -19.04
N SER A 380 14.17 0.92 -18.04
CA SER A 380 12.75 1.24 -18.26
C SER A 380 12.58 2.73 -18.45
N TYR A 381 13.61 3.50 -18.08
CA TYR A 381 13.53 4.95 -18.01
C TYR A 381 13.88 5.66 -19.31
N ALA A 382 14.37 4.91 -20.29
CA ALA A 382 14.77 5.47 -21.59
C ALA A 382 13.76 5.13 -22.66
N LYS A 383 13.58 6.05 -23.59
CA LYS A 383 12.50 5.96 -24.57
C LYS A 383 12.69 4.93 -25.69
N ASP A 384 13.72 4.09 -25.58
CA ASP A 384 13.83 2.92 -26.44
C ASP A 384 13.10 1.69 -25.86
N MET A 385 12.51 1.87 -24.67
CA MET A 385 11.48 0.96 -24.14
C MET A 385 10.15 1.74 -24.09
N SER A 386 9.04 1.02 -23.91
CA SER A 386 7.70 1.62 -23.97
C SER A 386 7.33 2.37 -22.71
N PHE A 387 8.00 2.02 -21.62
CA PHE A 387 7.62 2.48 -20.26
C PHE A 387 7.39 3.97 -20.10
N PRO A 388 8.31 4.82 -20.59
CA PRO A 388 8.06 6.27 -20.40
C PRO A 388 6.74 6.75 -21.02
N ARG A 389 6.37 6.18 -22.16
CA ARG A 389 5.05 6.41 -22.73
C ARG A 389 3.98 5.80 -21.82
N LEU A 390 4.18 4.54 -21.39
CA LEU A 390 3.17 3.82 -20.60
C LEU A 390 2.86 4.54 -19.27
N LEU A 391 3.91 5.10 -18.64
CA LEU A 391 3.78 5.81 -17.36
C LEU A 391 2.89 7.02 -17.45
N ASN A 392 3.10 7.80 -18.52
CA ASN A 392 2.37 9.03 -18.74
C ASN A 392 0.92 8.74 -19.14
N GLU A 393 0.73 7.67 -19.91
CA GLU A 393 -0.61 7.31 -20.36
C GLU A 393 -1.48 6.72 -19.24
N VAL A 394 -0.86 5.88 -18.41
CA VAL A 394 -1.57 5.23 -17.29
C VAL A 394 -2.08 6.23 -16.23
N MET A 395 -1.31 7.29 -15.98
CA MET A 395 -1.68 8.33 -15.00
C MET A 395 -2.89 9.16 -15.39
N CYS A 396 -3.35 8.96 -16.62
CA CYS A 396 -4.55 9.59 -17.08
C CYS A 396 -5.77 8.91 -16.45
N TYR A 397 -5.68 7.60 -16.32
CA TYR A 397 -6.85 6.81 -16.03
C TYR A 397 -7.55 7.06 -14.67
N PRO A 398 -6.78 7.16 -13.55
CA PRO A 398 -7.40 7.59 -12.28
C PRO A 398 -8.00 8.99 -12.31
N LEU A 399 -7.51 9.83 -13.23
CA LEU A 399 -7.91 11.25 -13.24
C LEU A 399 -9.08 11.56 -14.16
N PHE A 400 -9.15 10.86 -15.28
CA PHE A 400 -10.07 11.21 -16.35
C PHE A 400 -11.39 10.45 -16.19
N ASN A 401 -12.35 10.73 -17.06
CA ASN A 401 -13.67 10.10 -17.04
C ASN A 401 -14.27 10.09 -15.63
N GLY A 402 -14.26 11.25 -14.99
CA GLY A 402 -14.67 11.37 -13.59
C GLY A 402 -13.56 10.82 -12.73
N GLY A 403 -12.79 11.71 -12.13
CA GLY A 403 -11.67 11.30 -11.28
C GLY A 403 -12.15 10.48 -10.12
N ASN A 404 -11.29 9.61 -9.63
CA ASN A 404 -11.67 8.71 -8.56
C ASN A 404 -12.00 9.46 -7.29
N ILE A 405 -11.17 10.45 -6.95
CA ILE A 405 -11.26 11.12 -5.64
C ILE A 405 -12.47 12.02 -5.55
N GLY A 406 -12.72 12.81 -6.60
CA GLY A 406 -13.78 13.80 -6.55
C GLY A 406 -15.14 13.31 -7.01
N LEU A 407 -15.14 12.38 -7.95
CA LEU A 407 -16.39 11.97 -8.58
C LEU A 407 -16.81 10.54 -8.26
N ARG A 408 -15.99 9.57 -8.71
CA ARG A 408 -16.38 8.17 -8.66
C ARG A 408 -16.59 7.63 -7.23
N ARG A 409 -15.70 7.98 -6.30
CA ARG A 409 -15.84 7.54 -4.91
C ARG A 409 -17.06 8.19 -4.24
N ARG A 410 -17.41 9.39 -4.69
CA ARG A 410 -18.54 10.14 -4.13
C ARG A 410 -19.84 9.58 -4.67
N GLN A 411 -19.87 9.25 -5.96
CA GLN A 411 -21.02 8.52 -6.53
C GLN A 411 -21.23 7.18 -5.84
N MET A 412 -20.16 6.43 -5.57
CA MET A 412 -20.29 5.15 -4.91
C MET A 412 -20.73 5.35 -3.43
N GLN A 413 -20.14 6.32 -2.75
CA GLN A 413 -20.49 6.65 -1.38
C GLN A 413 -21.99 6.98 -1.25
N ARG A 414 -22.54 7.69 -2.22
CA ARG A 414 -23.93 8.12 -2.17
C ARG A 414 -24.85 6.89 -2.25
N VAL A 415 -24.49 5.93 -3.09
CA VAL A 415 -25.28 4.71 -3.17
C VAL A 415 -25.19 3.87 -1.88
N MET A 416 -24.00 3.77 -1.32
CA MET A 416 -23.78 2.99 -0.11
C MET A 416 -24.55 3.58 1.06
N ALA A 417 -24.76 4.89 1.06
CA ALA A 417 -25.47 5.59 2.14
C ALA A 417 -26.99 5.37 2.13
N LEU A 418 -27.55 4.99 0.98
CA LEU A 418 -28.99 4.78 0.82
C LEU A 418 -29.52 3.72 1.78
N GLU A 419 -30.74 3.93 2.26
CA GLU A 419 -31.38 3.02 3.21
C GLU A 419 -31.57 1.62 2.62
N ASP A 420 -31.80 1.53 1.32
CA ASP A 420 -32.07 0.27 0.66
C ASP A 420 -30.87 -0.38 -0.10
N TYR A 421 -29.66 0.05 0.25
CA TYR A 421 -28.44 -0.46 -0.41
C TYR A 421 -28.26 -1.95 -0.13
N GLU A 422 -28.14 -2.72 -1.21
CA GLU A 422 -27.82 -4.15 -1.13
C GLU A 422 -26.44 -4.41 -1.74
N PRO A 423 -25.42 -4.53 -0.88
CA PRO A 423 -24.06 -4.71 -1.33
C PRO A 423 -23.84 -5.77 -2.43
N TRP A 424 -24.51 -6.93 -2.32
CA TRP A 424 -24.27 -8.07 -3.20
C TRP A 424 -25.37 -8.35 -4.22
N ALA A 425 -26.23 -7.36 -4.50
CA ALA A 425 -27.38 -7.62 -5.37
C ALA A 425 -26.95 -8.06 -6.78
N ALA A 426 -25.78 -7.58 -7.24
CA ALA A 426 -25.24 -7.96 -8.55
C ALA A 426 -24.70 -9.39 -8.60
N THR A 427 -24.53 -9.99 -7.43
CA THR A 427 -23.96 -11.33 -7.31
C THR A 427 -25.02 -12.35 -6.91
N TYR A 428 -25.80 -12.01 -5.89
CA TYR A 428 -26.70 -12.98 -5.30
C TYR A 428 -28.20 -12.65 -5.54
N GLY A 429 -28.48 -11.61 -6.34
CA GLY A 429 -29.84 -11.11 -6.52
C GLY A 429 -30.32 -10.23 -5.36
N SER A 430 -31.42 -9.51 -5.55
CA SER A 430 -31.96 -8.67 -4.47
C SER A 430 -33.07 -9.33 -3.64
N SER A 431 -33.26 -8.83 -2.42
CA SER A 431 -34.28 -9.31 -1.48
C SER A 431 -35.55 -8.44 -1.48
N VAL B 1 20.12 15.08 21.59
CA VAL B 1 19.36 15.04 20.30
C VAL B 1 18.68 16.38 20.06
N ASP B 2 19.05 17.00 18.95
CA ASP B 2 18.68 18.36 18.62
C ASP B 2 18.40 18.48 17.12
N PHE B 3 17.38 19.23 16.74
CA PHE B 3 17.03 19.40 15.32
C PHE B 3 17.20 20.82 14.80
N LYS B 4 17.75 21.70 15.64
CA LYS B 4 17.87 23.11 15.28
C LYS B 4 18.97 23.34 14.23
N LEU B 5 18.66 24.24 13.30
CA LEU B 5 19.57 24.62 12.23
C LEU B 5 20.40 25.82 12.66
N SER B 6 21.69 25.78 12.37
CA SER B 6 22.61 26.88 12.68
C SER B 6 22.41 28.01 11.66
N PRO B 7 22.95 29.23 11.95
CA PRO B 7 22.85 30.30 10.97
C PRO B 7 23.47 29.96 9.61
N SER B 8 24.53 29.16 9.61
CA SER B 8 25.21 28.78 8.36
C SER B 8 24.35 27.80 7.55
N GLN B 9 23.63 26.94 8.27
CA GLN B 9 22.65 26.03 7.66
C GLN B 9 21.47 26.82 7.09
N LEU B 10 21.02 27.83 7.82
CA LEU B 10 19.96 28.70 7.31
C LEU B 10 20.42 29.53 6.11
N GLU B 11 21.65 30.03 6.17
CA GLU B 11 22.24 30.77 5.05
C GLU B 11 22.40 29.92 3.77
N ALA B 12 22.85 28.68 3.94
CA ALA B 12 23.01 27.78 2.79
C ALA B 12 21.68 27.53 2.06
N ARG B 13 20.59 27.50 2.83
CA ARG B 13 19.24 27.32 2.30
C ARG B 13 18.76 28.57 1.56
N ARG B 14 18.90 29.72 2.22
CA ARG B 14 18.61 31.01 1.59
C ARG B 14 19.40 31.14 0.28
N HIS B 15 20.72 30.94 0.38
CA HIS B 15 21.57 31.01 -0.78
C HIS B 15 21.07 30.11 -1.92
N ALA B 16 20.85 28.83 -1.62
CA ALA B 16 20.41 27.86 -2.63
C ALA B 16 19.05 28.22 -3.21
N GLN B 17 18.16 28.71 -2.35
CA GLN B 17 16.86 29.24 -2.77
C GLN B 17 17.01 30.40 -3.75
N ALA B 18 17.82 31.40 -3.38
CA ALA B 18 18.06 32.55 -4.23
C ALA B 18 18.60 32.12 -5.59
N PHE B 19 19.52 31.17 -5.58
CA PHE B 19 20.12 30.67 -6.83
C PHE B 19 19.08 30.00 -7.72
N ALA B 20 18.34 29.05 -7.16
CA ALA B 20 17.28 28.35 -7.90
C ALA B 20 16.25 29.31 -8.49
N ASN B 21 15.83 30.29 -7.70
CA ASN B 21 14.81 31.24 -8.16
C ASN B 21 15.27 32.27 -9.18
N THR B 22 16.51 32.77 -9.05
CA THR B 22 17.01 33.79 -9.97
C THR B 22 17.70 33.22 -11.21
N VAL B 23 18.29 32.04 -11.08
CA VAL B 23 19.06 31.46 -12.17
C VAL B 23 18.35 30.25 -12.79
N LEU B 24 18.05 29.25 -11.97
CA LEU B 24 17.46 28.00 -12.48
C LEU B 24 16.08 28.15 -13.15
N THR B 25 15.26 29.07 -12.67
CA THR B 25 13.95 29.35 -13.29
C THR B 25 14.03 29.80 -14.75
N LYS B 26 15.19 30.31 -15.16
CA LYS B 26 15.38 30.82 -16.52
C LYS B 26 15.84 29.73 -17.50
N ALA B 27 16.33 28.62 -16.97
CA ALA B 27 16.90 27.52 -17.77
C ALA B 27 15.92 26.93 -18.81
N SER B 28 14.67 26.75 -18.40
CA SER B 28 13.65 26.13 -19.24
C SER B 28 13.44 26.84 -20.57
N ALA B 29 13.45 28.17 -20.56
CA ALA B 29 13.34 28.97 -21.80
C ALA B 29 14.41 28.59 -22.84
N GLU B 30 15.60 28.24 -22.36
CA GLU B 30 16.70 27.79 -23.22
C GLU B 30 16.59 26.35 -23.68
N TYR B 31 16.43 25.40 -22.75
CA TYR B 31 16.49 23.97 -23.12
C TYR B 31 15.24 23.41 -23.81
N SER B 32 14.09 24.05 -23.59
CA SER B 32 12.82 23.59 -24.15
C SER B 32 12.78 23.68 -25.67
N THR B 33 13.58 24.57 -26.25
CA THR B 33 13.63 24.76 -27.70
C THR B 33 14.46 23.71 -28.41
N GLN B 34 15.32 23.02 -27.66
CA GLN B 34 16.27 22.05 -28.23
C GLN B 34 15.61 20.72 -28.53
N LYS B 35 16.08 20.04 -29.59
CA LYS B 35 15.37 18.84 -30.09
C LYS B 35 15.88 17.46 -29.64
N ASP B 36 16.94 17.41 -28.83
CA ASP B 36 17.48 16.12 -28.38
C ASP B 36 18.14 16.25 -27.00
N GLN B 37 18.43 15.10 -26.37
CA GLN B 37 18.97 15.08 -25.01
C GLN B 37 20.25 15.92 -24.87
N LEU B 38 21.22 15.70 -25.76
CA LEU B 38 22.52 16.39 -25.71
C LEU B 38 22.38 17.90 -25.89
N SER B 39 21.61 18.32 -26.89
CA SER B 39 21.31 19.74 -27.10
C SER B 39 20.74 20.41 -25.85
N ARG B 40 19.77 19.76 -25.20
CA ARG B 40 19.16 20.29 -23.99
C ARG B 40 20.21 20.38 -22.89
N PHE B 41 21.04 19.36 -22.78
CA PHE B 41 22.12 19.37 -21.81
C PHE B 41 23.09 20.53 -22.05
N GLN B 42 23.50 20.75 -23.30
CA GLN B 42 24.44 21.83 -23.65
C GLN B 42 23.83 23.19 -23.41
N ALA B 43 22.52 23.29 -23.63
CA ALA B 43 21.77 24.49 -23.32
C ALA B 43 21.81 24.87 -21.82
N THR B 44 22.18 23.93 -20.95
CA THR B 44 22.26 24.21 -19.50
C THR B 44 23.62 24.73 -19.04
N ARG B 45 24.57 24.79 -19.99
CA ARG B 45 25.95 25.18 -19.70
C ARG B 45 26.05 26.54 -19.02
N PRO B 46 25.38 27.58 -19.58
CA PRO B 46 25.37 28.88 -18.91
C PRO B 46 24.93 28.82 -17.44
N PHE B 47 24.05 27.88 -17.12
CA PHE B 47 23.49 27.79 -15.76
C PHE B 47 24.42 27.02 -14.82
N TYR B 48 25.13 26.03 -15.35
CA TYR B 48 26.21 25.38 -14.60
C TYR B 48 27.36 26.37 -14.31
N ARG B 49 27.71 27.19 -15.31
CA ARG B 49 28.69 28.29 -15.14
C ARG B 49 28.27 29.20 -14.00
N GLU B 50 27.01 29.60 -13.98
CA GLU B 50 26.47 30.36 -12.85
C GLU B 50 26.61 29.63 -11.51
N ALA B 51 26.34 28.33 -11.50
CA ALA B 51 26.49 27.49 -10.31
C ALA B 51 27.92 27.48 -9.77
N VAL B 52 28.89 27.39 -10.69
CA VAL B 52 30.31 27.48 -10.34
C VAL B 52 30.58 28.87 -9.74
N ARG B 53 30.12 29.91 -10.42
CA ARG B 53 30.26 31.30 -9.96
C ARG B 53 29.63 31.56 -8.57
N HIS B 54 28.63 30.77 -8.20
CA HIS B 54 28.02 30.84 -6.86
C HIS B 54 28.72 29.94 -5.85
N GLY B 55 29.71 29.20 -6.33
CA GLY B 55 30.57 28.39 -5.48
C GLY B 55 29.96 27.04 -5.18
N LEU B 56 28.98 26.63 -5.99
CA LEU B 56 28.20 25.40 -5.72
C LEU B 56 28.97 24.12 -6.03
N ILE B 57 29.84 24.18 -7.04
CA ILE B 57 30.81 23.10 -7.29
C ILE B 57 31.88 23.01 -6.20
N LYS B 58 32.41 24.17 -5.80
CA LYS B 58 33.41 24.20 -4.74
C LYS B 58 32.83 23.59 -3.46
N ALA B 59 31.53 23.78 -3.24
CA ALA B 59 30.84 23.27 -2.04
C ALA B 59 30.57 21.76 -2.07
N GLN B 60 30.92 21.09 -3.15
CA GLN B 60 30.85 19.63 -3.23
C GLN B 60 32.11 18.94 -2.72
N VAL B 61 33.11 19.74 -2.34
CA VAL B 61 34.44 19.25 -1.93
C VAL B 61 34.69 19.65 -0.48
N PRO B 62 35.14 18.71 0.37
CA PRO B 62 35.40 19.10 1.76
C PRO B 62 36.41 20.26 1.91
N ILE B 63 36.29 20.98 3.02
CA ILE B 63 37.17 22.11 3.33
C ILE B 63 38.64 21.68 3.44
N PRO B 64 38.93 20.54 4.13
CA PRO B 64 40.31 20.02 4.18
C PRO B 64 40.97 19.83 2.81
N LEU B 65 40.15 19.61 1.79
CA LEU B 65 40.63 19.40 0.44
C LEU B 65 40.51 20.68 -0.40
N GLY B 66 40.24 21.81 0.25
CA GLY B 66 40.21 23.12 -0.42
C GLY B 66 38.86 23.55 -0.98
N GLY B 67 37.81 22.78 -0.71
CA GLY B 67 36.45 23.16 -1.13
C GLY B 67 35.72 23.81 0.02
N THR B 68 34.42 23.98 -0.11
CA THR B 68 33.66 24.73 0.89
C THR B 68 32.52 23.95 1.54
N MET B 69 32.53 22.63 1.41
CA MET B 69 31.49 21.83 2.04
C MET B 69 31.55 22.00 3.57
N GLU B 70 30.43 22.42 4.16
CA GLU B 70 30.35 22.64 5.60
C GLU B 70 29.92 21.39 6.34
N SER B 71 28.92 20.69 5.79
CA SER B 71 28.50 19.37 6.28
C SER B 71 27.60 18.67 5.27
N LEU B 72 27.32 17.40 5.54
CA LEU B 72 26.35 16.65 4.76
C LEU B 72 24.90 17.13 4.94
N VAL B 73 24.58 17.67 6.12
CA VAL B 73 23.27 18.30 6.37
C VAL B 73 23.11 19.58 5.56
N HIS B 74 24.17 20.39 5.51
CA HIS B 74 24.20 21.59 4.66
C HIS B 74 23.88 21.17 3.23
N GLU B 75 24.57 20.12 2.79
CA GLU B 75 24.46 19.60 1.42
C GLU B 75 23.03 19.08 1.11
N SER B 76 22.43 18.37 2.06
CA SER B 76 21.03 17.87 1.98
C SER B 76 20.05 19.02 1.80
N ILE B 77 20.23 20.06 2.61
CA ILE B 77 19.41 21.25 2.58
C ILE B 77 19.52 21.97 1.24
N ILE B 78 20.73 22.10 0.71
CA ILE B 78 20.98 22.71 -0.60
C ILE B 78 20.30 21.93 -1.73
N LEU B 79 20.48 20.61 -1.71
CA LEU B 79 19.94 19.79 -2.79
C LEU B 79 18.41 19.76 -2.79
N GLU B 80 17.82 19.80 -1.59
CA GLU B 80 16.36 19.88 -1.48
C GLU B 80 15.82 21.14 -2.17
N GLU B 81 16.41 22.30 -1.86
CA GLU B 81 15.95 23.58 -2.40
C GLU B 81 16.14 23.66 -3.91
N LEU B 82 17.27 23.14 -4.37
CA LEU B 82 17.55 23.10 -5.80
C LEU B 82 16.54 22.23 -6.54
N PHE B 83 16.37 20.98 -6.09
CA PHE B 83 15.46 20.07 -6.78
C PHE B 83 13.96 20.45 -6.69
N ALA B 84 13.61 21.26 -5.70
CA ALA B 84 12.24 21.74 -5.52
C ALA B 84 11.84 22.72 -6.61
N VAL B 85 12.84 23.30 -7.27
CA VAL B 85 12.59 24.30 -8.29
C VAL B 85 12.90 23.75 -9.68
N GLU B 86 14.10 23.17 -9.85
CA GLU B 86 14.54 22.81 -11.20
C GLU B 86 15.74 21.85 -11.15
N PRO B 87 15.52 20.57 -11.51
CA PRO B 87 16.56 19.54 -11.57
C PRO B 87 17.55 19.66 -12.73
N ALA B 88 17.26 20.49 -13.73
CA ALA B 88 18.28 20.86 -14.73
C ALA B 88 19.44 21.61 -14.07
N THR B 89 20.68 21.25 -14.44
CA THR B 89 21.91 21.79 -13.84
C THR B 89 22.14 21.24 -12.44
N SER B 90 21.10 21.25 -11.63
CA SER B 90 21.14 20.69 -10.27
C SER B 90 21.61 19.24 -10.32
N ILE B 91 21.19 18.54 -11.36
CA ILE B 91 21.60 17.15 -11.58
C ILE B 91 23.08 17.06 -11.94
N THR B 92 23.57 18.07 -12.68
CA THR B 92 24.97 18.13 -13.14
C THR B 92 25.93 18.40 -11.98
N ILE B 93 25.52 19.27 -11.06
CA ILE B 93 26.28 19.51 -9.84
C ILE B 93 26.46 18.20 -9.07
N VAL B 94 25.39 17.46 -8.97
CA VAL B 94 25.29 16.29 -8.12
C VAL B 94 26.05 15.10 -8.73
N ALA B 95 25.93 14.95 -10.06
CA ALA B 95 26.74 13.98 -10.83
C ALA B 95 28.26 14.26 -10.69
N THR B 96 28.65 15.52 -10.83
CA THR B 96 30.04 15.93 -10.58
C THR B 96 30.45 15.55 -9.14
N ALA B 97 29.58 15.83 -8.17
CA ALA B 97 29.90 15.51 -6.77
C ALA B 97 30.16 14.02 -6.58
N LEU B 98 29.32 13.19 -7.20
CA LEU B 98 29.54 11.74 -7.19
C LEU B 98 30.87 11.33 -7.88
N GLY B 99 31.14 11.96 -9.03
CA GLY B 99 32.41 11.80 -9.76
C GLY B 99 33.65 12.10 -8.93
N LEU B 100 33.59 13.16 -8.11
CA LEU B 100 34.71 13.57 -7.26
C LEU B 100 34.91 12.70 -6.07
N MET B 101 33.85 12.01 -5.65
CA MET B 101 33.83 11.27 -4.40
C MET B 101 34.97 10.25 -4.20
N PRO B 102 35.22 9.40 -5.20
CA PRO B 102 36.28 8.40 -4.97
C PRO B 102 37.67 9.04 -4.76
N VAL B 103 37.91 10.18 -5.40
CA VAL B 103 39.13 10.96 -5.14
C VAL B 103 39.11 11.55 -3.74
N ILE B 104 38.01 12.20 -3.40
CA ILE B 104 37.81 12.78 -2.06
C ILE B 104 38.08 11.75 -0.98
N LEU B 105 37.77 10.49 -1.28
CA LEU B 105 37.82 9.45 -0.27
C LEU B 105 39.14 8.69 -0.19
N CYS B 106 40.01 8.84 -1.19
CA CYS B 106 41.21 8.01 -1.28
C CYS B 106 42.33 8.38 -0.28
N ASP B 107 43.37 7.56 -0.25
CA ASP B 107 44.49 7.70 0.69
C ASP B 107 45.65 8.54 0.15
N SER B 108 45.39 9.34 -0.89
CA SER B 108 46.47 9.96 -1.69
C SER B 108 46.32 11.47 -1.89
N PRO B 109 46.84 12.26 -0.92
CA PRO B 109 46.82 13.72 -0.98
C PRO B 109 47.36 14.29 -2.28
N SER B 110 48.34 13.61 -2.89
CA SER B 110 48.90 14.03 -4.18
C SER B 110 47.90 13.87 -5.34
N LEU B 111 47.14 12.77 -5.32
CA LEU B 111 46.06 12.55 -6.30
C LEU B 111 44.91 13.54 -6.05
N GLN B 112 44.59 13.72 -4.78
CA GLN B 112 43.58 14.70 -4.33
C GLN B 112 43.95 16.11 -4.79
N GLU B 113 45.17 16.54 -4.49
CA GLU B 113 45.68 17.85 -4.93
C GLU B 113 45.57 18.04 -6.44
N LYS B 114 45.99 17.01 -7.18
CA LYS B 114 46.06 17.10 -8.64
C LYS B 114 44.68 17.15 -9.33
N PHE B 115 43.81 16.21 -8.95
CA PHE B 115 42.57 16.00 -9.70
C PHE B 115 41.38 16.86 -9.27
N LEU B 116 41.38 17.32 -8.03
CA LEU B 116 40.29 18.13 -7.51
C LEU B 116 40.44 19.59 -7.92
N LYS B 117 41.66 19.98 -8.25
CA LYS B 117 42.05 21.38 -8.49
C LYS B 117 41.09 22.23 -9.35
N PRO B 118 40.66 21.73 -10.52
CA PRO B 118 39.77 22.57 -11.31
C PRO B 118 38.37 22.81 -10.67
N PHE B 119 37.98 21.95 -9.74
CA PHE B 119 36.65 21.99 -9.11
C PHE B 119 36.55 22.99 -7.94
N ILE B 120 37.68 23.23 -7.28
CA ILE B 120 37.78 24.19 -6.19
C ILE B 120 38.24 25.59 -6.62
N SER B 121 38.38 25.77 -7.93
CA SER B 121 38.94 27.01 -8.49
C SER B 121 37.93 28.16 -8.51
N GLY B 122 36.70 27.87 -8.93
CA GLY B 122 35.63 28.86 -8.95
C GLY B 122 35.45 29.51 -10.30
N GLU B 123 36.05 28.91 -11.32
CA GLU B 123 35.97 29.42 -12.68
C GLU B 123 35.73 28.28 -13.67
N GLY B 124 35.22 28.62 -14.85
CA GLY B 124 34.92 27.63 -15.88
C GLY B 124 33.72 26.75 -15.53
N GLU B 125 33.62 25.61 -16.22
CA GLU B 125 32.51 24.67 -16.06
C GLU B 125 33.00 23.23 -15.93
N PRO B 126 33.82 22.92 -14.90
CA PRO B 126 34.37 21.56 -14.83
C PRO B 126 33.34 20.49 -14.42
N LEU B 127 33.39 19.35 -15.11
CA LEU B 127 32.49 18.23 -14.88
C LEU B 127 33.25 17.01 -14.37
N ALA B 128 32.68 16.32 -13.39
CA ALA B 128 33.17 15.00 -12.98
C ALA B 128 32.10 13.93 -13.21
N SER B 129 32.55 12.68 -13.29
CA SER B 129 31.64 11.57 -13.54
C SER B 129 32.24 10.28 -13.02
N LEU B 130 31.49 9.57 -12.19
CA LEU B 130 31.87 8.27 -11.73
C LEU B 130 31.24 7.29 -12.70
N MET B 131 32.08 6.65 -13.50
CA MET B 131 31.63 5.78 -14.57
C MET B 131 31.64 4.33 -14.11
N HIS B 132 30.47 3.86 -13.66
CA HIS B 132 30.33 2.52 -13.14
C HIS B 132 29.35 1.67 -13.96
N SER B 133 28.22 2.28 -14.35
CA SER B 133 27.12 1.57 -15.01
C SER B 133 27.45 1.17 -16.46
N GLU B 134 26.93 0.00 -16.85
CA GLU B 134 27.21 -0.61 -18.15
C GLU B 134 25.91 -1.05 -18.87
N PRO B 135 25.97 -1.23 -20.21
CA PRO B 135 24.79 -1.65 -20.98
C PRO B 135 24.13 -2.96 -20.50
N ASN B 136 24.93 -3.87 -19.96
CA ASN B 136 24.45 -5.17 -19.50
C ASN B 136 23.96 -5.19 -18.05
N GLY B 137 23.99 -4.05 -17.38
CA GLY B 137 23.61 -3.93 -15.98
C GLY B 137 24.78 -4.08 -15.01
N THR B 138 24.54 -3.70 -13.75
CA THR B 138 25.56 -3.76 -12.70
C THR B 138 25.09 -4.35 -11.38
N ALA B 139 23.79 -4.65 -11.25
CA ALA B 139 23.26 -5.20 -9.97
C ALA B 139 24.01 -6.44 -9.48
N ASN B 140 24.55 -7.20 -10.43
CA ASN B 140 25.31 -8.40 -10.09
C ASN B 140 26.84 -8.27 -10.29
N TRP B 141 27.33 -7.04 -10.46
CA TRP B 141 28.77 -6.80 -10.66
C TRP B 141 29.67 -7.54 -9.67
N LEU B 142 29.23 -7.72 -8.41
CA LEU B 142 30.04 -8.43 -7.40
C LEU B 142 29.71 -9.92 -7.20
N GLN B 143 28.86 -10.48 -8.05
CA GLN B 143 28.47 -11.89 -7.94
C GLN B 143 29.63 -12.83 -8.32
N LYS B 144 30.05 -13.66 -7.37
CA LYS B 144 31.02 -14.71 -7.66
C LYS B 144 30.41 -15.75 -8.60
N GLY B 145 31.12 -16.05 -9.69
CA GLY B 145 30.63 -17.01 -10.67
C GLY B 145 29.86 -16.35 -11.81
N GLY B 146 29.68 -15.03 -11.69
CA GLY B 146 29.05 -14.25 -12.74
C GLY B 146 30.08 -13.60 -13.65
N PRO B 147 29.63 -13.03 -14.77
CA PRO B 147 30.53 -12.39 -15.76
C PRO B 147 31.24 -11.09 -15.31
N GLY B 148 30.83 -10.52 -14.17
CA GLY B 148 31.40 -9.28 -13.66
C GLY B 148 31.31 -8.11 -14.63
N LEU B 149 31.95 -7.00 -14.28
CA LEU B 149 31.94 -5.83 -15.18
C LEU B 149 32.45 -6.18 -16.58
N GLN B 150 31.86 -5.54 -17.59
CA GLN B 150 32.26 -5.76 -18.97
C GLN B 150 33.17 -4.64 -19.50
N THR B 151 33.47 -3.69 -18.62
CA THR B 151 34.55 -2.76 -18.86
C THR B 151 35.73 -3.28 -18.06
N THR B 152 36.78 -3.66 -18.78
CA THR B 152 37.94 -4.31 -18.18
C THR B 152 39.24 -3.56 -18.41
N ALA B 153 40.20 -3.76 -17.51
CA ALA B 153 41.51 -3.14 -17.61
C ALA B 153 42.65 -4.15 -17.48
N ARG B 154 43.66 -4.01 -18.35
CA ARG B 154 44.92 -4.78 -18.24
C ARG B 154 46.11 -3.82 -18.19
N LYS B 155 47.12 -4.18 -17.43
CA LYS B 155 48.36 -3.38 -17.32
C LYS B 155 49.33 -3.75 -18.45
N VAL B 156 49.69 -2.77 -19.28
CA VAL B 156 50.57 -3.01 -20.43
C VAL B 156 51.76 -2.05 -20.38
N GLY B 157 52.85 -2.55 -19.80
CA GLY B 157 54.02 -1.72 -19.54
C GLY B 157 53.77 -0.89 -18.29
N ASN B 158 53.73 0.41 -18.49
CA ASN B 158 53.51 1.36 -17.40
C ASN B 158 52.18 2.10 -17.57
N GLU B 159 51.38 1.64 -18.54
CA GLU B 159 50.03 2.12 -18.74
C GLU B 159 49.02 1.01 -18.42
N TRP B 160 47.75 1.42 -18.26
CA TRP B 160 46.62 0.49 -18.17
C TRP B 160 45.83 0.66 -19.44
N VAL B 161 45.21 -0.43 -19.89
CA VAL B 161 44.42 -0.45 -21.13
C VAL B 161 42.98 -0.84 -20.85
N ILE B 162 42.05 0.03 -21.28
CA ILE B 162 40.64 -0.16 -21.00
C ILE B 162 39.89 -0.70 -22.20
N SER B 163 39.21 -1.83 -21.98
CA SER B 163 38.37 -2.45 -22.99
C SER B 163 36.96 -2.60 -22.42
N GLY B 164 35.97 -2.03 -23.10
CA GLY B 164 34.59 -2.16 -22.64
C GLY B 164 33.67 -0.98 -22.85
N GLU B 165 32.45 -1.10 -22.33
CA GLU B 165 31.42 -0.08 -22.53
C GLU B 165 30.80 0.41 -21.24
N LYS B 166 30.46 1.69 -21.23
CA LYS B 166 29.71 2.27 -20.14
C LYS B 166 28.40 2.84 -20.68
N LEU B 167 27.38 2.83 -19.82
CA LEU B 167 26.08 3.38 -20.14
C LEU B 167 25.53 4.02 -18.87
N TRP B 168 24.89 5.19 -19.02
CA TRP B 168 24.16 5.89 -17.91
C TRP B 168 24.91 6.96 -17.10
N PRO B 169 26.26 6.91 -17.02
CA PRO B 169 26.90 7.76 -16.01
C PRO B 169 26.89 9.22 -16.42
N SER B 170 26.22 10.03 -15.62
CA SER B 170 26.00 11.42 -15.95
C SER B 170 27.31 12.22 -16.06
N ASN B 171 27.33 13.16 -17.00
CA ASN B 171 28.48 14.03 -17.31
C ASN B 171 29.64 13.37 -18.06
N SER B 172 29.61 12.04 -18.22
CA SER B 172 30.81 11.27 -18.61
C SER B 172 31.53 11.76 -19.89
N GLY B 173 30.77 12.17 -20.89
CA GLY B 173 31.33 12.68 -22.14
C GLY B 173 31.64 14.17 -22.13
N GLY B 174 31.39 14.83 -21.01
CA GLY B 174 31.54 16.28 -20.90
C GLY B 174 30.52 17.04 -21.75
N TRP B 175 30.75 18.35 -21.88
CA TRP B 175 29.87 19.19 -22.70
C TRP B 175 29.93 18.88 -24.20
N ASP B 176 31.01 18.23 -24.63
CA ASP B 176 31.29 18.11 -26.09
C ASP B 176 31.64 16.71 -26.60
N TYR B 177 31.44 15.70 -25.76
CA TYR B 177 31.82 14.32 -26.08
C TYR B 177 33.34 14.11 -26.17
N LYS B 178 34.10 15.07 -25.66
CA LYS B 178 35.56 14.95 -25.58
C LYS B 178 35.98 14.65 -24.14
N GLY B 179 34.99 14.38 -23.28
CA GLY B 179 35.26 13.88 -21.93
C GLY B 179 34.97 14.82 -20.79
N ALA B 180 34.64 14.24 -19.64
CA ALA B 180 34.50 15.00 -18.40
C ALA B 180 35.89 15.39 -17.91
N ASP B 181 36.04 16.61 -17.42
CA ASP B 181 37.28 17.04 -16.81
C ASP B 181 37.88 15.95 -15.91
N LEU B 182 37.02 15.22 -15.21
CA LEU B 182 37.44 14.07 -14.42
C LEU B 182 36.40 12.96 -14.46
N ALA B 183 36.87 11.72 -14.64
CA ALA B 183 36.02 10.53 -14.72
C ALA B 183 36.70 9.39 -14.01
N CYS B 184 36.03 8.81 -13.02
CA CYS B 184 36.57 7.63 -12.34
C CYS B 184 35.97 6.39 -13.00
N VAL B 185 36.78 5.72 -13.84
CA VAL B 185 36.29 4.55 -14.55
C VAL B 185 36.49 3.28 -13.74
N VAL B 186 35.39 2.65 -13.35
CA VAL B 186 35.46 1.43 -12.57
C VAL B 186 35.58 0.24 -13.50
N CYS B 187 36.64 -0.53 -13.30
CA CYS B 187 36.99 -1.64 -14.20
C CYS B 187 37.18 -2.93 -13.46
N ARG B 188 37.00 -4.02 -14.18
CA ARG B 188 37.43 -5.32 -13.69
C ARG B 188 38.79 -5.60 -14.32
N VAL B 189 39.76 -5.96 -13.47
CA VAL B 189 41.10 -6.31 -13.92
C VAL B 189 41.01 -7.67 -14.58
N SER B 190 41.37 -7.71 -15.86
CA SER B 190 41.42 -8.96 -16.64
C SER B 190 42.58 -8.91 -17.66
N ASP B 191 43.58 -9.77 -17.46
CA ASP B 191 44.72 -9.90 -18.39
C ASP B 191 44.29 -10.14 -19.83
N ASP B 192 43.19 -10.89 -19.99
CA ASP B 192 42.62 -11.20 -21.29
C ASP B 192 41.10 -10.98 -21.28
N PRO B 193 40.64 -9.86 -21.88
CA PRO B 193 39.20 -9.54 -21.96
C PRO B 193 38.34 -10.60 -22.63
N SER B 194 38.95 -11.48 -23.42
CA SER B 194 38.21 -12.52 -24.14
C SER B 194 37.78 -13.63 -23.18
N LYS B 195 38.61 -13.90 -22.18
CA LYS B 195 38.31 -14.90 -21.16
C LYS B 195 37.22 -14.43 -20.18
N PRO B 196 36.28 -15.35 -19.81
CA PRO B 196 35.30 -15.06 -18.76
C PRO B 196 35.98 -14.83 -17.42
N GLN B 197 35.38 -13.99 -16.58
CA GLN B 197 35.84 -13.83 -15.21
C GLN B 197 35.95 -15.21 -14.52
N ASP B 198 37.07 -15.41 -13.84
CA ASP B 198 37.35 -16.65 -13.13
C ASP B 198 36.33 -16.87 -12.00
N PRO B 199 35.51 -17.94 -12.12
CA PRO B 199 34.51 -18.27 -11.10
C PRO B 199 35.07 -18.58 -9.69
N ASN B 200 36.39 -18.67 -9.56
CA ASN B 200 37.00 -18.94 -8.25
C ASN B 200 37.45 -17.68 -7.50
N VAL B 201 37.52 -16.55 -8.22
CA VAL B 201 37.94 -15.28 -7.63
C VAL B 201 36.74 -14.51 -7.10
N ASP B 202 36.88 -13.91 -5.90
CA ASP B 202 35.91 -12.94 -5.42
C ASP B 202 36.03 -11.75 -6.36
N PRO B 203 34.91 -11.41 -7.04
CA PRO B 203 34.93 -10.28 -7.98
C PRO B 203 35.46 -8.97 -7.36
N ALA B 204 35.22 -8.76 -6.07
CA ALA B 204 35.63 -7.55 -5.35
C ALA B 204 37.16 -7.35 -5.33
N THR B 205 37.89 -8.46 -5.38
CA THR B 205 39.35 -8.43 -5.44
C THR B 205 39.89 -8.04 -6.84
N GLN B 206 39.03 -7.92 -7.83
CA GLN B 206 39.50 -7.59 -9.18
C GLN B 206 39.14 -6.17 -9.62
N ILE B 207 38.66 -5.36 -8.67
CA ILE B 207 38.15 -4.05 -9.01
C ILE B 207 39.29 -3.06 -9.07
N ALA B 208 39.34 -2.27 -10.14
CA ALA B 208 40.23 -1.13 -10.22
C ALA B 208 39.46 0.11 -10.68
N VAL B 209 39.98 1.28 -10.32
CA VAL B 209 39.42 2.56 -10.72
C VAL B 209 40.53 3.41 -11.34
N LEU B 210 40.32 3.78 -12.59
CA LEU B 210 41.29 4.58 -13.32
C LEU B 210 40.72 5.96 -13.58
N LEU B 211 41.52 6.97 -13.26
CA LEU B 211 41.12 8.34 -13.52
C LEU B 211 41.37 8.65 -14.99
N VAL B 212 40.36 9.19 -15.65
CA VAL B 212 40.47 9.55 -17.04
C VAL B 212 40.01 10.99 -17.17
N THR B 213 40.90 11.83 -17.71
CA THR B 213 40.62 13.25 -17.91
C THR B 213 40.51 13.54 -19.39
N ARG B 214 40.20 14.79 -19.74
CA ARG B 214 40.16 15.23 -21.14
C ARG B 214 41.52 15.08 -21.82
N GLU B 215 42.58 15.30 -21.05
CA GLU B 215 43.96 15.09 -21.48
C GLU B 215 44.18 13.62 -21.89
N THR B 216 43.81 12.69 -21.02
CA THR B 216 43.91 11.25 -21.30
C THR B 216 43.22 10.88 -22.61
N ILE B 217 42.07 11.49 -22.87
CA ILE B 217 41.31 11.21 -24.08
C ILE B 217 42.04 11.79 -25.31
N ALA B 218 42.57 13.00 -25.16
CA ALA B 218 43.34 13.66 -26.23
C ALA B 218 44.62 12.90 -26.65
N ASN B 219 45.23 12.21 -25.69
CA ASN B 219 46.44 11.40 -25.94
C ASN B 219 46.13 10.00 -26.44
N ASN B 220 44.94 9.82 -26.99
CA ASN B 220 44.48 8.52 -27.50
C ASN B 220 43.89 8.66 -28.90
N LYS B 221 43.89 7.55 -29.63
CA LYS B 221 43.27 7.48 -30.95
C LYS B 221 41.77 7.79 -30.87
N LYS B 222 41.27 8.54 -31.87
CA LYS B 222 39.85 8.96 -31.93
C LYS B 222 38.86 7.86 -31.61
N ASP B 223 39.18 6.63 -32.00
CA ASP B 223 38.24 5.51 -31.82
C ASP B 223 38.59 4.59 -30.63
N ALA B 224 39.46 5.06 -29.75
CA ALA B 224 39.73 4.37 -28.48
C ALA B 224 38.66 4.75 -27.44
N TYR B 225 37.96 5.84 -27.74
CA TYR B 225 36.95 6.43 -26.87
C TYR B 225 35.89 7.02 -27.79
N GLN B 226 34.75 6.34 -27.85
CA GLN B 226 33.66 6.77 -28.72
C GLN B 226 32.30 6.78 -28.01
N ILE B 227 31.48 7.76 -28.38
CA ILE B 227 30.14 7.90 -27.88
C ILE B 227 29.17 7.25 -28.87
N LEU B 228 28.63 6.10 -28.47
CA LEU B 228 27.72 5.33 -29.31
C LEU B 228 26.30 5.88 -29.35
N GLY B 229 25.89 6.54 -28.28
CA GLY B 229 24.54 7.07 -28.18
C GLY B 229 24.29 7.82 -26.90
N GLU B 230 23.14 8.48 -26.84
CA GLU B 230 22.72 9.24 -25.68
C GLU B 230 21.24 8.89 -25.39
N PRO B 231 20.97 8.12 -24.31
CA PRO B 231 19.58 7.79 -23.95
C PRO B 231 18.62 8.98 -23.89
N GLU B 232 17.47 8.82 -24.52
CA GLU B 232 16.40 9.79 -24.38
C GLU B 232 15.58 9.42 -23.13
N LEU B 233 15.65 10.24 -22.11
CA LEU B 233 15.10 9.92 -20.80
C LEU B 233 13.66 10.40 -20.62
N ALA B 234 12.91 9.63 -19.83
CA ALA B 234 11.52 9.99 -19.48
C ALA B 234 11.47 11.37 -18.82
N GLY B 235 12.36 11.61 -17.85
CA GLY B 235 12.50 12.90 -17.18
C GLY B 235 13.97 13.19 -16.92
N HIS B 236 14.24 14.36 -16.34
CA HIS B 236 15.62 14.85 -16.25
C HIS B 236 16.16 14.90 -17.67
N ILE B 237 15.41 15.54 -18.56
CA ILE B 237 15.64 15.47 -20.00
C ILE B 237 16.90 16.24 -20.45
N THR B 238 17.55 16.92 -19.50
CA THR B 238 18.70 17.80 -19.76
C THR B 238 19.99 17.26 -19.14
N THR B 239 20.03 15.99 -18.77
CA THR B 239 21.28 15.39 -18.34
C THR B 239 21.91 14.66 -19.52
N SER B 240 23.16 14.26 -19.35
CA SER B 240 23.85 13.44 -20.32
C SER B 240 24.49 12.30 -19.56
N GLY B 241 24.25 11.08 -20.02
CA GLY B 241 24.81 9.88 -19.42
C GLY B 241 24.92 8.85 -20.53
N PRO B 242 25.83 9.13 -21.51
CA PRO B 242 25.80 8.50 -22.81
C PRO B 242 26.35 7.09 -22.82
N HIS B 243 26.19 6.45 -23.97
CA HIS B 243 26.76 5.14 -24.23
C HIS B 243 28.20 5.37 -24.73
N THR B 244 29.17 4.80 -24.01
CA THR B 244 30.61 5.07 -24.21
C THR B 244 31.35 3.78 -24.46
N ARG B 245 32.06 3.69 -25.59
CA ARG B 245 32.93 2.53 -25.84
C ARG B 245 34.43 2.83 -25.77
N PHE B 246 35.11 2.08 -24.90
CA PHE B 246 36.57 2.10 -24.79
C PHE B 246 37.16 0.94 -25.59
N THR B 247 37.91 1.26 -26.64
CA THR B 247 38.62 0.26 -27.46
C THR B 247 40.14 0.49 -27.40
N GLU B 248 40.85 -0.38 -26.69
CA GLU B 248 42.28 -0.18 -26.40
C GLU B 248 42.58 1.25 -25.94
N PHE B 249 42.03 1.62 -24.78
CA PHE B 249 42.19 2.98 -24.27
C PHE B 249 43.29 3.01 -23.22
N HIS B 250 44.35 3.79 -23.49
CA HIS B 250 45.54 3.81 -22.64
C HIS B 250 45.50 4.86 -21.54
N VAL B 251 45.88 4.44 -20.33
CA VAL B 251 45.86 5.31 -19.16
C VAL B 251 47.13 5.10 -18.31
N PRO B 252 47.90 6.19 -18.06
CA PRO B 252 49.10 6.09 -17.22
C PRO B 252 48.84 5.43 -15.86
N HIS B 253 49.81 4.66 -15.38
CA HIS B 253 49.69 3.96 -14.09
C HIS B 253 49.55 4.91 -12.88
N GLU B 254 50.03 6.15 -13.04
CA GLU B 254 49.89 7.14 -11.96
C GLU B 254 48.42 7.51 -11.73
N ASN B 255 47.62 7.41 -12.80
CA ASN B 255 46.18 7.64 -12.75
C ASN B 255 45.37 6.56 -12.03
N LEU B 256 45.98 5.40 -11.77
CA LEU B 256 45.34 4.35 -10.98
C LEU B 256 45.05 4.94 -9.61
N LEU B 257 43.77 4.93 -9.21
CA LEU B 257 43.32 5.66 -8.01
C LEU B 257 43.82 5.05 -6.70
N CYS B 258 43.93 3.73 -6.67
CA CYS B 258 44.45 3.02 -5.50
C CYS B 258 44.79 1.61 -5.93
N THR B 259 45.20 0.79 -4.96
CA THR B 259 45.51 -0.62 -5.20
C THR B 259 44.24 -1.35 -5.60
N PRO B 260 44.24 -2.01 -6.78
CA PRO B 260 43.07 -2.77 -7.23
C PRO B 260 42.66 -3.84 -6.20
N GLY B 261 41.38 -4.20 -6.18
CA GLY B 261 40.89 -5.15 -5.19
C GLY B 261 40.00 -4.51 -4.16
N LEU B 262 39.94 -5.13 -2.97
CA LEU B 262 39.01 -4.73 -1.92
C LEU B 262 39.02 -3.24 -1.57
N LYS B 263 40.15 -2.58 -1.80
CA LYS B 263 40.33 -1.17 -1.45
C LYS B 263 39.64 -0.27 -2.47
N ALA B 264 39.72 -0.67 -3.75
CA ALA B 264 39.08 0.04 -4.84
C ALA B 264 37.57 -0.12 -4.77
N GLN B 265 37.10 -1.34 -4.50
CA GLN B 265 35.68 -1.64 -4.37
C GLN B 265 35.17 -0.81 -3.20
N GLY B 266 35.98 -0.73 -2.14
CA GLY B 266 35.67 0.04 -0.93
C GLY B 266 35.35 1.49 -1.25
N LEU B 267 36.13 2.08 -2.14
CA LEU B 267 35.94 3.48 -2.50
C LEU B 267 34.67 3.68 -3.31
N VAL B 268 34.35 2.71 -4.17
CA VAL B 268 33.14 2.77 -4.99
C VAL B 268 31.90 2.59 -4.09
N GLU B 269 31.95 1.58 -3.24
CA GLU B 269 30.91 1.31 -2.27
C GLU B 269 30.64 2.53 -1.38
N THR B 270 31.71 3.10 -0.83
CA THR B 270 31.62 4.27 0.06
C THR B 270 31.05 5.46 -0.68
N ALA B 271 31.45 5.65 -1.93
CA ALA B 271 30.93 6.76 -2.73
C ALA B 271 29.43 6.63 -2.99
N PHE B 272 29.01 5.43 -3.42
CA PHE B 272 27.61 5.15 -3.71
C PHE B 272 26.74 5.07 -2.44
N ALA B 273 27.36 4.77 -1.29
CA ALA B 273 26.70 4.88 0.00
C ALA B 273 26.31 6.32 0.36
N MET B 274 27.20 7.25 0.01
CA MET B 274 27.03 8.67 0.31
C MET B 274 25.98 9.26 -0.59
N SER B 275 26.03 8.87 -1.85
CA SER B 275 25.03 9.30 -2.82
C SER B 275 23.68 8.70 -2.46
N ALA B 276 23.68 7.48 -1.91
CA ALA B 276 22.45 6.80 -1.52
C ALA B 276 21.69 7.63 -0.48
N ALA B 277 22.41 8.15 0.53
CA ALA B 277 21.82 9.02 1.53
C ALA B 277 21.40 10.34 0.91
N LEU B 278 22.19 10.88 -0.02
CA LEU B 278 21.88 12.22 -0.54
C LEU B 278 20.83 12.31 -1.66
N VAL B 279 20.61 11.21 -2.39
CA VAL B 279 19.55 11.21 -3.42
C VAL B 279 18.14 11.42 -2.81
N GLY B 280 17.98 11.04 -1.56
CA GLY B 280 16.76 11.33 -0.81
C GLY B 280 16.42 12.81 -0.75
N ALA B 281 17.44 13.65 -0.66
CA ALA B 281 17.26 15.11 -0.71
C ALA B 281 16.76 15.56 -2.07
N MET B 282 17.17 14.88 -3.13
CA MET B 282 16.66 15.15 -4.49
C MET B 282 15.19 14.70 -4.63
N ALA B 283 14.90 13.51 -4.12
CA ALA B 283 13.57 12.97 -4.15
C ALA B 283 12.61 13.86 -3.33
N ILE B 284 13.01 14.24 -2.12
CA ILE B 284 12.24 15.17 -1.28
C ILE B 284 11.91 16.47 -2.03
N GLY B 285 12.91 17.04 -2.70
CA GLY B 285 12.74 18.28 -3.45
C GLY B 285 11.66 18.18 -4.49
N THR B 286 11.76 17.19 -5.36
CA THR B 286 10.74 16.92 -6.37
C THR B 286 9.34 16.64 -5.75
N ALA B 287 9.26 15.73 -4.78
CA ALA B 287 7.97 15.46 -4.16
C ALA B 287 7.40 16.70 -3.45
N ARG B 288 8.30 17.51 -2.85
CA ARG B 288 7.92 18.73 -2.11
C ARG B 288 7.30 19.76 -3.04
N ALA B 289 7.87 19.90 -4.24
CA ALA B 289 7.28 20.75 -5.28
C ALA B 289 5.87 20.25 -5.67
N ALA B 290 5.69 18.92 -5.73
CA ALA B 290 4.37 18.36 -6.05
C ALA B 290 3.38 18.64 -4.93
N PHE B 291 3.75 18.29 -3.69
CA PHE B 291 2.96 18.61 -2.50
C PHE B 291 2.60 20.09 -2.40
N GLU B 292 3.55 20.99 -2.65
CA GLU B 292 3.27 22.40 -2.43
C GLU B 292 2.34 22.99 -3.49
N GLU B 293 2.57 22.62 -4.76
CA GLU B 293 1.65 23.01 -5.82
C GLU B 293 0.22 22.49 -5.54
N ALA B 294 0.12 21.23 -5.13
CA ALA B 294 -1.18 20.64 -4.78
C ALA B 294 -1.83 21.33 -3.56
N LEU B 295 -1.03 21.64 -2.55
CA LEU B 295 -1.52 22.30 -1.35
C LEU B 295 -2.08 23.71 -1.66
N VAL B 296 -1.30 24.50 -2.40
CA VAL B 296 -1.72 25.86 -2.75
C VAL B 296 -3.00 25.78 -3.58
N PHE B 297 -3.06 24.87 -4.54
CA PHE B 297 -4.26 24.67 -5.34
C PHE B 297 -5.47 24.26 -4.48
N ALA B 298 -5.24 23.30 -3.57
CA ALA B 298 -6.29 22.79 -2.67
C ALA B 298 -6.84 23.88 -1.74
N LYS B 299 -5.99 24.84 -1.40
CA LYS B 299 -6.39 25.94 -0.51
C LYS B 299 -7.00 27.15 -1.24
N SER B 300 -7.07 27.12 -2.56
CA SER B 300 -7.57 28.28 -3.28
C SER B 300 -8.50 27.94 -4.45
N ASP B 301 -8.82 26.67 -4.60
CA ASP B 301 -9.73 26.25 -5.67
C ASP B 301 -10.87 25.39 -5.10
N THR B 302 -12.10 25.69 -5.53
CA THR B 302 -13.29 25.02 -5.02
C THR B 302 -13.77 23.97 -6.02
N ARG B 303 -13.13 23.94 -7.18
CA ARG B 303 -13.50 23.02 -8.27
C ARG B 303 -15.01 23.03 -8.57
N GLY B 304 -15.56 24.26 -8.64
CA GLY B 304 -16.96 24.47 -8.95
C GLY B 304 -17.92 24.19 -7.79
N GLY B 305 -17.40 24.17 -6.57
CA GLY B 305 -18.21 23.92 -5.38
C GLY B 305 -18.33 25.14 -4.49
N SER B 306 -18.78 24.93 -3.26
CA SER B 306 -18.95 26.02 -2.32
C SER B 306 -17.75 26.26 -1.40
N LYS B 307 -16.83 25.30 -1.33
CA LYS B 307 -15.65 25.45 -0.46
C LYS B 307 -14.36 24.94 -1.14
N HIS B 308 -13.20 25.44 -0.68
CA HIS B 308 -11.90 24.97 -1.17
C HIS B 308 -11.77 23.46 -0.95
N ILE B 309 -11.17 22.77 -1.90
CA ILE B 309 -11.18 21.32 -1.90
C ILE B 309 -10.42 20.66 -0.73
N ILE B 310 -9.51 21.40 -0.10
CA ILE B 310 -8.83 20.92 1.10
C ILE B 310 -9.82 20.58 2.23
N GLU B 311 -11.04 21.11 2.11
CA GLU B 311 -12.10 20.85 3.06
C GLU B 311 -12.73 19.47 2.87
N HIS B 312 -12.53 18.88 1.70
CA HIS B 312 -12.94 17.49 1.49
C HIS B 312 -11.95 16.51 2.15
N GLN B 313 -12.47 15.68 3.04
CA GLN B 313 -11.68 14.68 3.75
C GLN B 313 -10.76 13.84 2.85
N SER B 314 -11.26 13.36 1.72
CA SER B 314 -10.45 12.56 0.81
C SER B 314 -9.25 13.30 0.24
N VAL B 315 -9.46 14.58 -0.09
CA VAL B 315 -8.39 15.46 -0.59
C VAL B 315 -7.34 15.74 0.48
N ALA B 316 -7.81 16.21 1.65
CA ALA B 316 -6.93 16.36 2.81
C ALA B 316 -6.15 15.08 3.11
N ASP B 317 -6.82 13.94 3.04
CA ASP B 317 -6.12 12.69 3.32
C ASP B 317 -4.89 12.47 2.43
N LYS B 318 -5.00 12.77 1.13
CA LYS B 318 -3.88 12.75 0.18
C LYS B 318 -2.77 13.71 0.58
N LEU B 319 -3.13 14.97 0.90
CA LEU B 319 -2.14 15.95 1.37
C LEU B 319 -1.47 15.53 2.67
N ILE B 320 -2.23 14.89 3.55
CA ILE B 320 -1.66 14.43 4.82
C ILE B 320 -0.59 13.37 4.54
N ASP B 321 -0.92 12.45 3.64
CA ASP B 321 -0.02 11.39 3.30
C ASP B 321 1.26 11.92 2.66
N CYS B 322 1.12 12.88 1.75
CA CYS B 322 2.25 13.53 1.14
C CYS B 322 3.12 14.16 2.23
N LYS B 323 2.50 14.95 3.11
CA LYS B 323 3.23 15.66 4.15
C LYS B 323 4.05 14.69 4.99
N ILE B 324 3.38 13.64 5.47
CA ILE B 324 3.99 12.59 6.28
C ILE B 324 5.20 11.94 5.59
N ARG B 325 5.04 11.59 4.31
CA ARG B 325 6.12 11.05 3.51
C ARG B 325 7.31 12.01 3.40
N LEU B 326 7.05 13.29 3.18
CA LEU B 326 8.11 14.30 3.10
C LEU B 326 8.84 14.54 4.44
N GLU B 327 8.09 14.54 5.53
CA GLU B 327 8.66 14.79 6.85
C GLU B 327 9.54 13.61 7.27
N THR B 328 9.00 12.41 7.16
CA THR B 328 9.74 11.22 7.55
C THR B 328 10.97 11.07 6.64
N SER B 329 10.83 11.37 5.35
CA SER B 329 11.96 11.30 4.42
C SER B 329 13.12 12.21 4.84
N ARG B 330 12.81 13.48 5.13
CA ARG B 330 13.85 14.46 5.46
C ARG B 330 14.58 14.06 6.73
N LEU B 331 13.80 13.68 7.74
CA LEU B 331 14.36 13.15 8.96
C LEU B 331 15.35 12.00 8.68
N LEU B 332 14.96 11.07 7.82
CA LEU B 332 15.81 9.92 7.50
C LEU B 332 17.11 10.32 6.80
N VAL B 333 17.04 11.21 5.81
CA VAL B 333 18.23 11.74 5.14
C VAL B 333 19.20 12.38 6.15
N TRP B 334 18.67 13.22 7.04
CA TRP B 334 19.50 13.92 8.02
C TRP B 334 20.12 12.94 9.00
N LYS B 335 19.35 11.92 9.36
CA LYS B 335 19.86 10.85 10.19
C LYS B 335 20.94 10.07 9.43
N ALA B 336 20.72 9.85 8.13
CA ALA B 336 21.65 9.06 7.32
C ALA B 336 22.99 9.78 7.17
N VAL B 337 22.96 11.04 6.76
CA VAL B 337 24.18 11.82 6.53
C VAL B 337 24.96 12.06 7.84
N THR B 338 24.24 12.32 8.92
CA THR B 338 24.83 12.45 10.23
C THR B 338 25.49 11.12 10.64
N THR B 339 24.80 10.01 10.41
CA THR B 339 25.38 8.69 10.68
C THR B 339 26.68 8.49 9.86
N LEU B 340 26.62 8.82 8.58
CA LEU B 340 27.80 8.73 7.70
C LEU B 340 29.00 9.52 8.22
N GLU B 341 28.73 10.66 8.86
CA GLU B 341 29.79 11.51 9.39
C GLU B 341 30.32 11.06 10.76
N ASP B 342 29.72 10.04 11.35
CA ASP B 342 30.09 9.64 12.70
C ASP B 342 31.26 8.66 12.73
N GLU B 343 32.43 9.18 13.06
CA GLU B 343 33.67 8.39 13.13
C GLU B 343 33.62 7.18 14.09
N ALA B 344 32.77 7.25 15.11
CA ALA B 344 32.62 6.15 16.08
C ALA B 344 31.82 4.91 15.62
N LEU B 345 31.26 4.95 14.41
CA LEU B 345 30.43 3.82 13.95
C LEU B 345 31.12 2.92 12.94
N GLU B 346 30.88 1.61 13.05
CA GLU B 346 31.30 0.65 12.04
C GLU B 346 30.71 0.99 10.67
N TRP B 347 31.45 0.66 9.62
CA TRP B 347 31.01 0.95 8.26
C TRP B 347 29.64 0.34 7.93
N LYS B 348 29.43 -0.92 8.30
CA LYS B 348 28.21 -1.62 7.95
C LYS B 348 26.97 -0.92 8.54
N VAL B 349 27.13 -0.27 9.69
CA VAL B 349 26.05 0.51 10.34
C VAL B 349 25.68 1.71 9.48
N LYS B 350 26.70 2.42 9.01
CA LYS B 350 26.53 3.54 8.09
C LYS B 350 25.94 3.09 6.76
N LEU B 351 26.35 1.90 6.31
CA LEU B 351 25.89 1.35 5.04
C LEU B 351 24.39 1.00 5.10
N GLU B 352 24.00 0.28 6.14
CA GLU B 352 22.58 -0.10 6.35
C GLU B 352 21.69 1.15 6.39
N MET B 353 22.14 2.16 7.12
CA MET B 353 21.39 3.40 7.26
C MET B 353 21.22 4.10 5.92
N ALA B 354 22.29 4.12 5.12
CA ALA B 354 22.25 4.76 3.83
C ALA B 354 21.32 4.02 2.84
N MET B 355 21.28 2.69 2.94
CA MET B 355 20.45 1.86 2.09
C MET B 355 18.97 2.12 2.39
N GLN B 356 18.60 1.97 3.67
CA GLN B 356 17.30 2.34 4.23
C GLN B 356 16.83 3.64 3.60
N THR B 357 17.68 4.64 3.64
CA THR B 357 17.33 5.98 3.24
C THR B 357 17.04 6.07 1.75
N LYS B 358 17.93 5.47 0.95
CA LYS B 358 17.73 5.50 -0.49
C LYS B 358 16.38 4.84 -0.84
N ILE B 359 16.14 3.67 -0.26
CA ILE B 359 14.97 2.87 -0.55
C ILE B 359 13.67 3.59 -0.17
N TYR B 360 13.64 4.11 1.06
CA TYR B 360 12.44 4.75 1.56
C TYR B 360 12.13 6.03 0.81
N THR B 361 13.09 6.94 0.78
CA THR B 361 12.83 8.25 0.23
C THR B 361 12.41 8.20 -1.23
N THR B 362 13.00 7.28 -1.98
CA THR B 362 12.79 7.27 -3.43
C THR B 362 11.44 6.62 -3.78
N ASP B 363 11.12 5.50 -3.14
CA ASP B 363 9.83 4.81 -3.28
C ASP B 363 8.65 5.72 -2.89
N VAL B 364 8.83 6.48 -1.82
CA VAL B 364 7.79 7.26 -1.19
C VAL B 364 7.57 8.61 -1.91
N ALA B 365 8.63 9.12 -2.55
CA ALA B 365 8.53 10.35 -3.36
C ALA B 365 7.61 10.16 -4.59
N VAL B 366 7.63 8.97 -5.17
CA VAL B 366 6.75 8.65 -6.29
C VAL B 366 5.28 8.64 -5.84
N GLU B 367 4.99 7.95 -4.74
CA GLU B 367 3.66 7.95 -4.11
C GLU B 367 3.17 9.36 -3.83
N CYS B 368 4.09 10.18 -3.34
CA CYS B 368 3.76 11.54 -2.95
C CYS B 368 3.37 12.41 -4.17
N VAL B 369 4.07 12.27 -5.30
CA VAL B 369 3.71 13.01 -6.51
C VAL B 369 2.36 12.53 -7.09
N ILE B 370 2.17 11.23 -7.14
CA ILE B 370 0.95 10.66 -7.70
C ILE B 370 -0.26 11.03 -6.83
N ASP B 371 -0.11 10.99 -5.51
CA ASP B 371 -1.18 11.46 -4.62
C ASP B 371 -1.56 12.95 -4.81
N ALA B 372 -0.54 13.79 -4.98
CA ALA B 372 -0.75 15.23 -5.20
C ALA B 372 -1.53 15.47 -6.48
N MET B 373 -1.21 14.71 -7.53
CA MET B 373 -1.92 14.74 -8.80
C MET B 373 -3.38 14.31 -8.66
N LYS B 374 -3.61 13.22 -7.92
CA LYS B 374 -4.96 12.70 -7.69
C LYS B 374 -5.82 13.72 -6.93
N ALA B 375 -5.20 14.41 -5.97
CA ALA B 375 -5.84 15.48 -5.24
C ALA B 375 -6.21 16.68 -6.11
N VAL B 376 -5.30 17.11 -6.98
CA VAL B 376 -5.57 18.24 -7.90
C VAL B 376 -6.62 17.84 -8.94
N GLY B 377 -6.58 16.58 -9.38
CA GLY B 377 -7.50 16.08 -10.39
C GLY B 377 -6.97 16.21 -11.82
N MET B 378 -7.91 16.30 -12.77
CA MET B 378 -7.57 16.39 -14.19
C MET B 378 -6.56 17.50 -14.55
N LYS B 379 -6.67 18.66 -13.90
CA LYS B 379 -5.80 19.78 -14.17
C LYS B 379 -4.32 19.40 -14.07
N SER B 380 -4.01 18.40 -13.23
CA SER B 380 -2.61 18.06 -12.94
C SER B 380 -1.92 17.36 -14.12
N TYR B 381 -2.72 17.00 -15.12
CA TYR B 381 -2.26 16.21 -16.26
C TYR B 381 -1.86 17.04 -17.49
N ALA B 382 -2.09 18.35 -17.41
CA ALA B 382 -1.68 19.30 -18.45
C ALA B 382 -0.39 20.06 -18.05
N LYS B 383 0.37 20.50 -19.05
CA LYS B 383 1.71 21.07 -18.81
C LYS B 383 1.73 22.53 -18.37
N ASP B 384 0.57 23.14 -18.15
CA ASP B 384 0.54 24.44 -17.50
C ASP B 384 0.60 24.33 -15.96
N MET B 385 0.69 23.08 -15.47
CA MET B 385 1.06 22.76 -14.08
C MET B 385 2.35 21.93 -14.13
N SER B 386 3.06 21.84 -13.01
CA SER B 386 4.37 21.16 -12.96
C SER B 386 4.32 19.64 -12.98
N PHE B 387 3.16 19.10 -12.65
CA PHE B 387 3.03 17.67 -12.32
C PHE B 387 3.53 16.75 -13.41
N PRO B 388 3.18 17.02 -14.70
CA PRO B 388 3.68 16.10 -15.73
C PRO B 388 5.22 15.98 -15.70
N ARG B 389 5.92 17.11 -15.53
CA ARG B 389 7.38 17.09 -15.44
C ARG B 389 7.83 16.33 -14.17
N LEU B 390 7.22 16.67 -13.03
CA LEU B 390 7.52 16.04 -11.73
C LEU B 390 7.33 14.53 -11.73
N LEU B 391 6.22 14.08 -12.32
CA LEU B 391 5.93 12.65 -12.43
C LEU B 391 7.09 11.94 -13.14
N ASN B 392 7.53 12.50 -14.26
CA ASN B 392 8.61 11.88 -15.02
C ASN B 392 9.92 11.96 -14.24
N GLU B 393 10.17 13.11 -13.62
CA GLU B 393 11.38 13.29 -12.81
C GLU B 393 11.47 12.36 -11.61
N VAL B 394 10.34 12.16 -10.93
CA VAL B 394 10.31 11.40 -9.68
C VAL B 394 10.56 9.90 -9.93
N MET B 395 10.14 9.40 -11.08
CA MET B 395 10.34 7.97 -11.40
C MET B 395 11.79 7.53 -11.65
N CYS B 396 12.67 8.50 -11.85
CA CYS B 396 14.10 8.26 -11.91
C CYS B 396 14.64 7.71 -10.57
N TYR B 397 14.23 8.32 -9.47
CA TYR B 397 14.84 8.07 -8.14
C TYR B 397 14.87 6.65 -7.57
N PRO B 398 13.76 5.87 -7.71
CA PRO B 398 13.84 4.48 -7.27
C PRO B 398 14.75 3.62 -8.15
N LEU B 399 15.00 4.09 -9.37
CA LEU B 399 15.70 3.31 -10.39
C LEU B 399 17.19 3.63 -10.46
N PHE B 400 17.51 4.91 -10.30
CA PHE B 400 18.88 5.39 -10.43
C PHE B 400 19.68 5.31 -9.13
N ASN B 401 20.97 5.63 -9.24
CA ASN B 401 21.94 5.54 -8.16
C ASN B 401 21.88 4.22 -7.43
N GLY B 402 21.82 3.15 -8.21
CA GLY B 402 21.58 1.81 -7.70
C GLY B 402 20.09 1.61 -7.42
N GLY B 403 19.39 0.97 -8.36
CA GLY B 403 17.96 0.74 -8.19
C GLY B 403 17.69 0.01 -6.89
N ASN B 404 16.50 0.20 -6.32
CA ASN B 404 16.17 -0.34 -5.01
C ASN B 404 16.08 -1.85 -5.02
N ILE B 405 15.58 -2.42 -6.11
CA ILE B 405 15.23 -3.84 -6.17
C ILE B 405 16.47 -4.70 -6.35
N GLY B 406 17.34 -4.31 -7.29
CA GLY B 406 18.54 -5.08 -7.60
C GLY B 406 19.70 -4.80 -6.67
N LEU B 407 19.94 -3.54 -6.35
CA LEU B 407 21.12 -3.16 -5.58
C LEU B 407 20.92 -2.83 -4.11
N ARG B 408 20.17 -1.77 -3.83
CA ARG B 408 20.10 -1.23 -2.48
C ARG B 408 19.44 -2.20 -1.51
N ARG B 409 18.39 -2.89 -1.97
CA ARG B 409 17.76 -3.92 -1.14
C ARG B 409 18.69 -5.10 -0.87
N ARG B 410 19.53 -5.47 -1.83
CA ARG B 410 20.45 -6.58 -1.62
C ARG B 410 21.66 -6.18 -0.75
N GLN B 411 22.16 -4.96 -0.92
CA GLN B 411 23.22 -4.47 -0.02
C GLN B 411 22.72 -4.44 1.40
N MET B 412 21.50 -3.98 1.61
CA MET B 412 20.93 -3.95 2.95
C MET B 412 20.72 -5.37 3.48
N GLN B 413 20.22 -6.25 2.62
CA GLN B 413 20.00 -7.67 2.97
C GLN B 413 21.29 -8.36 3.44
N ARG B 414 22.39 -8.14 2.73
CA ARG B 414 23.71 -8.66 3.15
C ARG B 414 24.09 -8.20 4.57
N VAL B 415 23.97 -6.90 4.83
CA VAL B 415 24.27 -6.39 6.17
C VAL B 415 23.45 -7.09 7.25
N MET B 416 22.13 -7.16 7.02
CA MET B 416 21.25 -7.74 8.02
C MET B 416 21.54 -9.21 8.30
N ALA B 417 22.09 -9.91 7.30
CA ALA B 417 22.38 -11.34 7.46
C ALA B 417 23.62 -11.62 8.33
N LEU B 418 24.50 -10.62 8.48
CA LEU B 418 25.77 -10.78 9.26
C LEU B 418 25.55 -11.16 10.71
N GLU B 419 26.30 -12.14 11.22
CA GLU B 419 26.16 -12.62 12.61
C GLU B 419 26.15 -11.50 13.66
N ASP B 420 26.89 -10.43 13.37
CA ASP B 420 27.08 -9.33 14.31
C ASP B 420 26.33 -8.06 13.86
N TYR B 421 25.26 -8.25 13.09
CA TYR B 421 24.39 -7.14 12.72
C TYR B 421 23.80 -6.52 13.98
N GLU B 422 23.86 -5.20 14.05
CA GLU B 422 23.23 -4.46 15.13
C GLU B 422 22.22 -3.46 14.57
N PRO B 423 20.93 -3.86 14.55
CA PRO B 423 19.93 -3.00 13.94
C PRO B 423 19.92 -1.53 14.44
N TRP B 424 20.06 -1.32 15.75
CA TRP B 424 19.89 0.01 16.37
C TRP B 424 21.18 0.75 16.71
N ALA B 425 22.30 0.22 16.22
CA ALA B 425 23.63 0.75 16.49
C ALA B 425 23.78 2.25 16.18
N ALA B 426 23.13 2.72 15.12
CA ALA B 426 23.23 4.14 14.70
C ALA B 426 22.45 5.08 15.63
N THR B 427 21.64 4.49 16.51
CA THR B 427 20.79 5.26 17.42
C THR B 427 21.24 5.08 18.87
N TYR B 428 21.37 3.82 19.28
CA TYR B 428 21.59 3.52 20.69
C TYR B 428 23.03 3.12 20.96
N GLY B 429 23.89 3.30 19.96
CA GLY B 429 25.30 2.95 20.06
C GLY B 429 25.52 1.46 19.95
N SER B 430 26.77 1.08 19.67
CA SER B 430 27.13 -0.34 19.57
C SER B 430 27.40 -1.00 20.92
N SER B 431 27.10 -2.31 21.01
CA SER B 431 27.55 -3.14 22.11
C SER B 431 29.05 -3.42 21.95
N VAL C 1 -19.87 -15.16 -21.92
CA VAL C 1 -19.53 -15.28 -20.47
C VAL C 1 -20.70 -14.82 -19.60
N ASP C 2 -20.84 -15.43 -18.44
CA ASP C 2 -22.05 -15.33 -17.64
C ASP C 2 -21.73 -15.40 -16.15
N PHE C 3 -22.46 -14.65 -15.34
CA PHE C 3 -22.26 -14.63 -13.88
C PHE C 3 -23.47 -15.08 -13.09
N LYS C 4 -24.54 -15.41 -13.81
CA LYS C 4 -25.80 -15.75 -13.18
C LYS C 4 -25.74 -17.11 -12.47
N LEU C 5 -26.29 -17.15 -11.26
CA LEU C 5 -26.38 -18.38 -10.49
C LEU C 5 -27.62 -19.18 -10.88
N SER C 6 -27.46 -20.49 -10.93
CA SER C 6 -28.56 -21.41 -11.15
C SER C 6 -29.38 -21.61 -9.87
N PRO C 7 -30.63 -22.08 -10.02
CA PRO C 7 -31.43 -22.50 -8.87
C PRO C 7 -30.68 -23.34 -7.82
N SER C 8 -29.84 -24.30 -8.21
CA SER C 8 -29.17 -25.14 -7.19
C SER C 8 -28.01 -24.42 -6.46
N GLN C 9 -27.41 -23.42 -7.13
CA GLN C 9 -26.40 -22.58 -6.51
C GLN C 9 -27.03 -21.65 -5.49
N LEU C 10 -28.15 -21.00 -5.88
CA LEU C 10 -28.94 -20.18 -4.97
C LEU C 10 -29.44 -20.98 -3.76
N GLU C 11 -29.90 -22.20 -4.01
CA GLU C 11 -30.32 -23.10 -2.93
C GLU C 11 -29.17 -23.56 -2.06
N ALA C 12 -27.99 -23.76 -2.64
CA ALA C 12 -26.77 -24.09 -1.88
C ALA C 12 -26.46 -22.96 -0.91
N ARG C 13 -26.58 -21.72 -1.40
CA ARG C 13 -26.43 -20.58 -0.54
C ARG C 13 -27.47 -20.54 0.60
N ARG C 14 -28.77 -20.60 0.25
CA ARG C 14 -29.84 -20.62 1.24
C ARG C 14 -29.58 -21.67 2.33
N HIS C 15 -29.18 -22.87 1.89
CA HIS C 15 -28.91 -23.98 2.79
C HIS C 15 -27.69 -23.78 3.72
N ALA C 16 -26.61 -23.20 3.19
CA ALA C 16 -25.45 -22.89 4.01
C ALA C 16 -25.77 -21.77 5.04
N GLN C 17 -26.47 -20.73 4.59
CA GLN C 17 -26.86 -19.66 5.52
C GLN C 17 -27.72 -20.21 6.66
N ALA C 18 -28.76 -20.97 6.31
CA ALA C 18 -29.67 -21.53 7.31
C ALA C 18 -28.92 -22.42 8.33
N PHE C 19 -27.99 -23.24 7.84
CA PHE C 19 -27.20 -24.05 8.74
C PHE C 19 -26.29 -23.22 9.65
N ALA C 20 -25.69 -22.16 9.09
CA ALA C 20 -24.82 -21.29 9.87
C ALA C 20 -25.61 -20.50 10.94
N ASN C 21 -26.76 -19.98 10.52
CA ASN C 21 -27.63 -19.19 11.41
C ASN C 21 -28.28 -20.00 12.53
N THR C 22 -28.83 -21.16 12.19
CA THR C 22 -29.58 -21.96 13.17
C THR C 22 -28.69 -22.90 13.96
N VAL C 23 -27.56 -23.32 13.38
CA VAL C 23 -26.71 -24.29 14.06
C VAL C 23 -25.39 -23.70 14.54
N LEU C 24 -24.69 -23.01 13.65
CA LEU C 24 -23.33 -22.58 13.96
C LEU C 24 -23.27 -21.48 15.03
N THR C 25 -24.29 -20.62 15.04
CA THR C 25 -24.37 -19.53 16.03
C THR C 25 -24.43 -20.04 17.49
N LYS C 26 -24.73 -21.33 17.66
CA LYS C 26 -24.85 -21.94 18.99
C LYS C 26 -23.53 -22.53 19.50
N ALA C 27 -22.53 -22.59 18.62
CA ALA C 27 -21.28 -23.27 18.94
C ALA C 27 -20.48 -22.52 19.98
N SER C 28 -20.47 -21.20 19.89
CA SER C 28 -19.67 -20.39 20.79
C SER C 28 -20.07 -20.53 22.27
N ALA C 29 -21.38 -20.64 22.53
CA ALA C 29 -21.86 -20.91 23.89
C ALA C 29 -21.19 -22.16 24.49
N GLU C 30 -20.85 -23.14 23.65
CA GLU C 30 -20.23 -24.40 24.10
C GLU C 30 -18.72 -24.32 24.20
N TYR C 31 -18.07 -23.85 23.14
CA TYR C 31 -16.60 -23.87 23.09
C TYR C 31 -15.90 -22.79 23.92
N SER C 32 -16.52 -21.61 24.04
CA SER C 32 -15.92 -20.44 24.71
C SER C 32 -15.60 -20.77 26.16
N THR C 33 -16.42 -21.68 26.68
CA THR C 33 -16.43 -22.13 28.04
C THR C 33 -15.21 -23.03 28.35
N GLN C 34 -14.53 -23.50 27.30
CA GLN C 34 -13.47 -24.53 27.45
C GLN C 34 -12.09 -23.95 27.60
N LYS C 35 -11.18 -24.75 28.15
CA LYS C 35 -9.91 -24.27 28.72
C LYS C 35 -8.70 -24.24 27.79
N ASP C 36 -8.74 -25.03 26.71
CA ASP C 36 -7.57 -25.24 25.84
C ASP C 36 -8.04 -25.60 24.42
N GLN C 37 -7.11 -25.59 23.47
CA GLN C 37 -7.39 -25.84 22.03
C GLN C 37 -8.10 -27.18 21.80
N LEU C 38 -7.54 -28.28 22.33
CA LEU C 38 -8.20 -29.58 22.18
C LEU C 38 -9.66 -29.63 22.70
N SER C 39 -9.90 -29.10 23.90
CA SER C 39 -11.25 -29.13 24.49
C SER C 39 -12.24 -28.27 23.74
N ARG C 40 -11.76 -27.14 23.22
CA ARG C 40 -12.56 -26.29 22.36
C ARG C 40 -12.93 -27.05 21.08
N PHE C 41 -11.96 -27.77 20.51
CA PHE C 41 -12.22 -28.66 19.37
C PHE C 41 -13.25 -29.72 19.72
N GLN C 42 -13.06 -30.36 20.87
CA GLN C 42 -14.01 -31.40 21.31
C GLN C 42 -15.44 -30.87 21.51
N ALA C 43 -15.57 -29.64 22.04
CA ALA C 43 -16.90 -29.01 22.26
C ALA C 43 -17.62 -28.74 20.96
N THR C 44 -16.89 -28.87 19.86
CA THR C 44 -17.39 -28.61 18.52
C THR C 44 -18.04 -29.85 17.86
N ARG C 45 -17.76 -31.03 18.42
CA ARG C 45 -18.24 -32.29 17.84
C ARG C 45 -19.74 -32.34 17.48
N PRO C 46 -20.63 -31.90 18.41
CA PRO C 46 -22.07 -31.95 18.11
C PRO C 46 -22.48 -31.11 16.90
N PHE C 47 -21.64 -30.13 16.55
CA PHE C 47 -21.93 -29.21 15.46
C PHE C 47 -21.42 -29.77 14.14
N TYR C 48 -20.33 -30.54 14.20
CA TYR C 48 -19.89 -31.35 13.06
C TYR C 48 -20.92 -32.46 12.80
N ARG C 49 -21.42 -33.12 13.86
CA ARG C 49 -22.49 -34.12 13.69
C ARG C 49 -23.67 -33.51 12.97
N GLU C 50 -24.05 -32.28 13.33
CA GLU C 50 -25.13 -31.61 12.62
C GLU C 50 -24.76 -31.30 11.18
N ALA C 51 -23.50 -30.97 10.93
CA ALA C 51 -23.01 -30.73 9.56
C ALA C 51 -23.14 -31.99 8.70
N VAL C 52 -22.73 -33.11 9.27
CA VAL C 52 -22.87 -34.41 8.61
C VAL C 52 -24.34 -34.65 8.31
N ARG C 53 -25.20 -34.39 9.30
CA ARG C 53 -26.63 -34.61 9.18
C ARG C 53 -27.26 -33.68 8.15
N HIS C 54 -26.70 -32.48 7.99
CA HIS C 54 -27.09 -31.58 6.91
C HIS C 54 -26.46 -31.90 5.55
N GLY C 55 -25.73 -32.99 5.46
CA GLY C 55 -25.17 -33.47 4.19
C GLY C 55 -23.94 -32.73 3.70
N LEU C 56 -23.28 -32.01 4.60
CA LEU C 56 -22.18 -31.09 4.22
C LEU C 56 -20.83 -31.77 4.07
N ILE C 57 -20.63 -32.90 4.75
CA ILE C 57 -19.48 -33.76 4.51
C ILE C 57 -19.66 -34.55 3.18
N LYS C 58 -20.86 -35.08 2.96
CA LYS C 58 -21.15 -35.72 1.68
C LYS C 58 -20.94 -34.76 0.50
N ALA C 59 -21.17 -33.46 0.73
CA ALA C 59 -21.01 -32.45 -0.31
C ALA C 59 -19.56 -32.12 -0.62
N GLN C 60 -18.62 -32.73 0.09
CA GLN C 60 -17.18 -32.53 -0.17
C GLN C 60 -16.62 -33.56 -1.17
N VAL C 61 -17.44 -34.56 -1.51
CA VAL C 61 -17.04 -35.67 -2.35
C VAL C 61 -17.87 -35.59 -3.62
N PRO C 62 -17.23 -35.70 -4.80
CA PRO C 62 -17.92 -35.65 -6.09
C PRO C 62 -19.01 -36.73 -6.24
N ILE C 63 -20.02 -36.43 -7.04
CA ILE C 63 -21.15 -37.35 -7.27
C ILE C 63 -20.69 -38.72 -7.83
N PRO C 64 -19.74 -38.73 -8.81
CA PRO C 64 -19.24 -40.02 -9.31
C PRO C 64 -18.67 -40.93 -8.22
N LEU C 65 -18.17 -40.33 -7.13
CA LEU C 65 -17.63 -41.08 -6.01
C LEU C 65 -18.66 -41.36 -4.92
N GLY C 66 -19.93 -41.08 -5.20
CA GLY C 66 -21.01 -41.34 -4.24
C GLY C 66 -21.28 -40.18 -3.27
N GLY C 67 -20.71 -39.00 -3.56
CA GLY C 67 -20.96 -37.79 -2.78
C GLY C 67 -22.03 -36.90 -3.41
N THR C 68 -22.08 -35.65 -2.99
CA THR C 68 -23.13 -34.78 -3.49
C THR C 68 -22.59 -33.45 -3.98
N MET C 69 -21.26 -33.33 -4.07
CA MET C 69 -20.68 -32.09 -4.58
C MET C 69 -21.24 -31.81 -5.98
N GLU C 70 -21.80 -30.61 -6.15
CA GLU C 70 -22.37 -30.22 -7.43
C GLU C 70 -21.33 -29.54 -8.33
N SER C 71 -20.49 -28.71 -7.74
CA SER C 71 -19.39 -28.07 -8.44
C SER C 71 -18.59 -27.25 -7.45
N LEU C 72 -17.41 -26.83 -7.90
CA LEU C 72 -16.55 -25.98 -7.09
C LEU C 72 -17.11 -24.58 -6.84
N VAL C 73 -17.91 -24.04 -7.76
CA VAL C 73 -18.60 -22.76 -7.53
C VAL C 73 -19.64 -22.90 -6.40
N HIS C 74 -20.37 -24.01 -6.38
CA HIS C 74 -21.28 -24.34 -5.26
C HIS C 74 -20.45 -24.34 -3.97
N GLU C 75 -19.37 -25.12 -3.97
CA GLU C 75 -18.46 -25.21 -2.82
C GLU C 75 -18.01 -23.83 -2.33
N SER C 76 -17.57 -22.96 -3.25
CA SER C 76 -17.15 -21.59 -2.93
C SER C 76 -18.26 -20.81 -2.22
N ILE C 77 -19.48 -20.98 -2.72
CA ILE C 77 -20.67 -20.30 -2.21
C ILE C 77 -20.93 -20.75 -0.77
N ILE C 78 -20.88 -22.06 -0.55
CA ILE C 78 -21.08 -22.63 0.77
C ILE C 78 -20.07 -22.13 1.79
N LEU C 79 -18.79 -22.18 1.43
CA LEU C 79 -17.72 -21.77 2.34
C LEU C 79 -17.80 -20.32 2.73
N GLU C 80 -18.17 -19.46 1.77
CA GLU C 80 -18.27 -18.04 2.06
C GLU C 80 -19.31 -17.77 3.12
N GLU C 81 -20.51 -18.32 2.93
CA GLU C 81 -21.62 -18.20 3.88
C GLU C 81 -21.29 -18.76 5.26
N LEU C 82 -20.70 -19.94 5.28
CA LEU C 82 -20.27 -20.57 6.52
C LEU C 82 -19.30 -19.67 7.30
N PHE C 83 -18.20 -19.29 6.64
CA PHE C 83 -17.15 -18.51 7.29
C PHE C 83 -17.55 -17.06 7.62
N ALA C 84 -18.56 -16.54 6.91
CA ALA C 84 -19.15 -15.23 7.21
C ALA C 84 -19.84 -15.22 8.58
N VAL C 85 -20.08 -16.40 9.15
CA VAL C 85 -20.80 -16.54 10.42
C VAL C 85 -19.93 -17.15 11.51
N GLU C 86 -19.33 -18.31 11.24
CA GLU C 86 -18.62 -19.06 12.27
C GLU C 86 -17.67 -20.08 11.62
N PRO C 87 -16.35 -19.80 11.66
CA PRO C 87 -15.26 -20.70 11.32
C PRO C 87 -15.18 -21.99 12.14
N ALA C 88 -15.66 -21.98 13.39
CA ALA C 88 -15.67 -23.21 14.20
C ALA C 88 -16.55 -24.21 13.45
N THR C 89 -16.14 -25.47 13.47
CA THR C 89 -16.79 -26.55 12.70
C THR C 89 -16.60 -26.42 11.17
N SER C 90 -16.89 -25.23 10.63
CA SER C 90 -16.62 -24.91 9.22
C SER C 90 -15.19 -25.25 8.80
N ILE C 91 -14.24 -24.92 9.66
CA ILE C 91 -12.83 -25.24 9.47
C ILE C 91 -12.62 -26.78 9.37
N THR C 92 -13.34 -27.52 10.20
CA THR C 92 -13.26 -28.98 10.28
C THR C 92 -13.75 -29.64 8.97
N ILE C 93 -14.85 -29.12 8.44
CA ILE C 93 -15.39 -29.56 7.15
C ILE C 93 -14.38 -29.42 6.00
N VAL C 94 -13.78 -28.24 5.87
CA VAL C 94 -12.78 -27.99 4.82
C VAL C 94 -11.46 -28.73 5.02
N ALA C 95 -11.06 -28.98 6.26
CA ALA C 95 -9.86 -29.77 6.54
C ALA C 95 -10.09 -31.24 6.17
N THR C 96 -11.28 -31.73 6.50
CA THR C 96 -11.74 -33.04 6.05
C THR C 96 -11.71 -33.15 4.52
N ALA C 97 -12.25 -32.13 3.85
CA ALA C 97 -12.29 -32.06 2.40
C ALA C 97 -10.89 -32.23 1.83
N LEU C 98 -9.95 -31.44 2.38
CA LEU C 98 -8.56 -31.51 1.96
C LEU C 98 -7.96 -32.90 2.21
N GLY C 99 -8.28 -33.49 3.37
CA GLY C 99 -7.79 -34.81 3.74
C GLY C 99 -8.31 -35.88 2.79
N LEU C 100 -9.53 -35.67 2.28
CA LEU C 100 -10.14 -36.54 1.27
C LEU C 100 -9.59 -36.37 -0.14
N MET C 101 -9.08 -35.17 -0.46
CA MET C 101 -8.69 -34.85 -1.83
C MET C 101 -7.73 -35.82 -2.53
N PRO C 102 -6.64 -36.25 -1.87
CA PRO C 102 -5.78 -37.18 -2.64
C PRO C 102 -6.44 -38.54 -2.99
N VAL C 103 -7.37 -38.98 -2.16
CA VAL C 103 -8.14 -40.18 -2.49
C VAL C 103 -9.12 -39.89 -3.65
N ILE C 104 -9.86 -38.80 -3.53
CA ILE C 104 -10.71 -38.30 -4.60
C ILE C 104 -9.96 -38.16 -5.92
N LEU C 105 -8.72 -37.68 -5.89
CA LEU C 105 -7.98 -37.37 -7.12
C LEU C 105 -7.18 -38.52 -7.71
N CYS C 106 -6.87 -39.54 -6.90
CA CYS C 106 -6.17 -40.70 -7.42
C CYS C 106 -7.17 -41.42 -8.35
N ASP C 107 -6.72 -42.32 -9.21
CA ASP C 107 -7.78 -42.99 -9.96
C ASP C 107 -7.82 -44.47 -9.69
N SER C 108 -7.71 -44.80 -8.41
CA SER C 108 -7.78 -46.17 -7.93
C SER C 108 -9.17 -46.41 -7.38
N PRO C 109 -10.10 -46.95 -8.21
CA PRO C 109 -11.48 -47.19 -7.77
C PRO C 109 -11.63 -47.98 -6.48
N SER C 110 -10.78 -48.99 -6.26
CA SER C 110 -10.89 -49.79 -5.03
C SER C 110 -10.55 -48.98 -3.77
N LEU C 111 -9.55 -48.12 -3.85
CA LEU C 111 -9.18 -47.23 -2.73
C LEU C 111 -10.25 -46.20 -2.44
N GLN C 112 -10.74 -45.54 -3.47
CA GLN C 112 -11.78 -44.55 -3.30
C GLN C 112 -12.96 -45.17 -2.56
N GLU C 113 -13.39 -46.31 -3.07
CA GLU C 113 -14.55 -47.01 -2.57
C GLU C 113 -14.38 -47.42 -1.09
N LYS C 114 -13.20 -47.94 -0.76
CA LYS C 114 -12.91 -48.36 0.60
C LYS C 114 -12.82 -47.17 1.58
N PHE C 115 -12.01 -46.17 1.25
CA PHE C 115 -11.66 -45.10 2.21
C PHE C 115 -12.65 -43.93 2.30
N LEU C 116 -13.40 -43.68 1.22
CA LEU C 116 -14.40 -42.58 1.21
C LEU C 116 -15.75 -42.96 1.84
N LYS C 117 -15.91 -44.25 2.15
CA LYS C 117 -17.21 -44.77 2.57
C LYS C 117 -17.81 -44.09 3.82
N PRO C 118 -17.02 -43.90 4.90
CA PRO C 118 -17.58 -43.19 6.07
C PRO C 118 -18.08 -41.76 5.77
N PHE C 119 -17.46 -41.11 4.78
CA PHE C 119 -17.70 -39.70 4.50
C PHE C 119 -18.93 -39.45 3.65
N ILE C 120 -19.44 -40.49 3.02
CA ILE C 120 -20.60 -40.36 2.15
C ILE C 120 -21.81 -41.05 2.80
N SER C 121 -21.59 -41.61 3.99
CA SER C 121 -22.64 -42.36 4.70
C SER C 121 -23.69 -41.44 5.32
N GLY C 122 -23.35 -40.18 5.61
CA GLY C 122 -24.28 -39.26 6.26
C GLY C 122 -24.40 -39.55 7.75
N GLU C 123 -23.47 -40.34 8.28
CA GLU C 123 -23.52 -40.80 9.66
C GLU C 123 -22.23 -40.54 10.43
N GLY C 124 -22.33 -40.47 11.75
CA GLY C 124 -21.15 -40.31 12.61
C GLY C 124 -20.55 -38.92 12.48
N GLU C 125 -19.30 -38.78 12.88
CA GLU C 125 -18.55 -37.54 12.72
C GLU C 125 -17.17 -37.87 12.16
N PRO C 126 -17.11 -38.48 10.95
CA PRO C 126 -15.81 -38.91 10.44
C PRO C 126 -14.93 -37.72 10.03
N LEU C 127 -13.65 -37.80 10.40
CA LEU C 127 -12.66 -36.76 10.11
C LEU C 127 -11.59 -37.28 9.18
N ALA C 128 -11.14 -36.41 8.28
CA ALA C 128 -9.99 -36.65 7.42
C ALA C 128 -8.95 -35.55 7.60
N SER C 129 -7.68 -35.88 7.36
CA SER C 129 -6.60 -34.91 7.43
C SER C 129 -5.53 -35.20 6.39
N LEU C 130 -5.06 -34.16 5.73
CA LEU C 130 -3.92 -34.25 4.85
C LEU C 130 -2.66 -33.79 5.62
N MET C 131 -1.93 -34.79 6.09
CA MET C 131 -0.74 -34.59 6.89
C MET C 131 0.50 -34.34 6.05
N HIS C 132 0.73 -33.07 5.74
CA HIS C 132 1.92 -32.63 5.04
C HIS C 132 2.90 -31.80 5.90
N SER C 133 2.37 -30.84 6.66
CA SER C 133 3.20 -29.89 7.42
C SER C 133 4.03 -30.50 8.56
N GLU C 134 5.22 -29.92 8.75
CA GLU C 134 6.19 -30.46 9.70
C GLU C 134 6.70 -29.37 10.65
N PRO C 135 7.26 -29.77 11.81
CA PRO C 135 7.88 -28.79 12.75
C PRO C 135 8.96 -27.93 12.11
N ASN C 136 9.76 -28.52 11.22
CA ASN C 136 10.87 -27.80 10.59
C ASN C 136 10.47 -26.95 9.41
N GLY C 137 9.19 -27.01 9.02
CA GLY C 137 8.70 -26.25 7.88
C GLY C 137 8.63 -27.10 6.62
N THR C 138 7.89 -26.63 5.61
CA THR C 138 7.73 -27.37 4.34
C THR C 138 7.90 -26.54 3.07
N ALA C 139 8.20 -25.25 3.18
CA ALA C 139 8.29 -24.40 1.99
C ALA C 139 9.39 -24.86 1.04
N ASN C 140 10.39 -25.55 1.60
CA ASN C 140 11.52 -26.06 0.82
C ASN C 140 11.53 -27.59 0.66
N TRP C 141 10.38 -28.23 0.90
CA TRP C 141 10.27 -29.69 0.82
C TRP C 141 10.68 -30.32 -0.52
N LEU C 142 10.65 -29.52 -1.60
CA LEU C 142 11.08 -29.99 -2.90
C LEU C 142 12.40 -29.37 -3.39
N GLN C 143 13.09 -28.62 -2.52
CA GLN C 143 14.38 -28.07 -2.90
C GLN C 143 15.42 -29.20 -3.10
N LYS C 144 15.91 -29.31 -4.32
CA LYS C 144 16.99 -30.22 -4.66
C LYS C 144 18.24 -29.75 -3.90
N GLY C 145 18.85 -30.66 -3.15
CA GLY C 145 20.04 -30.34 -2.37
C GLY C 145 19.70 -30.09 -0.92
N GLY C 146 18.41 -29.86 -0.64
CA GLY C 146 17.94 -29.63 0.72
C GLY C 146 17.70 -30.96 1.40
N PRO C 147 17.42 -30.94 2.72
CA PRO C 147 17.08 -32.14 3.52
C PRO C 147 15.70 -32.79 3.23
N GLY C 148 14.80 -32.07 2.55
CA GLY C 148 13.46 -32.56 2.21
C GLY C 148 12.65 -32.89 3.43
N LEU C 149 11.48 -33.49 3.23
CA LEU C 149 10.64 -33.88 4.35
C LEU C 149 11.42 -34.68 5.38
N GLN C 150 11.04 -34.50 6.64
CA GLN C 150 11.69 -35.21 7.72
C GLN C 150 10.86 -36.37 8.27
N THR C 151 9.61 -36.47 7.82
CA THR C 151 8.87 -37.72 7.92
C THR C 151 9.27 -38.57 6.70
N THR C 152 9.88 -39.72 6.96
CA THR C 152 10.30 -40.59 5.88
C THR C 152 9.58 -41.92 5.95
N ALA C 153 9.58 -42.63 4.84
CA ALA C 153 9.03 -43.98 4.80
C ALA C 153 9.97 -44.97 4.09
N ARG C 154 9.97 -46.19 4.59
CA ARG C 154 10.77 -47.25 3.98
C ARG C 154 9.94 -48.52 3.85
N LYS C 155 10.16 -49.24 2.74
CA LYS C 155 9.51 -50.52 2.54
C LYS C 155 10.27 -51.63 3.26
N VAL C 156 9.53 -52.42 4.03
CA VAL C 156 10.07 -53.57 4.75
C VAL C 156 9.09 -54.72 4.53
N GLY C 157 9.43 -55.60 3.58
CA GLY C 157 8.54 -56.70 3.22
C GLY C 157 7.31 -56.13 2.53
N ASN C 158 6.13 -56.50 3.02
CA ASN C 158 4.88 -56.05 2.39
C ASN C 158 4.20 -54.89 3.18
N GLU C 159 5.01 -54.13 3.90
CA GLU C 159 4.54 -52.93 4.60
C GLU C 159 5.55 -51.79 4.55
N TRP C 160 5.05 -50.61 4.90
CA TRP C 160 5.84 -49.41 4.97
C TRP C 160 5.98 -48.95 6.42
N VAL C 161 7.16 -48.43 6.73
CA VAL C 161 7.47 -47.99 8.08
C VAL C 161 7.72 -46.49 8.13
N ILE C 162 6.86 -45.80 8.88
CA ILE C 162 6.95 -44.33 8.97
C ILE C 162 7.76 -43.84 10.18
N SER C 163 8.76 -43.01 9.88
CA SER C 163 9.60 -42.40 10.91
C SER C 163 9.61 -40.88 10.75
N GLY C 164 9.02 -40.18 11.71
CA GLY C 164 9.07 -38.71 11.69
C GLY C 164 7.92 -37.98 12.35
N GLU C 165 7.93 -36.66 12.19
CA GLU C 165 6.99 -35.77 12.88
C GLU C 165 6.18 -34.86 11.93
N LYS C 166 4.88 -34.80 12.20
CA LYS C 166 4.03 -33.81 11.56
C LYS C 166 3.56 -32.76 12.57
N LEU C 167 3.36 -31.54 12.07
CA LEU C 167 2.78 -30.43 12.85
C LEU C 167 1.79 -29.65 11.99
N TRP C 168 0.65 -29.26 12.57
CA TRP C 168 -0.37 -28.38 11.93
C TRP C 168 -1.54 -29.01 11.17
N PRO C 169 -1.41 -30.24 10.60
CA PRO C 169 -2.54 -30.71 9.78
C PRO C 169 -3.83 -30.82 10.58
N SER C 170 -4.84 -30.05 10.18
CA SER C 170 -6.10 -30.02 10.91
C SER C 170 -6.81 -31.38 10.90
N ASN C 171 -7.44 -31.73 12.03
CA ASN C 171 -8.10 -33.01 12.27
C ASN C 171 -7.21 -34.22 12.53
N SER C 172 -5.89 -34.09 12.34
CA SER C 172 -4.99 -35.26 12.20
C SER C 172 -5.09 -36.37 13.28
N GLY C 173 -5.46 -35.99 14.52
CA GLY C 173 -5.54 -36.93 15.63
C GLY C 173 -6.95 -37.33 15.96
N GLY C 174 -7.92 -36.86 15.19
CA GLY C 174 -9.31 -37.18 15.44
C GLY C 174 -9.85 -36.40 16.63
N TRP C 175 -11.02 -36.82 17.11
CA TRP C 175 -11.67 -36.20 18.25
C TRP C 175 -10.98 -36.52 19.58
N ASP C 176 -10.32 -37.68 19.63
CA ASP C 176 -9.80 -38.27 20.87
C ASP C 176 -8.30 -38.57 20.88
N TYR C 177 -7.56 -38.10 19.87
CA TYR C 177 -6.12 -38.34 19.74
C TYR C 177 -5.74 -39.82 19.41
N LYS C 178 -6.71 -40.56 18.91
CA LYS C 178 -6.51 -41.94 18.42
C LYS C 178 -6.55 -41.98 16.88
N GLY C 179 -6.62 -40.79 16.27
CA GLY C 179 -6.46 -40.61 14.83
C GLY C 179 -7.69 -40.13 14.09
N ALA C 180 -7.49 -39.36 13.03
CA ALA C 180 -8.56 -39.10 12.08
C ALA C 180 -8.99 -40.44 11.46
N ASP C 181 -10.25 -40.49 11.03
CA ASP C 181 -10.76 -41.68 10.36
C ASP C 181 -9.96 -42.00 9.11
N LEU C 182 -9.52 -40.95 8.42
CA LEU C 182 -8.56 -41.08 7.33
C LEU C 182 -7.52 -39.96 7.39
N ALA C 183 -6.24 -40.34 7.39
CA ALA C 183 -5.15 -39.41 7.21
C ALA C 183 -4.31 -39.82 5.99
N CYS C 184 -3.97 -38.83 5.16
CA CYS C 184 -3.00 -39.03 4.08
C CYS C 184 -1.69 -38.43 4.53
N VAL C 185 -0.72 -39.29 4.85
CA VAL C 185 0.56 -38.86 5.37
C VAL C 185 1.56 -38.76 4.23
N VAL C 186 2.08 -37.56 3.98
CA VAL C 186 3.08 -37.38 2.93
C VAL C 186 4.50 -37.61 3.47
N CYS C 187 5.20 -38.58 2.88
CA CYS C 187 6.55 -38.92 3.30
C CYS C 187 7.52 -38.81 2.14
N ARG C 188 8.79 -38.60 2.50
CA ARG C 188 9.89 -38.78 1.59
C ARG C 188 10.39 -40.23 1.74
N VAL C 189 10.51 -40.94 0.62
CA VAL C 189 11.06 -42.31 0.66
C VAL C 189 12.54 -42.30 1.06
N SER C 190 12.87 -43.05 2.10
CA SER C 190 14.27 -43.23 2.48
C SER C 190 14.45 -44.62 3.05
N ASP C 191 15.29 -45.41 2.37
CA ASP C 191 15.69 -46.74 2.84
C ASP C 191 16.26 -46.66 4.26
N ASP C 192 17.17 -45.72 4.46
CA ASP C 192 17.73 -45.41 5.78
C ASP C 192 17.36 -43.98 6.25
N PRO C 193 16.45 -43.88 7.23
CA PRO C 193 15.93 -42.59 7.73
C PRO C 193 16.98 -41.70 8.43
N SER C 194 18.22 -42.19 8.52
CA SER C 194 19.33 -41.42 9.11
C SER C 194 20.20 -40.81 8.02
N LYS C 195 20.05 -41.28 6.78
CA LYS C 195 20.85 -40.76 5.69
C LYS C 195 20.18 -39.54 5.07
N PRO C 196 20.96 -38.44 4.88
CA PRO C 196 20.43 -37.22 4.27
C PRO C 196 19.94 -37.46 2.84
N GLN C 197 18.88 -36.76 2.46
CA GLN C 197 18.37 -36.85 1.09
C GLN C 197 19.53 -36.72 0.12
N ASP C 198 19.59 -37.63 -0.85
CA ASP C 198 20.56 -37.57 -1.92
C ASP C 198 20.41 -36.28 -2.71
N PRO C 199 21.45 -35.41 -2.68
CA PRO C 199 21.47 -34.12 -3.36
C PRO C 199 21.41 -34.17 -4.89
N ASN C 200 21.51 -35.38 -5.44
CA ASN C 200 21.54 -35.57 -6.89
C ASN C 200 20.22 -36.08 -7.47
N VAL C 201 19.31 -36.46 -6.58
CA VAL C 201 17.97 -36.86 -7.00
C VAL C 201 16.92 -35.75 -6.73
N ASP C 202 16.09 -35.51 -7.74
CA ASP C 202 14.94 -34.63 -7.66
C ASP C 202 14.03 -35.07 -6.50
N PRO C 203 13.84 -34.20 -5.48
CA PRO C 203 13.02 -34.61 -4.32
C PRO C 203 11.61 -35.07 -4.69
N ALA C 204 11.03 -34.46 -5.73
CA ALA C 204 9.68 -34.83 -6.18
C ALA C 204 9.59 -36.29 -6.57
N THR C 205 10.73 -36.88 -6.98
CA THR C 205 10.77 -38.31 -7.33
C THR C 205 10.73 -39.25 -6.14
N GLN C 206 10.78 -38.70 -4.91
CA GLN C 206 10.83 -39.54 -3.71
C GLN C 206 9.59 -39.43 -2.81
N ILE C 207 8.56 -38.72 -3.28
CA ILE C 207 7.37 -38.52 -2.47
C ILE C 207 6.46 -39.74 -2.47
N ALA C 208 6.02 -40.14 -1.28
CA ALA C 208 4.98 -41.13 -1.14
C ALA C 208 3.86 -40.58 -0.26
N VAL C 209 2.68 -41.17 -0.36
CA VAL C 209 1.54 -40.83 0.46
C VAL C 209 0.96 -42.11 1.02
N LEU C 210 0.90 -42.22 2.35
CA LEU C 210 0.38 -43.42 2.97
C LEU C 210 -0.89 -43.12 3.72
N LEU C 211 -1.88 -43.98 3.53
CA LEU C 211 -3.18 -43.78 4.13
C LEU C 211 -3.20 -44.47 5.49
N VAL C 212 -3.61 -43.71 6.51
CA VAL C 212 -3.58 -44.15 7.91
C VAL C 212 -4.95 -43.92 8.50
N THR C 213 -5.51 -44.96 9.10
CA THR C 213 -6.84 -44.90 9.67
C THR C 213 -6.68 -45.16 11.15
N ARG C 214 -7.77 -45.07 11.89
CA ARG C 214 -7.76 -45.40 13.33
C ARG C 214 -7.35 -46.86 13.54
N GLU C 215 -7.75 -47.73 12.60
CA GLU C 215 -7.34 -49.14 12.60
C GLU C 215 -5.83 -49.31 12.43
N THR C 216 -5.24 -48.58 11.49
CA THR C 216 -3.78 -48.62 11.30
C THR C 216 -3.03 -48.28 12.61
N ILE C 217 -3.54 -47.28 13.34
CA ILE C 217 -2.94 -46.85 14.60
C ILE C 217 -3.14 -47.91 15.69
N ALA C 218 -4.37 -48.42 15.78
CA ALA C 218 -4.69 -49.51 16.71
C ALA C 218 -3.82 -50.76 16.50
N ASN C 219 -3.44 -51.05 15.25
CA ASN C 219 -2.58 -52.19 14.91
C ASN C 219 -1.10 -51.91 15.11
N ASN C 220 -0.79 -50.73 15.65
CA ASN C 220 0.58 -50.40 16.00
C ASN C 220 0.75 -50.33 17.52
N LYS C 221 1.99 -50.46 17.97
CA LYS C 221 2.38 -50.23 19.36
C LYS C 221 1.95 -48.82 19.79
N LYS C 222 1.48 -48.68 21.03
CA LYS C 222 1.03 -47.38 21.56
C LYS C 222 1.99 -46.23 21.29
N ASP C 223 3.28 -46.50 21.42
CA ASP C 223 4.33 -45.50 21.27
C ASP C 223 4.83 -45.29 19.82
N ALA C 224 4.18 -45.93 18.86
CA ALA C 224 4.57 -45.75 17.46
C ALA C 224 3.98 -44.44 16.90
N TYR C 225 2.92 -43.98 17.58
CA TYR C 225 2.12 -42.82 17.21
C TYR C 225 1.85 -42.03 18.48
N GLN C 226 2.52 -40.90 18.62
CA GLN C 226 2.44 -40.05 19.82
C GLN C 226 2.05 -38.62 19.47
N ILE C 227 0.99 -38.12 20.12
CA ILE C 227 0.62 -36.73 20.03
C ILE C 227 1.42 -35.97 21.07
N LEU C 228 2.37 -35.15 20.62
CA LEU C 228 3.30 -34.46 21.51
C LEU C 228 2.85 -33.07 21.99
N GLY C 229 1.84 -32.50 21.32
CA GLY C 229 1.35 -31.17 21.67
C GLY C 229 0.26 -30.66 20.74
N GLU C 230 -0.41 -29.60 21.17
CA GLU C 230 -1.49 -28.99 20.44
C GLU C 230 -1.27 -27.47 20.48
N PRO C 231 -0.85 -26.87 19.35
CA PRO C 231 -0.63 -25.43 19.29
C PRO C 231 -1.81 -24.62 19.83
N GLU C 232 -1.50 -23.55 20.55
CA GLU C 232 -2.55 -22.62 20.97
C GLU C 232 -2.53 -21.51 19.95
N LEU C 233 -3.60 -21.38 19.19
CA LEU C 233 -3.60 -20.53 18.00
C LEU C 233 -4.17 -19.15 18.29
N ALA C 234 -3.71 -18.15 17.54
CA ALA C 234 -4.27 -16.77 17.61
C ALA C 234 -5.78 -16.75 17.36
N GLY C 235 -6.19 -17.40 16.28
CA GLY C 235 -7.58 -17.48 15.89
C GLY C 235 -7.86 -18.88 15.39
N HIS C 236 -9.09 -19.17 15.04
CA HIS C 236 -9.49 -20.54 14.75
C HIS C 236 -9.11 -21.39 15.97
N ILE C 237 -9.55 -20.91 17.13
CA ILE C 237 -9.21 -21.48 18.44
C ILE C 237 -9.88 -22.83 18.73
N THR C 238 -10.87 -23.21 17.91
CA THR C 238 -11.51 -24.53 18.07
C THR C 238 -10.99 -25.62 17.13
N THR C 239 -9.89 -25.35 16.42
CA THR C 239 -9.38 -26.33 15.50
C THR C 239 -8.31 -27.18 16.19
N SER C 240 -8.22 -28.45 15.80
CA SER C 240 -7.14 -29.30 16.27
C SER C 240 -6.23 -29.53 15.11
N GLY C 241 -4.94 -29.41 15.32
CA GLY C 241 -3.94 -29.66 14.29
C GLY C 241 -2.63 -29.96 15.00
N PRO C 242 -2.57 -31.11 15.70
CA PRO C 242 -1.49 -31.38 16.67
C PRO C 242 -0.09 -31.64 16.12
N HIS C 243 0.82 -31.79 17.06
CA HIS C 243 2.18 -32.23 16.80
C HIS C 243 2.20 -33.75 17.00
N THR C 244 2.55 -34.48 15.95
CA THR C 244 2.46 -35.94 15.93
C THR C 244 3.83 -36.51 15.64
N ARG C 245 4.21 -37.53 16.40
CA ARG C 245 5.43 -38.28 16.13
C ARG C 245 5.10 -39.71 15.68
N PHE C 246 5.66 -40.09 14.53
CA PHE C 246 5.64 -41.48 14.07
C PHE C 246 7.00 -42.09 14.40
N THR C 247 6.98 -43.17 15.16
CA THR C 247 8.20 -43.91 15.45
C THR C 247 8.00 -45.37 15.05
N GLU C 248 8.67 -45.77 13.97
CA GLU C 248 8.55 -47.15 13.46
C GLU C 248 7.08 -47.54 13.28
N PHE C 249 6.33 -46.67 12.61
CA PHE C 249 4.88 -46.83 12.46
C PHE C 249 4.60 -47.65 11.22
N HIS C 250 3.91 -48.78 11.40
CA HIS C 250 3.75 -49.78 10.34
C HIS C 250 2.46 -49.61 9.55
N VAL C 251 2.61 -49.49 8.23
CA VAL C 251 1.47 -49.30 7.32
C VAL C 251 1.44 -50.36 6.19
N PRO C 252 0.31 -51.09 6.04
CA PRO C 252 0.18 -52.05 4.94
C PRO C 252 0.45 -51.41 3.58
N HIS C 253 1.13 -52.14 2.69
CA HIS C 253 1.42 -51.68 1.33
C HIS C 253 0.16 -51.31 0.55
N GLU C 254 -0.93 -52.01 0.83
CA GLU C 254 -2.19 -51.72 0.18
C GLU C 254 -2.80 -50.36 0.56
N ASN C 255 -2.21 -49.70 1.57
CA ASN C 255 -2.59 -48.34 1.99
C ASN C 255 -1.72 -47.27 1.31
N LEU C 256 -0.82 -47.71 0.43
CA LEU C 256 -0.03 -46.78 -0.33
C LEU C 256 -0.94 -46.21 -1.43
N LEU C 257 -0.99 -44.89 -1.53
CA LEU C 257 -1.96 -44.19 -2.35
C LEU C 257 -1.71 -44.37 -3.85
N CYS C 258 -0.45 -44.27 -4.24
CA CYS C 258 -0.06 -44.53 -5.60
C CYS C 258 1.41 -44.91 -5.62
N THR C 259 1.99 -44.95 -6.82
CA THR C 259 3.42 -45.16 -6.96
C THR C 259 4.16 -43.91 -6.49
N PRO C 260 5.12 -44.06 -5.56
CA PRO C 260 6.01 -42.99 -5.12
C PRO C 260 6.65 -42.25 -6.29
N GLY C 261 6.84 -40.95 -6.16
CA GLY C 261 7.48 -40.17 -7.19
C GLY C 261 6.60 -39.04 -7.68
N LEU C 262 6.84 -38.60 -8.90
CA LEU C 262 6.12 -37.47 -9.49
C LEU C 262 4.60 -37.56 -9.36
N LYS C 263 4.05 -38.76 -9.42
CA LYS C 263 2.62 -38.97 -9.31
C LYS C 263 2.05 -38.70 -7.93
N ALA C 264 2.71 -39.22 -6.89
CA ALA C 264 2.36 -38.90 -5.50
C ALA C 264 2.49 -37.40 -5.20
N GLN C 265 3.61 -36.78 -5.57
CA GLN C 265 3.78 -35.33 -5.48
C GLN C 265 2.65 -34.60 -6.25
N GLY C 266 2.30 -35.13 -7.43
CA GLY C 266 1.28 -34.53 -8.29
C GLY C 266 -0.08 -34.54 -7.63
N LEU C 267 -0.38 -35.61 -6.90
CA LEU C 267 -1.58 -35.67 -6.11
C LEU C 267 -1.62 -34.62 -4.99
N VAL C 268 -0.48 -34.42 -4.33
CA VAL C 268 -0.39 -33.45 -3.22
C VAL C 268 -0.53 -32.06 -3.79
N GLU C 269 0.18 -31.82 -4.88
CA GLU C 269 0.19 -30.51 -5.49
C GLU C 269 -1.19 -30.12 -6.00
N THR C 270 -1.93 -31.10 -6.55
CA THR C 270 -3.29 -30.87 -7.08
C THR C 270 -4.26 -30.60 -5.94
N ALA C 271 -4.19 -31.43 -4.91
CA ALA C 271 -4.97 -31.23 -3.69
C ALA C 271 -4.80 -29.80 -3.15
N PHE C 272 -3.54 -29.37 -3.02
CA PHE C 272 -3.22 -28.04 -2.48
C PHE C 272 -3.47 -26.88 -3.45
N ALA C 273 -3.59 -27.19 -4.74
CA ALA C 273 -3.98 -26.17 -5.72
C ALA C 273 -5.47 -25.92 -5.61
N MET C 274 -6.23 -26.99 -5.40
CA MET C 274 -7.66 -26.84 -5.22
C MET C 274 -8.02 -26.12 -3.91
N SER C 275 -7.37 -26.48 -2.82
CA SER C 275 -7.51 -25.76 -1.57
C SER C 275 -7.03 -24.30 -1.73
N ALA C 276 -5.97 -24.09 -2.52
CA ALA C 276 -5.45 -22.75 -2.76
C ALA C 276 -6.58 -21.81 -3.21
N ALA C 277 -7.37 -22.26 -4.17
CA ALA C 277 -8.47 -21.47 -4.70
C ALA C 277 -9.63 -21.39 -3.70
N LEU C 278 -9.93 -22.50 -3.02
CA LEU C 278 -11.08 -22.51 -2.10
C LEU C 278 -10.91 -21.73 -0.78
N VAL C 279 -9.69 -21.65 -0.26
CA VAL C 279 -9.41 -20.83 0.91
C VAL C 279 -9.74 -19.34 0.67
N GLY C 280 -9.71 -18.91 -0.59
CA GLY C 280 -10.20 -17.59 -0.99
C GLY C 280 -11.63 -17.34 -0.51
N ALA C 281 -12.47 -18.37 -0.56
CA ALA C 281 -13.85 -18.28 -0.12
C ALA C 281 -13.93 -18.06 1.40
N MET C 282 -13.01 -18.69 2.11
CA MET C 282 -12.94 -18.59 3.57
C MET C 282 -12.54 -17.18 3.94
N ALA C 283 -11.51 -16.69 3.26
CA ALA C 283 -11.03 -15.34 3.44
C ALA C 283 -12.13 -14.32 3.17
N ILE C 284 -12.87 -14.51 2.08
CA ILE C 284 -13.99 -13.64 1.73
C ILE C 284 -15.09 -13.69 2.82
N GLY C 285 -15.41 -14.89 3.31
CA GLY C 285 -16.38 -15.04 4.40
C GLY C 285 -16.03 -14.14 5.58
N THR C 286 -14.81 -14.29 6.11
CA THR C 286 -14.33 -13.55 7.26
C THR C 286 -14.30 -12.05 6.98
N ALA C 287 -13.69 -11.66 5.86
CA ALA C 287 -13.59 -10.25 5.49
C ALA C 287 -14.98 -9.66 5.24
N ARG C 288 -15.87 -10.45 4.65
CA ARG C 288 -17.24 -9.98 4.41
C ARG C 288 -17.98 -9.70 5.72
N ALA C 289 -17.72 -10.53 6.73
CA ALA C 289 -18.33 -10.36 8.04
C ALA C 289 -17.89 -9.02 8.64
N ALA C 290 -16.59 -8.73 8.57
CA ALA C 290 -16.04 -7.45 9.01
C ALA C 290 -16.68 -6.28 8.27
N PHE C 291 -16.73 -6.36 6.94
CA PHE C 291 -17.27 -5.27 6.10
C PHE C 291 -18.73 -4.96 6.40
N GLU C 292 -19.53 -6.02 6.55
CA GLU C 292 -20.97 -5.88 6.77
C GLU C 292 -21.23 -5.35 8.17
N GLU C 293 -20.43 -5.79 9.13
CA GLU C 293 -20.57 -5.26 10.49
C GLU C 293 -20.24 -3.75 10.52
N ALA C 294 -19.12 -3.38 9.91
CA ALA C 294 -18.72 -1.98 9.75
C ALA C 294 -19.73 -1.13 8.95
N LEU C 295 -20.31 -1.72 7.91
CA LEU C 295 -21.25 -0.99 7.04
C LEU C 295 -22.53 -0.64 7.78
N VAL C 296 -23.12 -1.64 8.43
CA VAL C 296 -24.32 -1.46 9.26
C VAL C 296 -24.04 -0.40 10.33
N PHE C 297 -22.89 -0.49 10.98
CA PHE C 297 -22.51 0.47 12.00
C PHE C 297 -22.44 1.90 11.44
N ALA C 298 -21.80 2.06 10.28
CA ALA C 298 -21.57 3.37 9.70
C ALA C 298 -22.86 3.98 9.19
N LYS C 299 -23.85 3.14 8.90
CA LYS C 299 -25.11 3.63 8.36
C LYS C 299 -26.13 3.87 9.45
N SER C 300 -25.84 3.45 10.68
CA SER C 300 -26.76 3.67 11.78
C SER C 300 -26.16 4.48 12.93
N ASP C 301 -24.89 4.83 12.84
CA ASP C 301 -24.24 5.50 13.97
C ASP C 301 -23.55 6.82 13.62
N THR C 302 -23.80 7.84 14.42
CA THR C 302 -23.32 9.20 14.11
C THR C 302 -22.06 9.53 14.89
N ARG C 303 -21.69 8.66 15.82
CA ARG C 303 -20.55 8.90 16.71
C ARG C 303 -20.58 10.29 17.39
N GLY C 304 -21.77 10.69 17.83
CA GLY C 304 -21.95 11.92 18.59
C GLY C 304 -21.93 13.15 17.71
N GLY C 305 -22.13 12.96 16.41
CA GLY C 305 -22.19 14.07 15.48
C GLY C 305 -23.62 14.15 14.99
N SER C 306 -23.82 14.87 13.89
CA SER C 306 -25.15 15.09 13.36
C SER C 306 -25.51 14.11 12.25
N LYS C 307 -24.50 13.51 11.60
CA LYS C 307 -24.80 12.57 10.52
C LYS C 307 -24.16 11.21 10.72
N HIS C 308 -24.78 10.18 10.14
CA HIS C 308 -24.20 8.84 10.13
C HIS C 308 -22.78 8.91 9.52
N ILE C 309 -21.87 8.18 10.13
CA ILE C 309 -20.44 8.33 9.81
C ILE C 309 -20.08 7.93 8.39
N ILE C 310 -20.92 7.11 7.76
CA ILE C 310 -20.78 6.81 6.33
C ILE C 310 -20.74 8.07 5.44
N GLU C 311 -21.28 9.19 5.93
CA GLU C 311 -21.26 10.46 5.23
C GLU C 311 -19.89 11.16 5.27
N HIS C 312 -19.00 10.72 6.16
CA HIS C 312 -17.64 11.23 6.19
C HIS C 312 -16.83 10.52 5.15
N GLN C 313 -16.25 11.30 4.24
CA GLN C 313 -15.52 10.76 3.08
C GLN C 313 -14.45 9.75 3.47
N SER C 314 -13.72 10.00 4.58
CA SER C 314 -12.64 9.06 4.99
C SER C 314 -13.20 7.70 5.42
N VAL C 315 -14.42 7.69 5.98
CA VAL C 315 -15.07 6.45 6.38
C VAL C 315 -15.53 5.70 5.16
N ALA C 316 -16.20 6.42 4.27
CA ALA C 316 -16.68 5.87 3.03
C ALA C 316 -15.53 5.28 2.21
N ASP C 317 -14.39 5.94 2.21
CA ASP C 317 -13.19 5.46 1.47
C ASP C 317 -12.73 4.08 1.91
N LYS C 318 -12.70 3.86 3.23
CA LYS C 318 -12.42 2.55 3.83
C LYS C 318 -13.39 1.47 3.39
N LEU C 319 -14.68 1.79 3.43
CA LEU C 319 -15.73 0.85 3.09
C LEU C 319 -15.70 0.54 1.60
N ILE C 320 -15.40 1.57 0.81
CA ILE C 320 -15.23 1.40 -0.64
C ILE C 320 -14.07 0.44 -0.93
N ASP C 321 -12.94 0.65 -0.26
CA ASP C 321 -11.79 -0.24 -0.39
C ASP C 321 -12.12 -1.68 0.04
N CYS C 322 -12.83 -1.83 1.16
CA CYS C 322 -13.25 -3.16 1.62
C CYS C 322 -14.13 -3.82 0.56
N LYS C 323 -15.16 -3.09 0.12
CA LYS C 323 -16.09 -3.58 -0.87
C LYS C 323 -15.33 -4.04 -2.14
N ILE C 324 -14.47 -3.19 -2.66
CA ILE C 324 -13.63 -3.51 -3.85
C ILE C 324 -12.78 -4.78 -3.64
N ARG C 325 -12.15 -4.87 -2.49
CA ARG C 325 -11.35 -6.04 -2.16
C ARG C 325 -12.19 -7.29 -2.16
N LEU C 326 -13.39 -7.22 -1.58
CA LEU C 326 -14.28 -8.38 -1.52
C LEU C 326 -14.80 -8.80 -2.90
N GLU C 327 -15.24 -7.82 -3.67
CA GLU C 327 -15.82 -8.05 -4.96
C GLU C 327 -14.79 -8.67 -5.93
N THR C 328 -13.59 -8.09 -5.98
CA THR C 328 -12.51 -8.66 -6.80
C THR C 328 -12.10 -10.05 -6.33
N SER C 329 -12.08 -10.25 -5.01
CA SER C 329 -11.72 -11.56 -4.45
C SER C 329 -12.69 -12.65 -4.90
N ARG C 330 -13.99 -12.37 -4.82
CA ARG C 330 -14.99 -13.39 -5.16
C ARG C 330 -14.91 -13.73 -6.64
N LEU C 331 -14.75 -12.72 -7.48
CA LEU C 331 -14.57 -12.89 -8.92
C LEU C 331 -13.40 -13.83 -9.25
N LEU C 332 -12.28 -13.59 -8.58
CA LEU C 332 -11.06 -14.37 -8.77
C LEU C 332 -11.22 -15.82 -8.29
N VAL C 333 -11.85 -16.04 -7.12
CA VAL C 333 -12.13 -17.41 -6.67
C VAL C 333 -13.02 -18.17 -7.68
N TRP C 334 -14.07 -17.53 -8.17
CA TRP C 334 -14.99 -18.21 -9.09
C TRP C 334 -14.28 -18.47 -10.41
N LYS C 335 -13.48 -17.50 -10.85
CA LYS C 335 -12.61 -17.68 -12.00
C LYS C 335 -11.66 -18.86 -11.81
N ALA C 336 -11.07 -18.97 -10.63
CA ALA C 336 -10.11 -20.02 -10.33
C ALA C 336 -10.74 -21.40 -10.29
N VAL C 337 -11.87 -21.57 -9.61
CA VAL C 337 -12.42 -22.92 -9.43
C VAL C 337 -12.98 -23.42 -10.77
N THR C 338 -13.47 -22.46 -11.53
CA THR C 338 -13.90 -22.63 -12.92
C THR C 338 -12.71 -23.02 -13.83
N THR C 339 -11.60 -22.29 -13.74
CA THR C 339 -10.37 -22.65 -14.42
C THR C 339 -9.91 -24.08 -14.06
N LEU C 340 -10.01 -24.44 -12.79
CA LEU C 340 -9.57 -25.77 -12.34
C LEU C 340 -10.41 -26.91 -12.86
N GLU C 341 -11.68 -26.64 -13.17
CA GLU C 341 -12.62 -27.65 -13.62
C GLU C 341 -12.59 -27.78 -15.16
N ASP C 342 -11.83 -26.89 -15.81
CA ASP C 342 -11.73 -26.89 -17.27
C ASP C 342 -10.78 -27.98 -17.76
N GLU C 343 -11.33 -29.01 -18.41
CA GLU C 343 -10.53 -30.14 -18.90
C GLU C 343 -9.59 -29.79 -20.06
N ALA C 344 -9.93 -28.73 -20.80
CA ALA C 344 -9.17 -28.26 -21.95
C ALA C 344 -7.87 -27.53 -21.57
N LEU C 345 -7.73 -27.11 -20.32
CA LEU C 345 -6.56 -26.32 -19.91
C LEU C 345 -5.50 -27.22 -19.32
N GLU C 346 -4.24 -26.88 -19.57
CA GLU C 346 -3.14 -27.67 -19.03
C GLU C 346 -2.88 -27.30 -17.55
N TRP C 347 -2.20 -28.19 -16.83
CA TRP C 347 -2.00 -28.04 -15.41
C TRP C 347 -1.40 -26.70 -14.97
N LYS C 348 -0.37 -26.22 -15.65
CA LYS C 348 0.33 -25.03 -15.22
C LYS C 348 -0.53 -23.76 -15.32
N VAL C 349 -1.52 -23.78 -16.20
CA VAL C 349 -2.42 -22.63 -16.33
C VAL C 349 -3.33 -22.58 -15.09
N LYS C 350 -3.84 -23.76 -14.72
CA LYS C 350 -4.68 -23.97 -13.54
C LYS C 350 -3.92 -23.65 -12.26
N LEU C 351 -2.72 -24.23 -12.13
CA LEU C 351 -1.89 -23.99 -10.96
C LEU C 351 -1.59 -22.50 -10.77
N GLU C 352 -1.15 -21.83 -11.82
CA GLU C 352 -0.90 -20.39 -11.77
C GLU C 352 -2.13 -19.58 -11.31
N MET C 353 -3.30 -19.88 -11.89
CA MET C 353 -4.54 -19.21 -11.53
C MET C 353 -4.83 -19.39 -10.03
N ALA C 354 -4.68 -20.63 -9.57
CA ALA C 354 -4.93 -20.99 -8.18
C ALA C 354 -3.99 -20.25 -7.23
N MET C 355 -2.72 -20.08 -7.63
CA MET C 355 -1.72 -19.44 -6.80
C MET C 355 -2.04 -17.98 -6.65
N GLN C 356 -2.33 -17.33 -7.78
CA GLN C 356 -2.84 -15.95 -7.83
C GLN C 356 -3.98 -15.72 -6.87
N THR C 357 -4.87 -16.69 -6.79
CA THR C 357 -6.09 -16.57 -6.01
C THR C 357 -5.80 -16.60 -4.51
N LYS C 358 -5.04 -17.61 -4.07
CA LYS C 358 -4.65 -17.73 -2.68
C LYS C 358 -3.93 -16.45 -2.25
N ILE C 359 -2.96 -16.01 -3.04
CA ILE C 359 -2.15 -14.83 -2.70
C ILE C 359 -3.00 -13.57 -2.55
N TYR C 360 -3.77 -13.21 -3.58
CA TYR C 360 -4.55 -11.97 -3.57
C TYR C 360 -5.56 -11.96 -2.45
N THR C 361 -6.40 -13.01 -2.42
CA THR C 361 -7.57 -13.02 -1.56
C THR C 361 -7.19 -13.05 -0.09
N THR C 362 -6.13 -13.79 0.24
CA THR C 362 -5.70 -13.86 1.64
C THR C 362 -5.00 -12.60 2.13
N ASP C 363 -4.17 -11.98 1.29
CA ASP C 363 -3.50 -10.72 1.65
C ASP C 363 -4.53 -9.60 1.85
N VAL C 364 -5.46 -9.52 0.91
CA VAL C 364 -6.42 -8.44 0.79
C VAL C 364 -7.54 -8.57 1.85
N ALA C 365 -7.80 -9.79 2.33
CA ALA C 365 -8.79 -10.02 3.38
C ALA C 365 -8.34 -9.40 4.71
N VAL C 366 -7.03 -9.47 4.97
CA VAL C 366 -6.47 -8.86 6.14
C VAL C 366 -6.66 -7.33 6.11
N GLU C 367 -6.41 -6.69 4.96
CA GLU C 367 -6.52 -5.23 4.85
C GLU C 367 -7.99 -4.81 5.04
N CYS C 368 -8.88 -5.63 4.49
CA CYS C 368 -10.31 -5.42 4.57
C CYS C 368 -10.76 -5.40 6.03
N VAL C 369 -10.42 -6.43 6.82
CA VAL C 369 -10.76 -6.46 8.25
C VAL C 369 -10.19 -5.28 9.04
N ILE C 370 -8.95 -4.91 8.76
CA ILE C 370 -8.31 -3.79 9.44
C ILE C 370 -8.92 -2.41 9.05
N ASP C 371 -9.25 -2.23 7.77
CA ASP C 371 -9.92 -1.02 7.32
C ASP C 371 -11.33 -0.92 7.88
N ALA C 372 -12.04 -2.05 7.96
CA ALA C 372 -13.34 -2.09 8.64
C ALA C 372 -13.24 -1.64 10.11
N MET C 373 -12.26 -2.18 10.85
CA MET C 373 -11.99 -1.73 12.23
C MET C 373 -11.70 -0.23 12.33
N LYS C 374 -10.78 0.26 11.49
CA LYS C 374 -10.41 1.68 11.48
C LYS C 374 -11.61 2.59 11.25
N ALA C 375 -12.53 2.15 10.37
CA ALA C 375 -13.77 2.86 10.06
C ALA C 375 -14.71 2.93 11.28
N VAL C 376 -14.88 1.81 11.99
CA VAL C 376 -15.73 1.72 13.20
C VAL C 376 -15.10 2.48 14.35
N GLY C 377 -13.77 2.41 14.44
CA GLY C 377 -13.02 3.11 15.45
C GLY C 377 -12.82 2.30 16.70
N MET C 378 -12.72 3.01 17.83
CA MET C 378 -12.43 2.37 19.12
C MET C 378 -13.35 1.17 19.43
N LYS C 379 -14.65 1.29 19.14
CA LYS C 379 -15.60 0.24 19.50
C LYS C 379 -15.27 -1.14 18.87
N SER C 380 -14.46 -1.17 17.80
CA SER C 380 -14.16 -2.42 17.11
C SER C 380 -13.16 -3.24 17.90
N TYR C 381 -12.55 -2.63 18.91
CA TYR C 381 -11.48 -3.26 19.66
C TYR C 381 -11.99 -4.12 20.82
N ALA C 382 -13.29 -4.10 21.08
CA ALA C 382 -13.86 -4.80 22.23
C ALA C 382 -14.73 -5.97 21.75
N LYS C 383 -14.85 -7.00 22.59
CA LYS C 383 -15.41 -8.29 22.18
C LYS C 383 -16.93 -8.31 22.14
N ASP C 384 -17.57 -7.19 22.44
CA ASP C 384 -18.99 -7.13 22.14
C ASP C 384 -19.24 -6.83 20.66
N MET C 385 -18.17 -6.58 19.91
CA MET C 385 -18.26 -6.64 18.44
C MET C 385 -17.46 -7.83 17.95
N SER C 386 -17.68 -8.20 16.68
CA SER C 386 -17.03 -9.37 16.04
C SER C 386 -15.57 -9.18 15.70
N PHE C 387 -15.12 -7.92 15.62
CA PHE C 387 -13.83 -7.60 15.00
C PHE C 387 -12.61 -8.22 15.66
N PRO C 388 -12.56 -8.27 17.01
CA PRO C 388 -11.41 -8.95 17.66
C PRO C 388 -11.24 -10.40 17.20
N ARG C 389 -12.34 -11.13 17.11
CA ARG C 389 -12.34 -12.48 16.58
C ARG C 389 -11.89 -12.48 15.12
N LEU C 390 -12.50 -11.63 14.30
CA LEU C 390 -12.20 -11.59 12.87
C LEU C 390 -10.77 -11.25 12.59
N LEU C 391 -10.21 -10.32 13.36
CA LEU C 391 -8.81 -9.92 13.19
C LEU C 391 -7.86 -11.12 13.34
N ASN C 392 -8.13 -11.93 14.36
CA ASN C 392 -7.26 -13.06 14.64
C ASN C 392 -7.49 -14.16 13.62
N GLU C 393 -8.75 -14.33 13.21
CA GLU C 393 -9.10 -15.36 12.22
C GLU C 393 -8.55 -15.06 10.81
N VAL C 394 -8.62 -13.79 10.40
CA VAL C 394 -8.17 -13.39 9.07
C VAL C 394 -6.64 -13.53 8.87
N MET C 395 -5.86 -13.37 9.95
CA MET C 395 -4.40 -13.48 9.83
C MET C 395 -3.95 -14.92 9.60
N CYS C 396 -4.85 -15.87 9.79
CA CYS C 396 -4.50 -17.25 9.51
C CYS C 396 -4.26 -17.45 8.00
N TYR C 397 -5.06 -16.78 7.19
CA TYR C 397 -5.20 -17.11 5.77
C TYR C 397 -3.95 -16.89 4.90
N PRO C 398 -3.28 -15.71 5.02
CA PRO C 398 -2.02 -15.57 4.26
C PRO C 398 -0.91 -16.53 4.73
N LEU C 399 -1.07 -17.15 5.90
CA LEU C 399 0.00 -17.99 6.49
C LEU C 399 -0.22 -19.46 6.24
N PHE C 400 -1.49 -19.86 6.25
CA PHE C 400 -1.85 -21.28 6.21
C PHE C 400 -2.07 -21.76 4.77
N ASN C 401 -2.49 -23.02 4.61
CA ASN C 401 -2.56 -23.67 3.31
C ASN C 401 -1.43 -23.30 2.36
N GLY C 402 -0.19 -23.38 2.84
CA GLY C 402 0.97 -22.91 2.08
C GLY C 402 0.98 -21.41 2.10
N GLY C 403 1.87 -20.84 2.91
CA GLY C 403 1.93 -19.39 3.08
C GLY C 403 2.27 -18.75 1.77
N ASN C 404 1.86 -17.49 1.61
CA ASN C 404 2.09 -16.77 0.36
C ASN C 404 3.58 -16.52 0.07
N ILE C 405 4.35 -16.20 1.11
CA ILE C 405 5.75 -15.76 0.90
C ILE C 405 6.68 -16.89 0.47
N GLY C 406 6.63 -18.01 1.20
CA GLY C 406 7.52 -19.11 0.94
C GLY C 406 7.03 -20.13 -0.07
N LEU C 407 5.72 -20.36 -0.13
CA LEU C 407 5.16 -21.43 -0.96
C LEU C 407 4.45 -20.95 -2.23
N ARG C 408 3.36 -20.21 -2.07
CA ARG C 408 2.50 -19.88 -3.20
C ARG C 408 3.17 -18.92 -4.20
N ARG C 409 3.84 -17.88 -3.71
CA ARG C 409 4.59 -16.99 -4.62
C ARG C 409 5.71 -17.77 -5.38
N ARG C 410 6.34 -18.74 -4.72
CA ARG C 410 7.40 -19.56 -5.33
C ARG C 410 6.87 -20.54 -6.36
N GLN C 411 5.74 -21.16 -6.06
CA GLN C 411 5.05 -21.98 -7.05
C GLN C 411 4.67 -21.13 -8.26
N MET C 412 4.10 -19.95 -8.02
CA MET C 412 3.69 -19.11 -9.13
C MET C 412 4.89 -18.64 -9.94
N GLN C 413 5.93 -18.15 -9.27
CA GLN C 413 7.17 -17.72 -9.91
C GLN C 413 7.76 -18.79 -10.82
N ARG C 414 7.75 -20.05 -10.37
CA ARG C 414 8.28 -21.16 -11.14
C ARG C 414 7.51 -21.35 -12.45
N VAL C 415 6.19 -21.23 -12.39
CA VAL C 415 5.35 -21.34 -13.58
C VAL C 415 5.68 -20.21 -14.55
N MET C 416 5.79 -18.98 -14.04
CA MET C 416 5.99 -17.81 -14.90
C MET C 416 7.33 -17.81 -15.62
N ALA C 417 8.30 -18.52 -15.05
CA ALA C 417 9.67 -18.57 -15.55
C ALA C 417 9.90 -19.64 -16.63
N LEU C 418 8.98 -20.59 -16.74
CA LEU C 418 8.98 -21.59 -17.80
C LEU C 418 8.90 -20.90 -19.18
N GLU C 419 9.67 -21.42 -20.14
CA GLU C 419 9.67 -20.92 -21.53
C GLU C 419 8.29 -20.85 -22.19
N ASP C 420 7.45 -21.85 -21.94
CA ASP C 420 6.12 -21.92 -22.54
C ASP C 420 4.99 -21.27 -21.70
N TYR C 421 5.35 -20.40 -20.77
CA TYR C 421 4.37 -19.71 -19.95
C TYR C 421 3.47 -18.84 -20.80
N GLU C 422 2.17 -19.09 -20.71
CA GLU C 422 1.15 -18.30 -21.40
C GLU C 422 0.29 -17.58 -20.35
N PRO C 423 0.59 -16.29 -20.09
CA PRO C 423 -0.09 -15.58 -18.98
C PRO C 423 -1.62 -15.58 -19.06
N TRP C 424 -2.17 -15.39 -20.26
CA TRP C 424 -3.62 -15.25 -20.44
C TRP C 424 -4.36 -16.48 -20.95
N ALA C 425 -3.77 -17.66 -20.81
CA ALA C 425 -4.36 -18.90 -21.36
C ALA C 425 -5.72 -19.21 -20.77
N ALA C 426 -5.90 -18.98 -19.46
CA ALA C 426 -7.16 -19.26 -18.79
C ALA C 426 -8.28 -18.35 -19.26
N THR C 427 -7.93 -17.24 -19.92
CA THR C 427 -8.93 -16.26 -20.36
C THR C 427 -9.19 -16.31 -21.87
N TYR C 428 -8.10 -16.26 -22.61
CA TYR C 428 -8.13 -16.10 -24.06
C TYR C 428 -7.78 -17.39 -24.79
N GLY C 429 -7.75 -18.50 -24.06
CA GLY C 429 -7.45 -19.81 -24.64
C GLY C 429 -5.96 -20.02 -24.87
N SER C 430 -5.58 -21.29 -24.99
CA SER C 430 -4.20 -21.67 -25.30
C SER C 430 -3.83 -21.39 -26.75
N VAL D 1 22.31 20.21 13.79
CA VAL D 1 21.37 19.07 14.06
C VAL D 1 22.14 17.85 14.54
N ASP D 2 21.56 17.15 15.50
CA ASP D 2 22.31 16.25 16.33
C ASP D 2 21.40 15.10 16.73
N PHE D 3 21.91 13.87 16.69
CA PHE D 3 21.11 12.71 17.08
C PHE D 3 21.71 11.96 18.27
N LYS D 4 22.84 12.45 18.78
CA LYS D 4 23.57 11.78 19.85
C LYS D 4 22.83 11.81 21.19
N LEU D 5 22.84 10.67 21.87
CA LEU D 5 22.22 10.59 23.18
C LEU D 5 23.19 10.97 24.29
N SER D 6 22.66 11.68 25.29
CA SER D 6 23.44 12.05 26.45
C SER D 6 23.58 10.81 27.33
N PRO D 7 24.58 10.81 28.23
CA PRO D 7 24.68 9.71 29.20
C PRO D 7 23.40 9.47 30.00
N SER D 8 22.64 10.51 30.32
CA SER D 8 21.39 10.35 31.07
C SER D 8 20.26 9.71 30.23
N GLN D 9 20.29 9.96 28.93
CA GLN D 9 19.40 9.28 27.99
C GLN D 9 19.75 7.81 27.83
N LEU D 10 21.05 7.51 27.84
CA LEU D 10 21.50 6.12 27.79
C LEU D 10 21.18 5.42 29.10
N GLU D 11 21.34 6.12 30.23
CA GLU D 11 20.99 5.55 31.52
C GLU D 11 19.49 5.27 31.62
N ALA D 12 18.67 6.20 31.10
CA ALA D 12 17.23 6.02 31.11
C ALA D 12 16.81 4.76 30.37
N ARG D 13 17.39 4.53 29.20
CA ARG D 13 17.19 3.29 28.45
C ARG D 13 17.57 2.04 29.23
N ARG D 14 18.82 2.03 29.73
CA ARG D 14 19.35 0.93 30.55
C ARG D 14 18.40 0.67 31.73
N HIS D 15 18.08 1.72 32.47
CA HIS D 15 17.13 1.61 33.58
C HIS D 15 15.79 1.02 33.14
N ALA D 16 15.25 1.50 32.02
CA ALA D 16 13.97 1.03 31.53
C ALA D 16 13.99 -0.46 31.08
N GLN D 17 15.03 -0.83 30.34
CA GLN D 17 15.27 -2.24 29.92
C GLN D 17 15.34 -3.21 31.10
N ALA D 18 16.15 -2.84 32.09
CA ALA D 18 16.29 -3.63 33.32
C ALA D 18 14.95 -3.80 34.04
N PHE D 19 14.18 -2.72 34.12
CA PHE D 19 12.89 -2.82 34.78
C PHE D 19 12.01 -3.79 34.01
N ALA D 20 11.97 -3.63 32.69
CA ALA D 20 11.14 -4.47 31.83
C ALA D 20 11.54 -5.95 31.92
N ASN D 21 12.85 -6.21 31.89
CA ASN D 21 13.35 -7.59 31.90
C ASN D 21 13.19 -8.34 33.22
N THR D 22 13.47 -7.64 34.33
CA THR D 22 13.52 -8.25 35.64
C THR D 22 12.16 -8.25 36.33
N VAL D 23 11.34 -7.26 36.00
CA VAL D 23 10.04 -7.10 36.65
C VAL D 23 8.88 -7.45 35.70
N LEU D 24 8.80 -6.75 34.58
CA LEU D 24 7.65 -6.83 33.69
C LEU D 24 7.43 -8.22 33.05
N THR D 25 8.52 -8.95 32.85
CA THR D 25 8.46 -10.34 32.36
C THR D 25 7.74 -11.30 33.32
N LYS D 26 7.62 -10.90 34.60
CA LYS D 26 7.00 -11.77 35.57
C LYS D 26 5.47 -11.62 35.59
N ALA D 27 4.97 -10.58 34.92
CA ALA D 27 3.55 -10.24 35.00
C ALA D 27 2.64 -11.31 34.39
N SER D 28 3.06 -11.84 33.24
CA SER D 28 2.30 -12.82 32.48
C SER D 28 1.87 -14.04 33.31
N ALA D 29 2.80 -14.57 34.10
CA ALA D 29 2.53 -15.65 35.03
C ALA D 29 1.37 -15.32 36.00
N GLU D 30 1.23 -14.05 36.38
CA GLU D 30 0.15 -13.62 37.25
C GLU D 30 -1.15 -13.34 36.53
N TYR D 31 -1.11 -12.54 35.47
CA TYR D 31 -2.39 -12.15 34.86
C TYR D 31 -3.05 -13.22 34.01
N SER D 32 -2.23 -14.10 33.41
CA SER D 32 -2.73 -15.19 32.54
C SER D 32 -3.79 -16.12 33.18
N THR D 33 -3.79 -16.19 34.50
CA THR D 33 -4.65 -17.15 35.19
C THR D 33 -5.99 -16.52 35.53
N GLN D 34 -6.12 -15.23 35.22
CA GLN D 34 -7.31 -14.47 35.59
C GLN D 34 -8.28 -14.46 34.43
N LYS D 35 -9.58 -14.63 34.69
CA LYS D 35 -10.48 -14.80 33.55
C LYS D 35 -11.44 -13.66 33.19
N ASP D 36 -11.05 -12.44 33.54
CA ASP D 36 -11.68 -11.24 32.98
C ASP D 36 -10.76 -10.02 33.08
N GLN D 37 -11.14 -8.96 32.35
CA GLN D 37 -10.30 -7.76 32.23
C GLN D 37 -9.90 -7.17 33.59
N LEU D 38 -10.88 -6.92 34.47
CA LEU D 38 -10.59 -6.36 35.81
C LEU D 38 -9.66 -7.22 36.66
N SER D 39 -9.98 -8.52 36.79
CA SER D 39 -9.07 -9.48 37.46
C SER D 39 -7.66 -9.42 36.89
N ARG D 40 -7.55 -9.37 35.57
CA ARG D 40 -6.23 -9.26 34.92
C ARG D 40 -5.56 -7.94 35.30
N PHE D 41 -6.32 -6.84 35.25
CA PHE D 41 -5.82 -5.54 35.70
C PHE D 41 -5.34 -5.58 37.15
N GLN D 42 -6.19 -6.11 38.04
CA GLN D 42 -5.85 -6.18 39.47
C GLN D 42 -4.61 -7.02 39.69
N ALA D 43 -4.43 -8.07 38.87
CA ALA D 43 -3.22 -8.90 38.93
C ALA D 43 -1.92 -8.16 38.58
N THR D 44 -2.02 -6.95 38.02
CA THR D 44 -0.78 -6.22 37.66
C THR D 44 -0.40 -5.18 38.73
N ARG D 45 -1.22 -5.09 39.77
CA ARG D 45 -1.02 -4.08 40.82
C ARG D 45 0.37 -4.17 41.43
N PRO D 46 0.85 -5.40 41.76
CA PRO D 46 2.21 -5.49 42.30
C PRO D 46 3.29 -5.08 41.31
N PHE D 47 2.98 -5.01 40.03
CA PHE D 47 4.00 -4.59 39.05
C PHE D 47 4.04 -3.07 38.90
N TYR D 48 2.88 -2.45 39.03
CA TYR D 48 2.78 -1.00 39.06
C TYR D 48 3.41 -0.47 40.37
N ARG D 49 3.22 -1.20 41.47
CA ARG D 49 3.89 -0.91 42.75
C ARG D 49 5.39 -0.91 42.58
N GLU D 50 5.88 -1.87 41.79
CA GLU D 50 7.30 -1.94 41.48
C GLU D 50 7.74 -0.79 40.58
N ALA D 51 6.87 -0.42 39.64
CA ALA D 51 7.10 0.73 38.76
C ALA D 51 7.24 2.03 39.56
N VAL D 52 6.32 2.22 40.50
CA VAL D 52 6.39 3.36 41.43
C VAL D 52 7.70 3.31 42.19
N ARG D 53 8.03 2.15 42.78
CA ARG D 53 9.29 2.00 43.53
C ARG D 53 10.55 2.29 42.68
N HIS D 54 10.49 1.93 41.40
CA HIS D 54 11.57 2.22 40.47
C HIS D 54 11.59 3.69 39.99
N GLY D 55 10.65 4.50 40.49
CA GLY D 55 10.59 5.92 40.19
C GLY D 55 9.89 6.27 38.88
N LEU D 56 9.22 5.31 38.25
CA LEU D 56 8.65 5.52 36.91
C LEU D 56 7.43 6.43 36.85
N ILE D 57 6.61 6.42 37.91
CA ILE D 57 5.45 7.32 38.00
C ILE D 57 5.93 8.74 38.26
N LYS D 58 6.94 8.87 39.11
CA LYS D 58 7.55 10.18 39.36
C LYS D 58 8.20 10.75 38.10
N ALA D 59 8.70 9.87 37.23
CA ALA D 59 9.33 10.27 35.97
C ALA D 59 8.30 10.76 34.93
N GLN D 60 7.02 10.67 35.29
CA GLN D 60 5.96 11.21 34.45
C GLN D 60 5.70 12.71 34.71
N VAL D 61 6.26 13.25 35.80
CA VAL D 61 6.06 14.65 36.19
C VAL D 61 7.32 15.51 35.98
N PRO D 62 7.17 16.67 35.32
CA PRO D 62 8.33 17.55 35.12
C PRO D 62 9.05 17.89 36.42
N ILE D 63 10.34 18.14 36.34
CA ILE D 63 11.18 18.49 37.49
C ILE D 63 10.74 19.79 38.24
N PRO D 64 10.40 20.87 37.50
CA PRO D 64 9.89 22.05 38.20
C PRO D 64 8.70 21.77 39.09
N LEU D 65 7.92 20.73 38.79
CA LEU D 65 6.74 20.39 39.58
C LEU D 65 7.03 19.31 40.62
N GLY D 66 8.30 18.99 40.81
CA GLY D 66 8.72 17.99 41.80
C GLY D 66 8.82 16.56 41.27
N GLY D 67 8.64 16.38 39.97
CA GLY D 67 8.83 15.08 39.34
C GLY D 67 10.28 14.82 38.96
N THR D 68 10.50 13.81 38.12
CA THR D 68 11.86 13.42 37.70
C THR D 68 12.04 13.31 36.20
N MET D 69 11.00 13.62 35.43
CA MET D 69 11.10 13.67 33.98
C MET D 69 12.19 14.63 33.51
N GLU D 70 13.17 14.08 32.80
CA GLU D 70 14.30 14.86 32.31
C GLU D 70 13.99 15.53 30.97
N SER D 71 13.27 14.81 30.10
CA SER D 71 12.78 15.35 28.81
C SER D 71 11.83 14.38 28.17
N LEU D 72 11.17 14.83 27.11
CA LEU D 72 10.24 14.02 26.35
C LEU D 72 10.99 12.93 25.57
N VAL D 73 12.20 13.25 25.10
CA VAL D 73 13.06 12.24 24.44
C VAL D 73 13.45 11.10 25.40
N HIS D 74 13.83 11.43 26.64
CA HIS D 74 14.03 10.40 27.67
C HIS D 74 12.77 9.57 27.76
N GLU D 75 11.62 10.25 27.85
CA GLU D 75 10.34 9.58 28.03
C GLU D 75 10.04 8.63 26.86
N SER D 76 10.31 9.11 25.64
CA SER D 76 10.17 8.34 24.41
C SER D 76 10.99 7.05 24.42
N ILE D 77 12.23 7.18 24.88
CA ILE D 77 13.18 6.06 24.97
C ILE D 77 12.65 5.03 25.96
N ILE D 78 12.27 5.48 27.14
CA ILE D 78 11.70 4.65 28.19
C ILE D 78 10.47 3.89 27.73
N LEU D 79 9.54 4.59 27.07
CA LEU D 79 8.29 3.96 26.65
C LEU D 79 8.54 2.87 25.59
N GLU D 80 9.47 3.14 24.67
CA GLU D 80 9.82 2.13 23.66
C GLU D 80 10.38 0.87 24.33
N GLU D 81 11.27 1.04 25.31
CA GLU D 81 11.80 -0.14 26.02
C GLU D 81 10.75 -0.92 26.77
N LEU D 82 9.79 -0.19 27.38
CA LEU D 82 8.76 -0.87 28.15
C LEU D 82 7.84 -1.67 27.24
N PHE D 83 7.43 -1.04 26.14
CA PHE D 83 6.48 -1.63 25.23
C PHE D 83 7.03 -2.74 24.32
N ALA D 84 8.34 -2.74 24.13
CA ALA D 84 9.05 -3.80 23.44
C ALA D 84 9.05 -5.10 24.22
N VAL D 85 8.82 -5.05 25.54
CA VAL D 85 8.76 -6.24 26.37
C VAL D 85 7.34 -6.55 26.84
N GLU D 86 6.66 -5.56 27.45
CA GLU D 86 5.37 -5.87 28.07
C GLU D 86 4.50 -4.64 28.35
N PRO D 87 3.41 -4.48 27.60
CA PRO D 87 2.43 -3.40 27.75
C PRO D 87 1.65 -3.45 29.08
N ALA D 88 1.45 -4.63 29.66
CA ALA D 88 0.87 -4.73 31.00
C ALA D 88 1.70 -3.84 31.94
N THR D 89 1.00 -3.08 32.78
CA THR D 89 1.62 -2.07 33.67
C THR D 89 2.14 -0.85 32.90
N SER D 90 2.97 -1.07 31.89
CA SER D 90 3.44 0.02 31.01
C SER D 90 2.27 0.92 30.57
N ILE D 91 1.15 0.29 30.22
CA ILE D 91 -0.03 1.04 29.78
C ILE D 91 -0.64 1.88 30.92
N THR D 92 -0.53 1.36 32.15
CA THR D 92 -1.09 2.02 33.33
C THR D 92 -0.26 3.25 33.66
N ILE D 93 1.04 3.17 33.40
CA ILE D 93 1.94 4.27 33.63
C ILE D 93 1.62 5.46 32.69
N VAL D 94 1.47 5.17 31.41
CA VAL D 94 1.18 6.22 30.42
C VAL D 94 -0.23 6.77 30.59
N ALA D 95 -1.17 5.93 31.00
CA ALA D 95 -2.53 6.36 31.25
C ALA D 95 -2.56 7.38 32.42
N THR D 96 -1.72 7.13 33.41
CA THR D 96 -1.59 7.97 34.59
C THR D 96 -0.99 9.32 34.16
N ALA D 97 0.09 9.23 33.38
CA ALA D 97 0.76 10.39 32.78
C ALA D 97 -0.25 11.28 32.05
N LEU D 98 -1.10 10.68 31.24
CA LEU D 98 -2.14 11.40 30.52
C LEU D 98 -3.14 12.02 31.49
N GLY D 99 -3.59 11.25 32.47
CA GLY D 99 -4.49 11.75 33.50
C GLY D 99 -3.90 12.91 34.30
N LEU D 100 -2.58 12.93 34.45
CA LEU D 100 -1.91 14.01 35.19
C LEU D 100 -1.75 15.27 34.38
N MET D 101 -1.77 15.14 33.05
CA MET D 101 -1.34 16.22 32.17
C MET D 101 -2.16 17.51 32.23
N PRO D 102 -3.50 17.42 32.34
CA PRO D 102 -4.24 18.67 32.49
C PRO D 102 -3.75 19.51 33.67
N VAL D 103 -3.38 18.82 34.74
CA VAL D 103 -2.91 19.47 35.97
C VAL D 103 -1.49 20.02 35.76
N ILE D 104 -0.64 19.21 35.13
CA ILE D 104 0.74 19.55 34.81
C ILE D 104 0.78 20.75 33.87
N LEU D 105 -0.21 20.83 32.98
CA LEU D 105 -0.26 21.91 32.00
C LEU D 105 -0.95 23.20 32.47
N CYS D 106 -1.85 23.10 33.46
CA CYS D 106 -2.57 24.29 33.94
C CYS D 106 -1.57 25.23 34.59
N ASP D 107 -1.92 26.50 34.73
CA ASP D 107 -0.93 27.39 35.29
C ASP D 107 -1.17 27.80 36.75
N SER D 108 -1.74 26.88 37.54
CA SER D 108 -2.03 27.13 38.95
C SER D 108 -1.14 26.33 39.89
N PRO D 109 -0.07 26.97 40.42
CA PRO D 109 0.89 26.26 41.30
C PRO D 109 0.29 25.58 42.52
N SER D 110 -0.78 26.11 43.10
CA SER D 110 -1.34 25.51 44.32
C SER D 110 -2.18 24.26 44.04
N LEU D 111 -2.96 24.30 42.96
CA LEU D 111 -3.68 23.12 42.47
C LEU D 111 -2.68 22.01 42.15
N GLN D 112 -1.59 22.37 41.47
CA GLN D 112 -0.53 21.43 41.12
C GLN D 112 0.04 20.73 42.34
N GLU D 113 0.51 21.53 43.29
CA GLU D 113 1.07 21.07 44.55
C GLU D 113 0.12 20.09 45.23
N LYS D 114 -1.16 20.43 45.21
CA LYS D 114 -2.15 19.61 45.88
C LYS D 114 -2.36 18.26 45.19
N PHE D 115 -2.60 18.29 43.89
CA PHE D 115 -3.05 17.09 43.18
C PHE D 115 -1.92 16.16 42.69
N LEU D 116 -0.75 16.72 42.47
CA LEU D 116 0.41 15.95 42.03
C LEU D 116 1.13 15.24 43.19
N LYS D 117 0.89 15.68 44.42
CA LYS D 117 1.60 15.15 45.59
C LYS D 117 1.68 13.60 45.64
N PRO D 118 0.54 12.88 45.49
CA PRO D 118 0.70 11.43 45.62
C PRO D 118 1.59 10.84 44.53
N PHE D 119 1.65 11.49 43.36
CA PHE D 119 2.35 10.93 42.20
C PHE D 119 3.84 11.16 42.22
N ILE D 120 4.28 12.12 43.02
CA ILE D 120 5.72 12.36 43.14
C ILE D 120 6.34 11.78 44.42
N SER D 121 5.53 11.08 45.22
CA SER D 121 5.99 10.62 46.53
C SER D 121 6.84 9.35 46.51
N GLY D 122 6.73 8.55 45.44
CA GLY D 122 7.52 7.32 45.30
C GLY D 122 6.98 6.17 46.13
N GLU D 123 5.71 6.29 46.52
CA GLU D 123 5.06 5.33 47.42
C GLU D 123 3.66 4.99 46.93
N GLY D 124 3.20 3.80 47.29
CA GLY D 124 1.85 3.32 46.94
C GLY D 124 1.71 2.98 45.46
N GLU D 125 0.47 2.93 44.98
CA GLU D 125 0.17 2.70 43.56
C GLU D 125 -0.90 3.71 43.10
N PRO D 126 -0.55 5.02 43.10
CA PRO D 126 -1.55 6.02 42.73
C PRO D 126 -1.87 5.99 41.23
N LEU D 127 -3.15 6.04 40.90
CA LEU D 127 -3.62 6.07 39.52
C LEU D 127 -4.25 7.40 39.16
N ALA D 128 -3.95 7.87 37.94
CA ALA D 128 -4.62 8.99 37.30
C ALA D 128 -5.28 8.54 36.00
N SER D 129 -6.27 9.32 35.57
CA SER D 129 -7.01 9.01 34.36
C SER D 129 -7.64 10.27 33.79
N LEU D 130 -7.44 10.49 32.49
CA LEU D 130 -8.10 11.55 31.77
C LEU D 130 -9.40 11.01 31.17
N MET D 131 -10.51 11.34 31.82
CA MET D 131 -11.79 10.80 31.42
C MET D 131 -12.46 11.69 30.39
N HIS D 132 -12.17 11.41 29.12
CA HIS D 132 -12.74 12.12 28.00
C HIS D 132 -13.75 11.27 27.21
N SER D 133 -13.36 10.05 26.81
CA SER D 133 -14.15 9.25 25.87
C SER D 133 -15.51 8.82 26.42
N GLU D 134 -16.47 8.62 25.51
CA GLU D 134 -17.86 8.30 25.90
C GLU D 134 -18.42 7.16 25.08
N PRO D 135 -19.53 6.54 25.56
CA PRO D 135 -20.21 5.50 24.80
C PRO D 135 -20.65 5.92 23.40
N ASN D 136 -21.10 7.18 23.27
CA ASN D 136 -21.63 7.69 22.01
C ASN D 136 -20.55 8.15 21.03
N GLY D 137 -19.29 8.11 21.45
CA GLY D 137 -18.19 8.54 20.60
C GLY D 137 -17.76 9.94 20.94
N THR D 138 -16.59 10.37 20.48
CA THR D 138 -16.10 11.72 20.75
C THR D 138 -15.46 12.44 19.57
N ALA D 139 -15.37 11.78 18.41
CA ALA D 139 -14.70 12.38 17.25
C ALA D 139 -15.31 13.73 16.89
N ASN D 140 -16.57 13.92 17.25
CA ASN D 140 -17.31 15.13 16.92
C ASN D 140 -17.69 15.98 18.14
N TRP D 141 -16.96 15.82 19.25
CA TRP D 141 -17.27 16.56 20.48
C TRP D 141 -17.27 18.10 20.31
N LEU D 142 -16.46 18.57 19.37
CA LEU D 142 -16.28 19.98 19.12
C LEU D 142 -17.09 20.49 17.93
N GLN D 143 -17.92 19.64 17.34
CA GLN D 143 -18.68 20.01 16.17
C GLN D 143 -19.82 20.98 16.52
N LYS D 144 -19.77 22.18 15.93
CA LYS D 144 -20.81 23.18 16.12
C LYS D 144 -22.14 22.69 15.55
N GLY D 145 -23.17 22.67 16.39
CA GLY D 145 -24.50 22.25 15.94
C GLY D 145 -24.77 20.77 16.19
N GLY D 146 -23.78 20.08 16.75
CA GLY D 146 -23.91 18.67 17.09
C GLY D 146 -24.28 18.55 18.55
N PRO D 147 -24.57 17.31 18.99
CA PRO D 147 -24.97 17.01 20.37
C PRO D 147 -23.91 17.34 21.42
N GLY D 148 -22.64 17.28 21.04
CA GLY D 148 -21.57 17.57 21.97
C GLY D 148 -21.39 16.43 22.96
N LEU D 149 -20.48 16.61 23.90
CA LEU D 149 -20.28 15.63 24.98
C LEU D 149 -21.60 15.31 25.67
N GLN D 150 -21.82 14.02 25.94
CA GLN D 150 -23.04 13.59 26.64
C GLN D 150 -22.84 13.53 28.16
N THR D 151 -21.62 13.80 28.61
CA THR D 151 -21.35 14.06 30.01
C THR D 151 -21.36 15.57 30.17
N THR D 152 -22.32 16.07 30.97
CA THR D 152 -22.49 17.49 31.20
C THR D 152 -22.32 17.83 32.67
N ALA D 153 -22.04 19.11 32.95
CA ALA D 153 -21.92 19.60 34.32
C ALA D 153 -22.65 20.95 34.47
N ARG D 154 -23.33 21.13 35.61
CA ARG D 154 -24.00 22.39 35.95
C ARG D 154 -23.59 22.86 37.34
N LYS D 155 -23.53 24.18 37.51
CA LYS D 155 -23.19 24.78 38.81
C LYS D 155 -24.46 24.79 39.69
N VAL D 156 -24.34 24.28 40.91
CA VAL D 156 -25.44 24.37 41.89
C VAL D 156 -24.84 24.81 43.23
N GLY D 157 -25.13 26.05 43.62
CA GLY D 157 -24.47 26.64 44.79
C GLY D 157 -22.97 26.68 44.57
N ASN D 158 -22.20 26.29 45.58
CA ASN D 158 -20.74 26.18 45.48
C ASN D 158 -20.24 24.82 44.93
N GLU D 159 -21.08 24.16 44.13
CA GLU D 159 -20.79 22.82 43.63
C GLU D 159 -21.13 22.62 42.16
N TRP D 160 -20.40 21.72 41.51
CA TRP D 160 -20.73 21.26 40.17
C TRP D 160 -21.39 19.87 40.19
N VAL D 161 -22.43 19.70 39.39
CA VAL D 161 -23.17 18.44 39.34
C VAL D 161 -23.01 17.76 37.96
N ILE D 162 -22.30 16.64 37.95
CA ILE D 162 -22.03 15.86 36.71
C ILE D 162 -23.13 14.85 36.41
N SER D 163 -23.64 14.87 35.18
CA SER D 163 -24.54 13.84 34.66
C SER D 163 -24.00 13.24 33.38
N GLY D 164 -24.02 11.91 33.27
CA GLY D 164 -23.74 11.25 32.01
C GLY D 164 -22.77 10.08 32.11
N GLU D 165 -22.19 9.71 30.98
CA GLU D 165 -21.39 8.48 30.90
C GLU D 165 -20.05 8.66 30.22
N LYS D 166 -19.04 8.05 30.81
CA LYS D 166 -17.74 7.86 30.17
C LYS D 166 -17.49 6.37 29.86
N LEU D 167 -16.66 6.12 28.86
CA LEU D 167 -16.30 4.79 28.41
C LEU D 167 -14.89 4.88 27.88
N TRP D 168 -14.05 3.90 28.22
CA TRP D 168 -12.66 3.75 27.72
C TRP D 168 -11.52 4.33 28.54
N PRO D 169 -11.76 5.35 29.42
CA PRO D 169 -10.55 5.98 29.92
C PRO D 169 -9.81 5.09 30.91
N SER D 170 -8.58 4.78 30.58
CA SER D 170 -7.78 3.86 31.34
C SER D 170 -7.55 4.36 32.79
N ASN D 171 -7.58 3.41 33.74
CA ASN D 171 -7.44 3.68 35.17
C ASN D 171 -8.63 4.37 35.85
N SER D 172 -9.68 4.73 35.10
CA SER D 172 -10.70 5.64 35.62
C SER D 172 -11.37 5.17 36.91
N GLY D 173 -11.62 3.86 37.03
CA GLY D 173 -12.27 3.31 38.22
C GLY D 173 -11.32 2.92 39.34
N GLY D 174 -10.02 3.13 39.14
CA GLY D 174 -9.04 2.71 40.12
C GLY D 174 -8.84 1.20 40.12
N TRP D 175 -8.11 0.71 41.12
CA TRP D 175 -7.90 -0.71 41.31
C TRP D 175 -9.16 -1.46 41.69
N ASP D 176 -10.13 -0.76 42.29
CA ASP D 176 -11.23 -1.41 43.00
C ASP D 176 -12.61 -0.88 42.66
N TYR D 177 -12.68 -0.04 41.62
CA TYR D 177 -13.93 0.59 41.19
C TYR D 177 -14.46 1.62 42.19
N LYS D 178 -13.59 2.08 43.08
CA LYS D 178 -13.94 3.17 43.98
C LYS D 178 -13.34 4.46 43.46
N GLY D 179 -12.69 4.35 42.29
CA GLY D 179 -12.18 5.52 41.58
C GLY D 179 -10.67 5.61 41.55
N ALA D 180 -10.15 6.23 40.49
CA ALA D 180 -8.72 6.56 40.39
C ALA D 180 -8.38 7.59 41.46
N ASP D 181 -7.10 7.68 41.81
CA ASP D 181 -6.67 8.67 42.79
C ASP D 181 -6.91 10.11 42.25
N LEU D 182 -6.75 10.29 40.95
CA LEU D 182 -7.13 11.54 40.29
C LEU D 182 -7.73 11.26 38.92
N ALA D 183 -8.97 11.69 38.71
CA ALA D 183 -9.56 11.64 37.37
C ALA D 183 -9.85 13.06 36.91
N CYS D 184 -9.46 13.39 35.68
CA CYS D 184 -9.88 14.64 35.05
C CYS D 184 -11.07 14.39 34.14
N VAL D 185 -12.25 14.80 34.58
CA VAL D 185 -13.48 14.53 33.84
C VAL D 185 -13.86 15.71 32.95
N VAL D 186 -13.93 15.43 31.65
CA VAL D 186 -14.22 16.45 30.66
C VAL D 186 -15.73 16.50 30.48
N CYS D 187 -16.32 17.68 30.74
CA CYS D 187 -17.76 17.87 30.61
C CYS D 187 -18.12 19.03 29.70
N ARG D 188 -19.32 18.96 29.15
CA ARG D 188 -19.92 20.08 28.47
C ARG D 188 -20.83 20.77 29.50
N VAL D 189 -20.59 22.05 29.73
CA VAL D 189 -21.42 22.83 30.65
C VAL D 189 -22.84 22.90 30.13
N SER D 190 -23.79 22.49 30.97
CA SER D 190 -25.22 22.52 30.61
C SER D 190 -26.14 22.65 31.80
N ASP D 191 -26.96 23.71 31.79
CA ASP D 191 -27.89 23.96 32.90
C ASP D 191 -29.11 23.06 32.88
N ASP D 192 -29.55 22.67 31.70
CA ASP D 192 -30.49 21.57 31.60
C ASP D 192 -29.99 20.49 30.64
N PRO D 193 -29.43 19.39 31.19
CA PRO D 193 -28.97 18.24 30.42
C PRO D 193 -30.02 17.61 29.50
N SER D 194 -31.31 17.81 29.80
CA SER D 194 -32.38 17.27 28.96
C SER D 194 -32.59 18.10 27.69
N LYS D 195 -31.93 19.25 27.60
CA LYS D 195 -31.98 20.09 26.40
C LYS D 195 -30.72 19.94 25.56
N PRO D 196 -30.87 19.93 24.22
CA PRO D 196 -29.74 19.74 23.31
C PRO D 196 -28.79 20.92 23.38
N GLN D 197 -27.50 20.66 23.13
CA GLN D 197 -26.49 21.71 23.00
C GLN D 197 -26.99 22.80 22.06
N ASP D 198 -26.90 24.06 22.51
CA ASP D 198 -27.30 25.21 21.72
C ASP D 198 -26.49 25.27 20.43
N PRO D 199 -27.15 25.11 19.27
CA PRO D 199 -26.46 25.08 17.97
C PRO D 199 -25.83 26.40 17.51
N ASN D 200 -26.14 27.49 18.21
CA ASN D 200 -25.61 28.83 17.89
C ASN D 200 -24.39 29.17 18.73
N VAL D 201 -23.93 28.20 19.52
CA VAL D 201 -22.71 28.42 20.31
C VAL D 201 -21.62 27.39 20.02
N ASP D 202 -20.40 27.90 19.83
CA ASP D 202 -19.18 27.14 19.68
C ASP D 202 -18.97 26.16 20.86
N PRO D 203 -18.99 24.84 20.57
CA PRO D 203 -18.80 23.81 21.61
C PRO D 203 -17.56 23.99 22.50
N ALA D 204 -16.46 24.46 21.93
CA ALA D 204 -15.24 24.68 22.69
C ALA D 204 -15.38 25.69 23.84
N THR D 205 -16.37 26.60 23.76
CA THR D 205 -16.58 27.57 24.82
C THR D 205 -17.28 26.97 26.04
N GLN D 206 -17.86 25.79 25.87
CA GLN D 206 -18.67 25.16 26.90
C GLN D 206 -17.96 23.98 27.63
N ILE D 207 -16.65 23.88 27.43
CA ILE D 207 -15.89 22.75 27.96
C ILE D 207 -15.39 23.05 29.37
N ALA D 208 -15.56 22.08 30.28
CA ALA D 208 -15.04 22.20 31.64
C ALA D 208 -14.35 20.91 32.05
N VAL D 209 -13.31 21.03 32.85
CA VAL D 209 -12.62 19.86 33.38
C VAL D 209 -12.75 19.87 34.89
N LEU D 210 -13.33 18.81 35.44
CA LEU D 210 -13.53 18.66 36.88
C LEU D 210 -12.68 17.54 37.45
N LEU D 211 -11.91 17.86 38.47
CA LEU D 211 -11.07 16.90 39.15
C LEU D 211 -11.91 16.12 40.17
N VAL D 212 -11.88 14.79 40.04
CA VAL D 212 -12.67 13.86 40.85
C VAL D 212 -11.67 12.88 41.49
N THR D 213 -11.72 12.76 42.82
CA THR D 213 -10.86 11.86 43.60
C THR D 213 -11.67 10.74 44.24
N ARG D 214 -10.98 9.87 44.97
CA ARG D 214 -11.63 8.85 45.80
C ARG D 214 -12.55 9.50 46.85
N GLU D 215 -12.05 10.58 47.47
CA GLU D 215 -12.84 11.36 48.44
C GLU D 215 -14.12 11.92 47.79
N THR D 216 -13.99 12.49 46.60
CA THR D 216 -15.14 13.03 45.87
C THR D 216 -16.23 11.97 45.71
N ILE D 217 -15.79 10.76 45.36
CA ILE D 217 -16.70 9.64 45.11
C ILE D 217 -17.30 9.16 46.43
N ALA D 218 -16.48 9.10 47.47
CA ALA D 218 -16.94 8.73 48.81
C ALA D 218 -17.98 9.73 49.37
N ASN D 219 -17.84 11.00 48.99
CA ASN D 219 -18.80 12.03 49.39
C ASN D 219 -20.09 12.02 48.59
N ASN D 220 -20.23 11.09 47.66
CA ASN D 220 -21.48 11.00 46.94
C ASN D 220 -22.27 9.78 47.36
N LYS D 221 -23.58 9.86 47.11
CA LYS D 221 -24.47 8.71 47.22
C LYS D 221 -23.97 7.59 46.30
N LYS D 222 -24.19 6.34 46.70
CA LYS D 222 -23.57 5.19 46.04
C LYS D 222 -23.93 5.10 44.57
N ASP D 223 -25.18 5.39 44.22
CA ASP D 223 -25.60 5.26 42.84
C ASP D 223 -25.44 6.55 41.99
N ALA D 224 -24.64 7.49 42.50
CA ALA D 224 -24.29 8.71 41.79
C ALA D 224 -23.07 8.44 40.90
N TYR D 225 -22.34 7.41 41.25
CA TYR D 225 -21.14 6.99 40.54
C TYR D 225 -21.19 5.47 40.41
N GLN D 226 -21.40 4.97 39.19
CA GLN D 226 -21.38 3.53 38.99
C GLN D 226 -20.68 3.00 37.75
N ILE D 227 -19.93 1.92 37.95
CA ILE D 227 -19.28 1.18 36.88
C ILE D 227 -20.32 0.23 36.31
N LEU D 228 -20.66 0.42 35.05
CA LEU D 228 -21.71 -0.36 34.42
C LEU D 228 -21.12 -1.56 33.71
N GLY D 229 -19.83 -1.51 33.42
CA GLY D 229 -19.22 -2.56 32.59
C GLY D 229 -17.75 -2.32 32.39
N GLU D 230 -17.07 -3.35 31.93
CA GLU D 230 -15.65 -3.33 31.65
C GLU D 230 -15.45 -4.05 30.31
N PRO D 231 -15.06 -3.31 29.26
CA PRO D 231 -14.83 -3.89 27.94
C PRO D 231 -13.75 -4.98 27.95
N GLU D 232 -14.08 -6.13 27.38
CA GLU D 232 -13.09 -7.18 27.10
C GLU D 232 -12.36 -6.82 25.80
N LEU D 233 -11.07 -6.52 25.89
CA LEU D 233 -10.33 -5.98 24.76
C LEU D 233 -9.55 -7.04 23.96
N ALA D 234 -9.45 -6.82 22.64
CA ALA D 234 -8.63 -7.69 21.78
C ALA D 234 -7.21 -7.84 22.33
N GLY D 235 -6.59 -6.74 22.70
CA GLY D 235 -5.22 -6.76 23.22
C GLY D 235 -5.17 -5.75 24.35
N HIS D 236 -4.02 -5.62 25.02
CA HIS D 236 -3.93 -4.82 26.24
C HIS D 236 -5.02 -5.33 27.19
N ILE D 237 -4.98 -6.63 27.43
CA ILE D 237 -6.04 -7.34 28.15
C ILE D 237 -5.96 -7.16 29.68
N THR D 238 -4.90 -6.52 30.14
CA THR D 238 -4.75 -6.25 31.56
C THR D 238 -5.04 -4.78 31.93
N THR D 239 -5.48 -3.96 30.98
CA THR D 239 -5.80 -2.59 31.32
C THR D 239 -7.28 -2.45 31.74
N SER D 240 -7.60 -1.39 32.46
CA SER D 240 -8.99 -1.12 32.84
C SER D 240 -9.40 0.23 32.28
N GLY D 241 -10.57 0.30 31.67
CA GLY D 241 -11.09 1.52 31.07
C GLY D 241 -12.60 1.39 31.01
N PRO D 242 -13.29 1.46 32.17
CA PRO D 242 -14.70 1.04 32.29
C PRO D 242 -15.76 1.95 31.68
N HIS D 243 -16.99 1.47 31.71
CA HIS D 243 -18.17 2.24 31.36
C HIS D 243 -18.74 2.81 32.67
N THR D 244 -18.56 4.11 32.86
CA THR D 244 -18.93 4.81 34.10
C THR D 244 -20.20 5.68 33.91
N ARG D 245 -21.18 5.55 34.79
CA ARG D 245 -22.29 6.51 34.82
C ARG D 245 -22.19 7.50 36.01
N PHE D 246 -22.36 8.80 35.71
CA PHE D 246 -22.50 9.82 36.75
C PHE D 246 -23.95 10.22 36.81
N THR D 247 -24.57 10.03 37.98
CA THR D 247 -25.95 10.48 38.17
C THR D 247 -25.98 11.49 39.30
N GLU D 248 -26.36 12.73 39.01
CA GLU D 248 -26.35 13.80 40.01
C GLU D 248 -25.11 13.73 40.90
N PHE D 249 -23.94 13.68 40.28
CA PHE D 249 -22.67 13.53 40.97
C PHE D 249 -22.09 14.89 41.32
N HIS D 250 -21.88 15.12 42.62
CA HIS D 250 -21.50 16.42 43.17
C HIS D 250 -20.00 16.57 43.32
N VAL D 251 -19.46 17.67 42.80
CA VAL D 251 -18.03 17.96 42.82
C VAL D 251 -17.81 19.41 43.31
N PRO D 252 -16.92 19.62 44.29
CA PRO D 252 -16.71 20.96 44.84
C PRO D 252 -16.12 21.91 43.81
N HIS D 253 -16.51 23.18 43.89
CA HIS D 253 -16.00 24.22 42.97
C HIS D 253 -14.47 24.30 42.95
N GLU D 254 -13.83 24.02 44.09
CA GLU D 254 -12.37 24.08 44.17
C GLU D 254 -11.69 22.99 43.34
N ASN D 255 -12.50 22.08 42.79
CA ASN D 255 -11.98 20.98 41.99
C ASN D 255 -12.09 21.22 40.47
N LEU D 256 -12.66 22.36 40.11
CA LEU D 256 -12.72 22.81 38.73
C LEU D 256 -11.30 23.15 38.32
N LEU D 257 -10.84 22.62 37.19
CA LEU D 257 -9.44 22.81 36.81
C LEU D 257 -9.11 24.26 36.47
N CYS D 258 -10.02 24.90 35.74
CA CYS D 258 -9.88 26.27 35.34
C CYS D 258 -11.24 26.77 34.93
N THR D 259 -11.32 28.05 34.55
CA THR D 259 -12.57 28.64 34.09
C THR D 259 -13.05 27.86 32.85
N PRO D 260 -14.32 27.42 32.87
CA PRO D 260 -14.88 26.75 31.70
C PRO D 260 -14.71 27.55 30.41
N GLY D 261 -14.51 26.83 29.31
CA GLY D 261 -14.37 27.45 28.01
C GLY D 261 -13.12 27.06 27.28
N LEU D 262 -12.65 27.96 26.43
CA LEU D 262 -11.51 27.74 25.53
C LEU D 262 -10.22 27.36 26.26
N LYS D 263 -10.07 27.82 27.48
CA LYS D 263 -8.91 27.47 28.27
C LYS D 263 -8.97 26.01 28.73
N ALA D 264 -10.18 25.56 29.05
CA ALA D 264 -10.39 24.17 29.42
C ALA D 264 -10.23 23.25 28.21
N GLN D 265 -10.75 23.69 27.06
CA GLN D 265 -10.57 22.94 25.83
C GLN D 265 -9.10 22.85 25.48
N GLY D 266 -8.37 23.94 25.70
CA GLY D 266 -6.95 24.02 25.34
C GLY D 266 -6.10 23.11 26.17
N LEU D 267 -6.51 22.91 27.42
CA LEU D 267 -5.80 22.00 28.31
C LEU D 267 -5.96 20.53 27.82
N VAL D 268 -7.17 20.20 27.38
CA VAL D 268 -7.49 18.88 26.84
C VAL D 268 -6.71 18.60 25.55
N GLU D 269 -6.75 19.56 24.62
CA GLU D 269 -6.06 19.45 23.34
C GLU D 269 -4.55 19.33 23.47
N THR D 270 -3.98 20.11 24.39
CA THR D 270 -2.55 20.10 24.66
C THR D 270 -2.13 18.75 25.19
N ALA D 271 -2.92 18.22 26.13
CA ALA D 271 -2.63 16.95 26.74
C ALA D 271 -2.70 15.81 25.72
N PHE D 272 -3.74 15.78 24.89
CA PHE D 272 -3.90 14.79 23.83
C PHE D 272 -2.93 14.98 22.66
N ALA D 273 -2.37 16.17 22.52
CA ALA D 273 -1.31 16.40 21.54
C ALA D 273 0.04 15.88 22.05
N MET D 274 0.32 16.07 23.34
CA MET D 274 1.49 15.47 23.97
C MET D 274 1.46 13.95 23.82
N SER D 275 0.30 13.37 24.17
CA SER D 275 0.07 11.93 24.07
C SER D 275 0.14 11.43 22.64
N ALA D 276 -0.36 12.21 21.68
CA ALA D 276 -0.37 11.83 20.26
C ALA D 276 1.04 11.50 19.77
N ALA D 277 1.99 12.37 20.13
CA ALA D 277 3.40 12.18 19.86
C ALA D 277 4.02 10.99 20.60
N LEU D 278 3.73 10.86 21.90
CA LEU D 278 4.40 9.85 22.73
C LEU D 278 3.89 8.44 22.49
N VAL D 279 2.66 8.34 22.00
CA VAL D 279 2.02 7.07 21.67
C VAL D 279 2.79 6.35 20.53
N GLY D 280 3.48 7.14 19.71
CA GLY D 280 4.39 6.61 18.72
C GLY D 280 5.47 5.71 19.31
N ALA D 281 5.87 5.99 20.56
CA ALA D 281 6.92 5.19 21.21
C ALA D 281 6.38 3.84 21.69
N MET D 282 5.13 3.82 22.10
CA MET D 282 4.42 2.58 22.38
C MET D 282 4.26 1.72 21.10
N ALA D 283 3.83 2.37 19.99
CA ALA D 283 3.72 1.69 18.70
C ALA D 283 5.05 1.10 18.24
N ILE D 284 6.11 1.91 18.34
CA ILE D 284 7.46 1.46 17.99
C ILE D 284 7.87 0.24 18.83
N GLY D 285 7.62 0.29 20.13
CA GLY D 285 7.98 -0.78 21.05
C GLY D 285 7.35 -2.09 20.65
N THR D 286 6.03 -2.08 20.46
CA THR D 286 5.30 -3.26 20.05
C THR D 286 5.85 -3.84 18.71
N ALA D 287 6.02 -2.96 17.72
CA ALA D 287 6.45 -3.38 16.38
C ALA D 287 7.89 -3.86 16.36
N ARG D 288 8.73 -3.23 17.20
CA ARG D 288 10.14 -3.60 17.31
C ARG D 288 10.25 -4.99 17.87
N ALA D 289 9.45 -5.29 18.91
CA ALA D 289 9.35 -6.65 19.45
C ALA D 289 9.10 -7.65 18.32
N ALA D 290 8.09 -7.37 17.47
CA ALA D 290 7.78 -8.16 16.27
C ALA D 290 8.93 -8.25 15.30
N PHE D 291 9.48 -7.11 14.88
CA PHE D 291 10.60 -7.11 13.97
C PHE D 291 11.80 -7.89 14.51
N GLU D 292 12.15 -7.69 15.79
CA GLU D 292 13.31 -8.40 16.37
C GLU D 292 13.10 -9.89 16.45
N GLU D 293 11.91 -10.32 16.85
CA GLU D 293 11.61 -11.74 16.91
C GLU D 293 11.72 -12.38 15.51
N ALA D 294 11.23 -11.70 14.49
CA ALA D 294 11.30 -12.18 13.13
C ALA D 294 12.73 -12.17 12.60
N LEU D 295 13.48 -11.12 12.94
CA LEU D 295 14.85 -11.01 12.50
C LEU D 295 15.69 -12.18 13.06
N VAL D 296 15.60 -12.40 14.37
CA VAL D 296 16.32 -13.47 15.04
C VAL D 296 15.98 -14.82 14.40
N PHE D 297 14.68 -15.08 14.25
CA PHE D 297 14.17 -16.31 13.63
C PHE D 297 14.69 -16.48 12.20
N ALA D 298 14.65 -15.41 11.41
CA ALA D 298 15.09 -15.49 10.02
C ALA D 298 16.59 -15.73 9.85
N LYS D 299 17.35 -15.43 10.89
CA LYS D 299 18.82 -15.56 10.84
C LYS D 299 19.31 -16.85 11.49
N SER D 300 18.40 -17.68 11.96
CA SER D 300 18.77 -18.93 12.59
C SER D 300 17.86 -20.10 12.20
N ASP D 301 16.94 -19.86 11.26
CA ASP D 301 16.05 -20.93 10.80
C ASP D 301 16.04 -21.02 9.28
N THR D 302 16.12 -22.26 8.76
CA THR D 302 16.18 -22.52 7.32
C THR D 302 14.83 -23.00 6.75
N ARG D 303 13.88 -23.27 7.66
CA ARG D 303 12.56 -23.82 7.34
C ARG D 303 12.64 -25.03 6.40
N GLY D 304 13.49 -25.99 6.79
CA GLY D 304 13.75 -27.22 6.04
C GLY D 304 14.53 -27.01 4.75
N GLY D 305 15.05 -25.79 4.56
CA GLY D 305 15.87 -25.46 3.41
C GLY D 305 17.35 -25.68 3.72
N SER D 306 18.21 -25.17 2.86
CA SER D 306 19.64 -25.35 3.09
C SER D 306 20.31 -24.07 3.63
N LYS D 307 19.61 -22.94 3.53
CA LYS D 307 20.13 -21.67 4.03
C LYS D 307 19.10 -20.97 4.92
N HIS D 308 19.58 -20.10 5.83
CA HIS D 308 18.73 -19.29 6.69
C HIS D 308 17.76 -18.44 5.83
N ILE D 309 16.50 -18.36 6.27
CA ILE D 309 15.46 -17.74 5.43
C ILE D 309 15.64 -16.25 5.13
N ILE D 310 16.45 -15.56 5.94
CA ILE D 310 16.81 -14.16 5.65
C ILE D 310 17.56 -14.03 4.33
N GLU D 311 18.08 -15.15 3.84
CA GLU D 311 18.72 -15.23 2.53
C GLU D 311 17.76 -15.22 1.33
N HIS D 312 16.49 -15.54 1.56
CA HIS D 312 15.47 -15.35 0.53
C HIS D 312 15.07 -13.88 0.42
N GLN D 313 15.11 -13.32 -0.79
CA GLN D 313 14.78 -11.90 -1.02
C GLN D 313 13.41 -11.47 -0.49
N SER D 314 12.42 -12.34 -0.64
CA SER D 314 11.05 -12.02 -0.21
C SER D 314 10.95 -11.87 1.31
N VAL D 315 11.68 -12.70 2.04
CA VAL D 315 11.76 -12.63 3.49
C VAL D 315 12.52 -11.36 3.88
N ALA D 316 13.64 -11.12 3.21
CA ALA D 316 14.45 -9.97 3.52
C ALA D 316 13.73 -8.66 3.19
N ASP D 317 12.94 -8.65 2.11
CA ASP D 317 12.14 -7.49 1.74
C ASP D 317 11.18 -7.09 2.85
N LYS D 318 10.60 -8.07 3.53
CA LYS D 318 9.72 -7.82 4.67
C LYS D 318 10.45 -7.18 5.85
N LEU D 319 11.61 -7.76 6.20
CA LEU D 319 12.41 -7.28 7.34
C LEU D 319 12.93 -5.89 7.04
N ILE D 320 13.23 -5.63 5.79
CA ILE D 320 13.68 -4.34 5.37
C ILE D 320 12.58 -3.28 5.56
N ASP D 321 11.37 -3.57 5.09
CA ASP D 321 10.25 -2.65 5.20
C ASP D 321 9.91 -2.38 6.68
N CYS D 322 9.98 -3.44 7.50
CA CYS D 322 9.82 -3.33 8.94
C CYS D 322 10.84 -2.38 9.54
N LYS D 323 12.11 -2.60 9.21
CA LYS D 323 13.22 -1.81 9.71
C LYS D 323 13.03 -0.32 9.36
N ILE D 324 12.73 -0.05 8.08
CA ILE D 324 12.47 1.30 7.60
C ILE D 324 11.31 2.00 8.37
N ARG D 325 10.23 1.27 8.58
CA ARG D 325 9.07 1.74 9.31
C ARG D 325 9.41 2.10 10.76
N LEU D 326 10.22 1.29 11.41
CA LEU D 326 10.62 1.55 12.80
C LEU D 326 11.59 2.74 12.89
N GLU D 327 12.55 2.79 11.96
CA GLU D 327 13.50 3.88 11.92
C GLU D 327 12.85 5.25 11.64
N THR D 328 12.04 5.35 10.59
CA THR D 328 11.29 6.56 10.29
C THR D 328 10.35 6.95 11.46
N SER D 329 9.73 5.96 12.09
CA SER D 329 8.81 6.20 13.19
C SER D 329 9.49 6.89 14.36
N ARG D 330 10.63 6.36 14.78
CA ARG D 330 11.38 6.88 15.92
C ARG D 330 11.94 8.28 15.65
N LEU D 331 12.51 8.47 14.49
CA LEU D 331 12.88 9.80 14.10
C LEU D 331 11.69 10.76 14.22
N LEU D 332 10.52 10.35 13.71
CA LEU D 332 9.38 11.27 13.69
C LEU D 332 8.89 11.56 15.11
N VAL D 333 8.92 10.55 15.98
CA VAL D 333 8.58 10.73 17.39
C VAL D 333 9.53 11.69 18.08
N TRP D 334 10.83 11.55 17.83
CA TRP D 334 11.83 12.42 18.43
C TRP D 334 11.72 13.84 17.91
N LYS D 335 11.45 13.97 16.62
CA LYS D 335 11.17 15.26 16.03
C LYS D 335 9.93 15.91 16.67
N ALA D 336 8.86 15.14 16.83
CA ALA D 336 7.62 15.65 17.36
C ALA D 336 7.75 16.11 18.79
N VAL D 337 8.46 15.35 19.62
CA VAL D 337 8.55 15.70 21.05
C VAL D 337 9.44 16.92 21.30
N THR D 338 10.50 17.05 20.49
CA THR D 338 11.36 18.23 20.58
C THR D 338 10.67 19.44 19.99
N THR D 339 9.78 19.22 19.01
CA THR D 339 8.98 20.31 18.47
C THR D 339 8.05 20.85 19.56
N LEU D 340 7.41 19.93 20.30
CA LEU D 340 6.49 20.28 21.36
C LEU D 340 7.18 21.03 22.49
N GLU D 341 8.48 20.79 22.65
CA GLU D 341 9.29 21.41 23.69
C GLU D 341 9.87 22.76 23.25
N ASP D 342 9.66 23.12 21.98
CA ASP D 342 10.25 24.34 21.44
C ASP D 342 9.34 25.55 21.66
N GLU D 343 9.75 26.42 22.58
CA GLU D 343 8.97 27.61 22.96
C GLU D 343 8.88 28.67 21.86
N ALA D 344 9.83 28.66 20.94
CA ALA D 344 9.82 29.61 19.83
C ALA D 344 8.80 29.25 18.75
N LEU D 345 8.02 28.18 18.97
CA LEU D 345 7.09 27.70 17.95
C LEU D 345 5.62 27.86 18.35
N GLU D 346 4.83 28.28 17.38
CA GLU D 346 3.39 28.38 17.52
C GLU D 346 2.73 27.03 17.77
N TRP D 347 1.64 27.07 18.54
CA TRP D 347 0.88 25.88 18.85
C TRP D 347 0.53 25.07 17.62
N LYS D 348 -0.02 25.72 16.61
CA LYS D 348 -0.52 25.00 15.46
C LYS D 348 0.58 24.19 14.75
N VAL D 349 1.82 24.66 14.86
CA VAL D 349 2.96 23.97 14.28
C VAL D 349 3.28 22.71 15.11
N LYS D 350 3.26 22.84 16.43
CA LYS D 350 3.42 21.69 17.33
C LYS D 350 2.32 20.64 17.16
N LEU D 351 1.08 21.11 17.03
CA LEU D 351 -0.07 20.27 16.87
C LEU D 351 0.02 19.49 15.56
N GLU D 352 0.26 20.18 14.45
CA GLU D 352 0.40 19.51 13.17
C GLU D 352 1.47 18.39 13.24
N MET D 353 2.64 18.71 13.81
CA MET D 353 3.69 17.71 13.95
C MET D 353 3.20 16.53 14.79
N ALA D 354 2.50 16.83 15.87
CA ALA D 354 2.04 15.76 16.77
C ALA D 354 0.98 14.86 16.09
N MET D 355 0.09 15.46 15.29
CA MET D 355 -0.90 14.67 14.54
C MET D 355 -0.24 13.71 13.53
N GLN D 356 0.65 14.23 12.69
CA GLN D 356 1.43 13.42 11.73
C GLN D 356 2.07 12.23 12.37
N THR D 357 2.63 12.46 13.55
CA THR D 357 3.39 11.47 14.25
C THR D 357 2.46 10.36 14.69
N LYS D 358 1.33 10.73 15.28
CA LYS D 358 0.38 9.74 15.74
C LYS D 358 -0.07 8.92 14.54
N ILE D 359 -0.46 9.60 13.47
CA ILE D 359 -1.02 8.93 12.30
C ILE D 359 -0.02 7.93 11.68
N TYR D 360 1.18 8.41 11.37
CA TYR D 360 2.22 7.57 10.76
C TYR D 360 2.61 6.37 11.60
N THR D 361 3.10 6.66 12.80
CA THR D 361 3.66 5.62 13.67
C THR D 361 2.65 4.53 14.00
N THR D 362 1.40 4.92 14.20
CA THR D 362 0.39 3.92 14.54
C THR D 362 -0.07 3.08 13.35
N ASP D 363 -0.28 3.69 12.18
CA ASP D 363 -0.62 2.91 10.96
C ASP D 363 0.52 1.96 10.57
N VAL D 364 1.73 2.46 10.62
CA VAL D 364 2.89 1.76 10.15
C VAL D 364 3.31 0.60 11.07
N ALA D 365 3.02 0.70 12.38
CA ALA D 365 3.38 -0.37 13.31
C ALA D 365 2.60 -1.65 13.03
N VAL D 366 1.34 -1.47 12.67
CA VAL D 366 0.46 -2.55 12.27
C VAL D 366 1.07 -3.31 11.08
N GLU D 367 1.46 -2.58 10.04
CA GLU D 367 2.06 -3.19 8.85
C GLU D 367 3.30 -3.97 9.23
N CYS D 368 4.07 -3.39 10.15
CA CYS D 368 5.32 -3.96 10.62
C CYS D 368 5.11 -5.31 11.31
N VAL D 369 4.08 -5.40 12.15
CA VAL D 369 3.79 -6.64 12.88
C VAL D 369 3.31 -7.74 11.92
N ILE D 370 2.44 -7.36 10.98
CA ILE D 370 1.88 -8.26 10.00
C ILE D 370 2.95 -8.75 9.00
N ASP D 371 3.82 -7.84 8.54
CA ASP D 371 4.94 -8.23 7.68
C ASP D 371 5.91 -9.20 8.39
N ALA D 372 6.10 -8.99 9.69
CA ALA D 372 6.98 -9.86 10.47
C ALA D 372 6.36 -11.23 10.58
N MET D 373 5.05 -11.28 10.80
CA MET D 373 4.32 -12.55 10.89
C MET D 373 4.40 -13.35 9.56
N LYS D 374 4.28 -12.65 8.42
CA LYS D 374 4.35 -13.23 7.08
C LYS D 374 5.73 -13.83 6.77
N ALA D 375 6.78 -13.10 7.13
CA ALA D 375 8.17 -13.57 7.04
C ALA D 375 8.45 -14.84 7.87
N VAL D 376 7.94 -14.89 9.09
CA VAL D 376 8.10 -16.04 9.97
C VAL D 376 7.25 -17.22 9.52
N GLY D 377 6.05 -16.93 9.00
CA GLY D 377 5.17 -17.94 8.45
C GLY D 377 4.22 -18.54 9.47
N MET D 378 3.82 -19.80 9.24
CA MET D 378 2.82 -20.43 10.07
C MET D 378 3.16 -20.34 11.56
N LYS D 379 4.44 -20.46 11.89
CA LYS D 379 4.88 -20.48 13.29
C LYS D 379 4.48 -19.24 14.11
N SER D 380 4.27 -18.10 13.42
CA SER D 380 3.88 -16.85 14.08
C SER D 380 2.44 -16.84 14.59
N TYR D 381 1.67 -17.87 14.21
CA TYR D 381 0.24 -17.89 14.51
C TYR D 381 -0.07 -18.59 15.82
N ALA D 382 0.95 -19.25 16.39
CA ALA D 382 0.84 -19.97 17.66
C ALA D 382 1.47 -19.21 18.83
N LYS D 383 0.86 -19.37 19.99
CA LYS D 383 1.18 -18.56 21.17
C LYS D 383 2.45 -18.98 21.90
N ASP D 384 3.24 -19.87 21.31
CA ASP D 384 4.59 -20.09 21.81
C ASP D 384 5.56 -19.09 21.16
N MET D 385 5.00 -18.23 20.30
CA MET D 385 5.70 -17.05 19.81
C MET D 385 4.88 -15.85 20.28
N SER D 386 5.49 -14.68 20.26
CA SER D 386 4.76 -13.53 20.81
C SER D 386 3.88 -12.82 19.81
N PHE D 387 3.91 -13.24 18.55
CA PHE D 387 3.12 -12.56 17.51
C PHE D 387 1.61 -12.49 17.76
N PRO D 388 0.97 -13.61 18.19
CA PRO D 388 -0.47 -13.42 18.46
C PRO D 388 -0.75 -12.26 19.43
N ARG D 389 0.11 -12.07 20.44
CA ARG D 389 -0.10 -11.00 21.42
C ARG D 389 0.16 -9.64 20.79
N LEU D 390 1.26 -9.55 20.06
CA LEU D 390 1.64 -8.33 19.35
C LEU D 390 0.61 -7.87 18.31
N LEU D 391 0.07 -8.81 17.55
CA LEU D 391 -0.96 -8.49 16.57
C LEU D 391 -2.15 -7.79 17.22
N ASN D 392 -2.67 -8.37 18.31
CA ASN D 392 -3.80 -7.73 18.99
C ASN D 392 -3.45 -6.39 19.63
N GLU D 393 -2.22 -6.27 20.15
CA GLU D 393 -1.80 -5.07 20.85
C GLU D 393 -1.53 -3.92 19.91
N VAL D 394 -0.92 -4.22 18.77
CA VAL D 394 -0.61 -3.19 17.79
C VAL D 394 -1.85 -2.56 17.16
N MET D 395 -2.95 -3.32 17.06
CA MET D 395 -4.19 -2.79 16.47
C MET D 395 -4.93 -1.76 17.34
N CYS D 396 -4.56 -1.70 18.61
CA CYS D 396 -5.04 -0.65 19.51
C CYS D 396 -4.60 0.73 19.03
N TYR D 397 -3.36 0.81 18.54
CA TYR D 397 -2.71 2.09 18.37
C TYR D 397 -3.35 3.04 17.36
N PRO D 398 -3.73 2.56 16.15
CA PRO D 398 -4.40 3.46 15.19
C PRO D 398 -5.77 3.89 15.66
N LEU D 399 -6.36 3.15 16.60
CA LEU D 399 -7.73 3.40 17.07
C LEU D 399 -7.78 4.26 18.32
N PHE D 400 -6.82 4.06 19.23
CA PHE D 400 -6.88 4.70 20.54
C PHE D 400 -6.22 6.07 20.53
N ASN D 401 -6.16 6.68 21.71
CA ASN D 401 -5.69 8.06 21.90
C ASN D 401 -6.13 8.97 20.77
N GLY D 402 -7.43 8.91 20.45
CA GLY D 402 -8.00 9.62 19.32
C GLY D 402 -7.62 8.91 18.03
N GLY D 403 -8.56 8.20 17.44
CA GLY D 403 -8.30 7.43 16.24
C GLY D 403 -7.87 8.29 15.07
N ASN D 404 -7.14 7.68 14.15
CA ASN D 404 -6.54 8.39 13.02
C ASN D 404 -7.58 8.97 12.05
N ILE D 405 -8.63 8.19 11.75
CA ILE D 405 -9.65 8.60 10.75
C ILE D 405 -10.61 9.69 11.22
N GLY D 406 -11.12 9.55 12.44
CA GLY D 406 -12.14 10.46 12.92
C GLY D 406 -11.57 11.68 13.58
N LEU D 407 -10.44 11.52 14.28
CA LEU D 407 -9.92 12.60 15.08
C LEU D 407 -8.59 13.19 14.59
N ARG D 408 -7.55 12.36 14.47
CA ARG D 408 -6.21 12.95 14.23
C ARG D 408 -6.06 13.56 12.84
N ARG D 409 -6.59 12.86 11.82
CA ARG D 409 -6.58 13.37 10.46
C ARG D 409 -7.36 14.68 10.35
N ARG D 410 -8.48 14.78 11.08
CA ARG D 410 -9.37 15.94 11.07
C ARG D 410 -8.73 17.15 11.74
N GLN D 411 -8.06 16.95 12.87
CA GLN D 411 -7.27 17.99 13.54
C GLN D 411 -6.16 18.50 12.62
N MET D 412 -5.42 17.59 12.00
CA MET D 412 -4.37 17.97 11.06
C MET D 412 -4.92 18.72 9.83
N GLN D 413 -6.00 18.20 9.24
CA GLN D 413 -6.74 18.86 8.17
C GLN D 413 -7.11 20.29 8.53
N ARG D 414 -7.61 20.52 9.75
CA ARG D 414 -8.03 21.86 10.12
C ARG D 414 -6.85 22.83 10.13
N VAL D 415 -5.71 22.36 10.67
CA VAL D 415 -4.47 23.15 10.65
C VAL D 415 -3.97 23.42 9.21
N MET D 416 -3.90 22.40 8.37
CA MET D 416 -3.44 22.61 6.99
C MET D 416 -4.33 23.61 6.24
N ALA D 417 -5.60 23.68 6.64
CA ALA D 417 -6.59 24.54 5.97
C ALA D 417 -6.46 26.01 6.35
N LEU D 418 -5.76 26.30 7.44
CA LEU D 418 -5.56 27.67 7.91
C LEU D 418 -4.77 28.52 6.91
N GLU D 419 -5.23 29.75 6.76
CA GLU D 419 -4.66 30.66 5.79
C GLU D 419 -3.15 30.88 6.03
N ASP D 420 -2.74 30.87 7.30
CA ASP D 420 -1.36 31.13 7.66
C ASP D 420 -0.55 29.87 8.01
N TYR D 421 -0.95 28.75 7.42
CA TYR D 421 -0.27 27.46 7.60
C TYR D 421 1.10 27.46 6.96
N GLU D 422 2.09 27.07 7.76
CA GLU D 422 3.47 26.93 7.28
C GLU D 422 3.92 25.49 7.40
N PRO D 423 3.87 24.74 6.29
CA PRO D 423 4.15 23.31 6.35
C PRO D 423 5.47 22.96 7.03
N TRP D 424 6.54 23.74 6.79
CA TRP D 424 7.87 23.43 7.31
C TRP D 424 8.37 24.31 8.45
N ALA D 425 7.46 25.04 9.10
CA ALA D 425 7.85 25.91 10.22
C ALA D 425 8.64 25.18 11.31
N ALA D 426 8.37 23.89 11.53
CA ALA D 426 9.08 23.12 12.55
C ALA D 426 10.50 22.74 12.12
N THR D 427 10.81 22.91 10.84
CA THR D 427 12.09 22.51 10.29
C THR D 427 12.93 23.74 9.95
N TYR D 428 12.37 24.60 9.12
CA TYR D 428 13.09 25.75 8.62
C TYR D 428 12.74 27.05 9.35
N GLY D 429 11.86 26.97 10.34
CA GLY D 429 11.45 28.15 11.11
C GLY D 429 10.34 28.94 10.44
N SER D 430 9.80 29.91 11.16
CA SER D 430 8.66 30.69 10.68
C SER D 430 9.06 31.97 9.93
N SER D 431 8.36 32.24 8.83
CA SER D 431 8.56 33.43 8.00
C SER D 431 7.49 34.49 8.29
PA FAD E . -12.57 18.34 -10.79
O1A FAD E . -13.88 19.07 -10.71
O2A FAD E . -11.63 18.95 -11.82
O5B FAD E . -11.91 18.32 -9.31
C5B FAD E . -10.56 17.94 -9.22
C4B FAD E . -10.14 17.46 -7.83
O4B FAD E . -10.68 18.24 -6.77
C3B FAD E . -10.63 16.04 -7.60
O3B FAD E . -9.75 15.10 -8.18
C2B FAD E . -10.68 15.98 -6.09
O2B FAD E . -9.42 15.72 -5.55
C1B FAD E . -11.07 17.41 -5.69
N9A FAD E . -12.52 17.51 -5.41
C8A FAD E . -13.39 18.37 -6.01
N7A FAD E . -14.64 18.18 -5.51
C5A FAD E . -14.58 17.20 -4.58
C6A FAD E . -15.55 16.61 -3.74
N6A FAD E . -16.81 17.05 -3.69
N1A FAD E . -15.16 15.61 -2.87
C2A FAD E . -13.84 15.19 -2.82
N3A FAD E . -12.91 15.78 -3.65
C4A FAD E . -13.25 16.77 -4.51
N1 FAD E . -14.47 15.34 -20.19
C2 FAD E . -15.71 15.24 -20.81
O2 FAD E . -16.62 15.87 -20.32
N3 FAD E . -15.89 14.44 -21.92
C4 FAD E . -14.81 13.75 -22.45
O4 FAD E . -14.90 13.01 -23.44
C4X FAD E . -13.57 13.84 -21.83
N5 FAD E . -12.48 13.14 -22.35
C5X FAD E . -11.23 13.30 -21.79
C6 FAD E . -10.16 12.63 -22.36
C7 FAD E . -8.89 12.77 -21.80
C7M FAD E . -7.72 12.02 -22.40
C8 FAD E . -8.71 13.57 -20.68
C8M FAD E . -7.33 13.71 -20.08
C9 FAD E . -9.78 14.25 -20.11
C9A FAD E . -11.06 14.11 -20.65
N10 FAD E . -12.16 14.74 -20.08
C10 FAD E . -13.39 14.64 -20.70
C1' FAD E . -12.13 15.17 -18.61
C2' FAD E . -12.34 14.04 -17.59
O2' FAD E . -13.59 13.40 -17.74
C3' FAD E . -12.16 14.51 -16.12
O3' FAD E . -12.19 13.38 -15.25
C4' FAD E . -13.18 15.57 -15.68
O4' FAD E . -12.75 16.86 -16.04
C5' FAD E . -13.43 15.62 -14.18
O5' FAD E . -12.23 15.94 -13.53
P FAD E . -11.99 15.74 -11.96
O1P FAD E . -12.56 14.38 -11.55
O2P FAD E . -10.52 15.88 -11.61
O3P FAD E . -12.92 16.85 -11.23
O1 N8C F . -14.53 11.57 -19.79
N1 N8C F . -13.56 11.09 -20.35
O2 N8C F . -12.45 11.28 -19.88
C1 N8C F . -13.75 10.28 -21.55
C2 N8C F . -12.41 9.74 -22.03
C3 N8C F . -12.53 8.89 -23.31
C4 N8C F . -13.88 8.18 -23.45
C5 N8C F . -13.88 6.76 -22.86
C6 N8C F . -15.29 6.17 -22.92
C7 N8C F . -15.34 4.65 -23.13
C8 N8C F . -16.63 4.22 -23.80
C1 GOL G . -19.08 12.94 -14.46
O1 GOL G . -18.08 11.96 -14.66
C2 GOL G . -20.24 12.36 -13.64
O2 GOL G . -19.89 11.16 -12.99
C3 GOL G . -21.51 12.23 -14.50
O3 GOL G . -22.21 11.04 -14.23
PA FAD H . 20.47 -3.40 -13.37
O1A FAD H . 21.69 -4.28 -13.34
O2A FAD H . 20.21 -2.67 -14.66
O5B FAD H . 19.26 -4.40 -12.96
C5B FAD H . 17.97 -4.18 -13.52
C4B FAD H . 16.87 -4.83 -12.68
O4B FAD H . 17.07 -6.22 -12.65
C3B FAD H . 16.81 -4.37 -11.23
O3B FAD H . 16.07 -3.17 -11.07
C2B FAD H . 16.16 -5.55 -10.60
O2B FAD H . 14.75 -5.41 -10.76
C1B FAD H . 16.66 -6.75 -11.42
N9A FAD H . 17.80 -7.45 -10.83
C8A FAD H . 19.06 -7.61 -11.39
N7A FAD H . 19.84 -8.33 -10.52
C5A FAD H . 19.12 -8.61 -9.42
C6A FAD H . 19.38 -9.29 -8.23
N6A FAD H . 20.53 -9.92 -8.03
N1A FAD H . 18.38 -9.43 -7.28
C2A FAD H . 17.15 -8.87 -7.48
N3A FAD H . 16.89 -8.20 -8.63
C4A FAD H . 17.83 -8.07 -9.60
N1 FAD H . 25.45 5.25 -13.20
C2 FAD H . 26.73 5.49 -12.75
O2 FAD H . 27.52 4.56 -12.65
N3 FAD H . 27.13 6.76 -12.37
C4 FAD H . 26.25 7.82 -12.48
O4 FAD H . 26.62 8.96 -12.16
C4X FAD H . 24.95 7.59 -12.96
N5 FAD H . 24.02 8.63 -13.08
C5X FAD H . 22.75 8.39 -13.58
C6 FAD H . 21.89 9.47 -13.73
C7 FAD H . 20.61 9.28 -14.24
C7M FAD H . 19.71 10.49 -14.36
C8 FAD H . 20.20 8.01 -14.62
C8M FAD H . 18.80 7.79 -15.16
C9 FAD H . 21.08 6.92 -14.49
C9A FAD H . 22.36 7.11 -13.95
N10 FAD H . 23.27 6.04 -13.78
C10 FAD H . 24.55 6.29 -13.31
C1' FAD H . 22.79 4.61 -13.52
C2' FAD H . 22.11 4.29 -12.20
O2' FAD H . 22.97 4.34 -11.07
C3' FAD H . 21.48 2.89 -12.28
O3' FAD H . 20.77 2.66 -11.09
C4' FAD H . 22.49 1.76 -12.50
O4' FAD H . 22.65 1.60 -13.87
C5' FAD H . 22.02 0.44 -11.94
O5' FAD H . 20.71 0.23 -12.46
P FAD H . 19.80 -0.98 -11.91
O1P FAD H . 19.73 -0.85 -10.42
O2P FAD H . 18.48 -0.94 -12.64
O3P FAD H . 20.60 -2.38 -12.12
O1 N8C I . 22.65 7.42 -10.82
N1 N8C I . 23.63 7.65 -10.12
O2 N8C I . 24.26 6.69 -9.66
C1 N8C I . 24.08 8.99 -9.82
C2 N8C I . 23.05 10.04 -10.25
C3 N8C I . 23.41 11.44 -9.77
C4 N8C I . 24.36 11.43 -8.57
C5 N8C I . 23.63 11.62 -7.23
C6 N8C I . 24.61 11.69 -6.07
C7 N8C I . 24.45 12.94 -5.20
C8 N8C I . 25.64 13.17 -4.29
C1 GOL J . 27.91 0.25 -5.47
O1 GOL J . 28.25 0.33 -4.10
C2 GOL J . 26.40 0.41 -5.63
O2 GOL J . 25.72 -0.72 -5.15
C3 GOL J . 26.08 0.59 -7.11
O3 GOL J . 24.93 1.38 -7.20
PA FAD K . 7.44 -22.65 6.38
O1A FAD K . 8.29 -23.72 5.75
O2A FAD K . 6.95 -23.00 7.79
O5B FAD K . 8.19 -21.23 6.26
C5B FAD K . 7.78 -20.11 6.97
C4B FAD K . 8.32 -18.84 6.33
O4B FAD K . 9.66 -19.02 5.95
C3B FAD K . 7.62 -18.40 5.04
O3B FAD K . 6.45 -17.67 5.29
C2B FAD K . 8.69 -17.54 4.39
O2B FAD K . 8.64 -16.22 4.87
C1B FAD K . 9.99 -18.20 4.84
N9A FAD K . 10.52 -19.08 3.79
C8A FAD K . 10.85 -20.41 3.93
N7A FAD K . 11.30 -20.88 2.74
C5A FAD K . 11.26 -19.85 1.84
C6A FAD K . 11.60 -19.74 0.49
N6A FAD K . 12.05 -20.79 -0.22
N1A FAD K . 11.42 -18.53 -0.17
C2A FAD K . 10.95 -17.43 0.48
N3A FAD K . 10.61 -17.55 1.82
C4A FAD K . 10.78 -18.71 2.49
N1 FAD K . -0.83 -28.34 7.00
C2 FAD K . -1.17 -29.54 6.39
O2 FAD K . -0.32 -30.23 5.85
N3 FAD K . -2.48 -29.97 6.37
C4 FAD K . -3.48 -29.25 6.96
O4 FAD K . -4.65 -29.67 6.93
C4X FAD K . -3.15 -28.04 7.59
N5 FAD K . -4.14 -27.30 8.19
C5X FAD K . -3.85 -26.15 8.89
C6 FAD K . -4.90 -25.49 9.52
C7 FAD K . -4.65 -24.31 10.23
C7M FAD K . -5.81 -23.57 10.90
C8 FAD K . -3.35 -23.84 10.31
C8M FAD K . -3.05 -22.56 11.06
C9 FAD K . -2.30 -24.50 9.66
C9A FAD K . -2.55 -25.68 8.94
N10 FAD K . -1.52 -26.37 8.26
C10 FAD K . -1.82 -27.58 7.63
C1' FAD K . -0.24 -25.63 7.88
C2' FAD K . -0.28 -24.63 6.71
O2' FAD K . -0.55 -25.34 5.52
C3' FAD K . 1.06 -23.90 6.50
O3' FAD K . 0.99 -23.00 5.42
C4' FAD K . 2.25 -24.84 6.26
O4' FAD K . 2.68 -25.24 7.52
C5' FAD K . 3.43 -24.17 5.53
O5' FAD K . 3.84 -23.03 6.25
P FAD K . 4.74 -21.85 5.65
O1P FAD K . 4.21 -21.40 4.32
O2P FAD K . 4.79 -20.71 6.61
O3P FAD K . 6.21 -22.47 5.36
O1 N8C L . -4.02 -25.02 6.04
N1 N8C L . -4.11 -26.01 5.33
O2 N8C L . -3.11 -26.41 4.75
C1 N8C L . -5.38 -26.72 5.14
C2 N8C L . -6.50 -26.18 6.04
C3 N8C L . -7.62 -25.52 5.23
C4 N8C L . -8.31 -26.47 4.24
C5 N8C L . -8.31 -25.85 2.85
C6 N8C L . -9.71 -25.75 2.23
C7 N8C L . -9.93 -26.79 1.15
C8 N8C L . -11.36 -26.79 0.64
C1 GOL M . 2.12 -28.28 -2.09
O1 GOL M . 1.51 -28.40 -3.36
C2 GOL M . 1.79 -26.93 -1.46
O2 GOL M . 2.59 -25.90 -2.01
C3 GOL M . 1.93 -26.98 0.06
O3 GOL M . 1.34 -25.82 0.62
PA FAD N . -15.29 7.73 17.65
O1A FAD N . -16.08 8.99 18.00
O2A FAD N . -15.75 6.53 18.44
O5B FAD N . -15.48 7.48 16.08
C5B FAD N . -15.28 6.18 15.57
C4B FAD N . -15.07 6.27 14.07
O4B FAD N . -16.08 7.06 13.44
C3B FAD N . -13.79 6.94 13.63
O3B FAD N . -12.69 6.05 13.72
C2B FAD N . -14.09 7.29 12.21
O2B FAD N . -13.91 6.12 11.44
C1B FAD N . -15.56 7.68 12.28
N9A FAD N . -15.80 9.13 12.41
C8A FAD N . -16.51 9.74 13.41
N7A FAD N . -16.51 11.09 13.22
C5A FAD N . -15.82 11.32 12.08
C6A FAD N . -15.50 12.49 11.39
N6A FAD N . -15.96 13.66 11.83
N1A FAD N . -14.75 12.41 10.23
C2A FAD N . -14.31 11.18 9.76
N3A FAD N . -14.62 10.03 10.44
C4A FAD N . -15.37 10.10 11.57
N1 FAD N . -10.14 7.56 26.29
C2 FAD N . -9.90 8.62 27.16
O2 FAD N . -10.65 9.58 27.13
N3 FAD N . -8.83 8.62 28.02
C4 FAD N . -7.99 7.53 28.08
O4 FAD N . -7.04 7.52 28.86
C4X FAD N . -8.24 6.44 27.21
N5 FAD N . -7.40 5.34 27.24
C5X FAD N . -7.66 4.24 26.43
C6 FAD N . -6.82 3.13 26.51
C7 FAD N . -7.05 2.02 25.72
C7M FAD N . -6.13 0.81 25.82
C8 FAD N . -8.13 2.04 24.83
C8M FAD N . -8.40 0.85 23.96
C9 FAD N . -8.97 3.15 24.73
C9A FAD N . -8.72 4.26 25.53
N10 FAD N . -9.54 5.41 25.45
C10 FAD N . -9.30 6.47 26.32
C1' FAD N . -10.23 5.73 24.11
C2' FAD N . -9.40 6.30 22.94
O2' FAD N . -8.83 7.58 23.22
C3' FAD N . -10.24 6.43 21.66
O3' FAD N . -9.43 6.89 20.59
C4' FAD N . -11.45 7.35 21.80
O4' FAD N . -12.55 6.66 22.37
C5' FAD N . -11.89 7.94 20.46
O5' FAD N . -12.28 6.89 19.60
P FAD N . -12.49 7.13 18.02
O1P FAD N . -11.26 7.85 17.52
O2P FAD N . -12.82 5.85 17.32
O3P FAD N . -13.74 8.15 17.88
O1 N8C O . -6.45 8.04 24.85
N1 N8C O . -5.87 7.00 25.15
O2 N8C O . -6.11 5.97 24.54
C1 N8C O . -4.92 7.02 26.27
C2 N8C O . -3.81 5.99 26.08
C3 N8C O . -2.66 6.25 27.06
C4 N8C O . -1.39 6.63 26.30
C5 N8C O . -0.95 8.07 26.58
C6 N8C O . 0.54 8.26 26.30
C7 N8C O . 1.05 9.57 26.92
C8 N8C O . 2.45 9.44 27.49
C1 GOL P . -8.60 16.13 21.91
O1 GOL P . -7.66 17.17 21.69
C2 GOL P . -8.29 14.90 21.04
O2 GOL P . -8.67 15.08 19.68
C3 GOL P . -9.03 13.70 21.62
O3 GOL P . -8.44 12.51 21.15
#